data_8CS4
# 
_entry.id   8CS4 
# 
_audit_conform.dict_name       mmcif_pdbx.dic 
_audit_conform.dict_version    5.380 
_audit_conform.dict_location   http://mmcif.pdb.org/dictionaries/ascii/mmcif_pdbx.dic 
# 
loop_
_database_2.database_id 
_database_2.database_code 
_database_2.pdbx_database_accession 
_database_2.pdbx_DOI 
PDB   8CS4         pdb_00008cs4 10.2210/pdb8cs4/pdb 
WWPDB D_1000265364 ?            ?                   
# 
_pdbx_database_related.db_name        PDB 
_pdbx_database_related.details        'Different sticky ends' 
_pdbx_database_related.db_id          7R96 
_pdbx_database_related.content_type   unspecified 
# 
_pdbx_database_status.status_code                     REL 
_pdbx_database_status.status_code_sf                  REL 
_pdbx_database_status.status_code_mr                  ? 
_pdbx_database_status.entry_id                        8CS4 
_pdbx_database_status.recvd_initial_deposition_date   2022-05-12 
_pdbx_database_status.SG_entry                        N 
_pdbx_database_status.deposit_site                    RCSB 
_pdbx_database_status.process_site                    RCSB 
_pdbx_database_status.status_code_cs                  ? 
_pdbx_database_status.status_code_nmr_data            ? 
_pdbx_database_status.methods_development_category    ? 
_pdbx_database_status.pdb_format_compatible           N 
# 
loop_
_audit_author.name 
_audit_author.pdbx_ordinal 
_audit_author.identifier_ORCID 
'Lu, B.'        1 0000-0001-6424-2197 
'Vecchioni, S.' 2 0000-0001-8243-650X 
'Ohayon, Y.P.'  3 0000-0001-7500-4282 
'Seeman, N.C.'  4 0000-0002-9680-4649 
'Mao, C.'       5 0000-0001-7516-8666 
'Sha, R.'       6 0000-0002-0807-734X 
# 
_citation.abstract                  ? 
_citation.abstract_id_CAS           ? 
_citation.book_id_ISBN              ? 
_citation.book_publisher            ? 
_citation.book_publisher_city       ? 
_citation.book_title                ? 
_citation.coordinate_linkage        ? 
_citation.country                   GE 
_citation.database_id_Medline       ? 
_citation.details                   ? 
_citation.id                        primary 
_citation.journal_abbrev            Angew.Chem.Int.Ed.Engl. 
_citation.journal_id_ASTM           ACIEAY 
_citation.journal_id_CSD            0179 
_citation.journal_id_ISSN           1521-3773 
_citation.journal_full              ? 
_citation.journal_issue             ? 
_citation.journal_volume            62 
_citation.language                  ? 
_citation.page_first                e202213451 
_citation.page_last                 e202213451 
_citation.title                     'Programmable 3D Hexagonal Geometry of DNA Tensegrity Triangles.' 
_citation.year                      2023 
_citation.database_id_CSD           ? 
_citation.pdbx_database_id_DOI      10.1002/anie.202213451 
_citation.pdbx_database_id_PubMed   36520622 
_citation.pdbx_database_id_patent   ? 
_citation.unpublished_flag          ? 
# 
loop_
_citation_author.citation_id 
_citation_author.name 
_citation_author.ordinal 
_citation_author.identifier_ORCID 
primary 'Lu, B.'        1 ?                   
primary 'Woloszyn, K.'  2 ?                   
primary 'Ohayon, Y.P.'  3 ?                   
primary 'Yang, B.'      4 ?                   
primary 'Zhang, C.'     5 ?                   
primary 'Mao, C.'       6 ?                   
primary 'Seeman, N.C.'  7 ?                   
primary 'Vecchioni, S.' 8 ?                   
primary 'Sha, R.'       9 0000-0002-0807-734X 
# 
_cell.angle_alpha                  90.000 
_cell.angle_alpha_esd              ? 
_cell.angle_beta                   90.000 
_cell.angle_beta_esd               ? 
_cell.angle_gamma                  120.000 
_cell.angle_gamma_esd              ? 
_cell.entry_id                     8CS4 
_cell.details                      ? 
_cell.formula_units_Z              ? 
_cell.length_a                     122.034 
_cell.length_a_esd                 ? 
_cell.length_b                     122.034 
_cell.length_b_esd                 ? 
_cell.length_c                     58.893 
_cell.length_c_esd                 ? 
_cell.volume                       759549.361 
_cell.volume_esd                   ? 
_cell.Z_PDB                        6 
_cell.reciprocal_angle_alpha       ? 
_cell.reciprocal_angle_beta        ? 
_cell.reciprocal_angle_gamma       ? 
_cell.reciprocal_angle_alpha_esd   ? 
_cell.reciprocal_angle_beta_esd    ? 
_cell.reciprocal_angle_gamma_esd   ? 
_cell.reciprocal_length_a          ? 
_cell.reciprocal_length_b          ? 
_cell.reciprocal_length_c          ? 
_cell.reciprocal_length_a_esd      ? 
_cell.reciprocal_length_b_esd      ? 
_cell.reciprocal_length_c_esd      ? 
_cell.pdbx_unique_axis             ? 
_cell.pdbx_esd_method              ? 
# 
_symmetry.entry_id                         8CS4 
_symmetry.cell_setting                     ? 
_symmetry.Int_Tables_number                173 
_symmetry.space_group_name_Hall            'P 6c' 
_symmetry.space_group_name_H-M             'P 63' 
_symmetry.pdbx_full_space_group_name_H-M   ? 
# 
loop_
_entity.id 
_entity.type 
_entity.src_method 
_entity.pdbx_description 
_entity.formula_weight 
_entity.pdbx_number_of_molecules 
_entity.pdbx_ec 
_entity.pdbx_mutation 
_entity.pdbx_fragment 
_entity.details 
1 polymer syn 
;DNA (5'-D(*AP*GP*CP*CP*AP*GP*CP*CP*TP*GP*TP*AP*CP*GP*GP*AP*CP*AP*TP*CP*A)-3')
;
6417.164 1 ? ? ? ? 
2 polymer syn 
;DNA (5'-D(P*CP*CP*GP*TP*AP*CP*A)-3')
;
2082.400 1 ? ? ? ? 
3 polymer syn 
;DNA (5'-D(P*GP*GP*CP*TP*G)-3')
;
1536.035 1 ? ? ? ? 
4 polymer syn 
;DNA (5'-D(*GP*TP*CP*TP*GP*AP*TP*GP*T)-3')
;
2761.820 1 ? ? ? ? 
# 
loop_
_entity_poly.entity_id 
_entity_poly.type 
_entity_poly.nstd_linkage 
_entity_poly.nstd_monomer 
_entity_poly.pdbx_seq_one_letter_code 
_entity_poly.pdbx_seq_one_letter_code_can 
_entity_poly.pdbx_strand_id 
_entity_poly.pdbx_target_identifier 
1 polydeoxyribonucleotide no no 
;(DA)(DG)(DC)(DC)(DA)(DG)(DC)(DC)(DT)(DG)(DT)(DA)(DC)(DG)(DG)(DA)(DC)(DA)(DT)(DC)
(DA)
;
AGCCAGCCTGTACGGACATCA A ? 
2 polydeoxyribonucleotide no no '(DC)(DC)(DG)(DT)(DA)(DC)(DA)'                                                          CCGTACA B 
? 
3 polydeoxyribonucleotide no no '(DG)(DG)(DC)(DT)(DG)'                                                                  GGCTG C ? 
4 polydeoxyribonucleotide no no '(DG)(DT)(DC)(DT)(DG)(DA)(DT)(DG)(DT)'                                                  GTCTGATGT 
D ? 
# 
loop_
_entity_poly_seq.entity_id 
_entity_poly_seq.num 
_entity_poly_seq.mon_id 
_entity_poly_seq.hetero 
1 1  DA n 
1 2  DG n 
1 3  DC n 
1 4  DC n 
1 5  DA n 
1 6  DG n 
1 7  DC n 
1 8  DC n 
1 9  DT n 
1 10 DG n 
1 11 DT n 
1 12 DA n 
1 13 DC n 
1 14 DG n 
1 15 DG n 
1 16 DA n 
1 17 DC n 
1 18 DA n 
1 19 DT n 
1 20 DC n 
1 21 DA n 
2 1  DC n 
2 2  DC n 
2 3  DG n 
2 4  DT n 
2 5  DA n 
2 6  DC n 
2 7  DA n 
3 1  DG n 
3 2  DG n 
3 3  DC n 
3 4  DT n 
3 5  DG n 
4 1  DG n 
4 2  DT n 
4 3  DC n 
4 4  DT n 
4 5  DG n 
4 6  DA n 
4 7  DT n 
4 8  DG n 
4 9  DT n 
# 
loop_
_pdbx_entity_src_syn.entity_id 
_pdbx_entity_src_syn.pdbx_src_id 
_pdbx_entity_src_syn.pdbx_alt_source_flag 
_pdbx_entity_src_syn.pdbx_beg_seq_num 
_pdbx_entity_src_syn.pdbx_end_seq_num 
_pdbx_entity_src_syn.organism_scientific 
_pdbx_entity_src_syn.organism_common_name 
_pdbx_entity_src_syn.ncbi_taxonomy_id 
_pdbx_entity_src_syn.details 
1 1 sample 1 21 'synthetic construct' ? 32630 ? 
2 1 sample 1 7  'synthetic construct' ? 32630 ? 
3 1 sample 1 5  'synthetic construct' ? 32630 ? 
4 1 sample 1 9  'synthetic construct' ? 32630 ? 
# 
loop_
_struct_ref.id 
_struct_ref.db_name 
_struct_ref.db_code 
_struct_ref.pdbx_db_accession 
_struct_ref.pdbx_db_isoform 
_struct_ref.entity_id 
_struct_ref.pdbx_seq_one_letter_code 
_struct_ref.pdbx_align_begin 
1 PDB 8CS4 8CS4 ? 1 ? 1 
2 PDB 8CS4 8CS4 ? 2 ? 1 
3 PDB 8CS4 8CS4 ? 3 ? 1 
4 PDB 8CS4 8CS4 ? 4 ? 1 
# 
loop_
_struct_ref_seq.align_id 
_struct_ref_seq.ref_id 
_struct_ref_seq.pdbx_PDB_id_code 
_struct_ref_seq.pdbx_strand_id 
_struct_ref_seq.seq_align_beg 
_struct_ref_seq.pdbx_seq_align_beg_ins_code 
_struct_ref_seq.seq_align_end 
_struct_ref_seq.pdbx_seq_align_end_ins_code 
_struct_ref_seq.pdbx_db_accession 
_struct_ref_seq.db_align_beg 
_struct_ref_seq.pdbx_db_align_beg_ins_code 
_struct_ref_seq.db_align_end 
_struct_ref_seq.pdbx_db_align_end_ins_code 
_struct_ref_seq.pdbx_auth_seq_align_beg 
_struct_ref_seq.pdbx_auth_seq_align_end 
1 1 8CS4 A 1 ? 21 ? 8CS4 101 ? 121 ? 101 121 
2 2 8CS4 B 1 ? 7  ? 8CS4 119 ? 125 ? 119 125 
3 3 8CS4 C 1 ? 5  ? 8CS4 209 ? 213 ? 209 213 
4 4 8CS4 D 1 ? 9  ? 8CS4 200 ? 208 ? 200 208 
# 
loop_
_chem_comp.id 
_chem_comp.type 
_chem_comp.mon_nstd_flag 
_chem_comp.name 
_chem_comp.pdbx_synonyms 
_chem_comp.formula 
_chem_comp.formula_weight 
DA 'DNA linking' y "2'-DEOXYADENOSINE-5'-MONOPHOSPHATE" ? 'C10 H14 N5 O6 P' 331.222 
DC 'DNA linking' y "2'-DEOXYCYTIDINE-5'-MONOPHOSPHATE"  ? 'C9 H14 N3 O7 P'  307.197 
DG 'DNA linking' y "2'-DEOXYGUANOSINE-5'-MONOPHOSPHATE" ? 'C10 H14 N5 O7 P' 347.221 
DT 'DNA linking' y "THYMIDINE-5'-MONOPHOSPHATE"         ? 'C10 H15 N2 O8 P' 322.208 
# 
_exptl.absorpt_coefficient_mu     ? 
_exptl.absorpt_correction_T_max   ? 
_exptl.absorpt_correction_T_min   ? 
_exptl.absorpt_correction_type    ? 
_exptl.absorpt_process_details    ? 
_exptl.entry_id                   8CS4 
_exptl.crystals_number            1 
_exptl.details                    ? 
_exptl.method                     'X-RAY DIFFRACTION' 
_exptl.method_details             ? 
# 
_exptl_crystal.colour                       ? 
_exptl_crystal.density_diffrn               ? 
_exptl_crystal.density_Matthews             ? 
_exptl_crystal.density_method               ? 
_exptl_crystal.density_percent_sol          ? 
_exptl_crystal.description                  ? 
_exptl_crystal.F_000                        ? 
_exptl_crystal.id                           1 
_exptl_crystal.preparation                  ? 
_exptl_crystal.size_max                     ? 
_exptl_crystal.size_mid                     ? 
_exptl_crystal.size_min                     ? 
_exptl_crystal.size_rad                     ? 
_exptl_crystal.colour_lustre                ? 
_exptl_crystal.colour_modifier              ? 
_exptl_crystal.colour_primary               ? 
_exptl_crystal.density_meas                 ? 
_exptl_crystal.density_meas_esd             ? 
_exptl_crystal.density_meas_gt              ? 
_exptl_crystal.density_meas_lt              ? 
_exptl_crystal.density_meas_temp            ? 
_exptl_crystal.density_meas_temp_esd        ? 
_exptl_crystal.density_meas_temp_gt         ? 
_exptl_crystal.density_meas_temp_lt         ? 
_exptl_crystal.pdbx_crystal_image_url       ? 
_exptl_crystal.pdbx_crystal_image_format    ? 
_exptl_crystal.pdbx_mosaicity               ? 
_exptl_crystal.pdbx_mosaicity_esd           ? 
_exptl_crystal.pdbx_mosaic_method           ? 
_exptl_crystal.pdbx_mosaic_block_size       ? 
_exptl_crystal.pdbx_mosaic_block_size_esd   ? 
# 
_exptl_crystal_grow.apparatus       ? 
_exptl_crystal_grow.atmosphere      ? 
_exptl_crystal_grow.crystal_id      1 
_exptl_crystal_grow.details         ? 
_exptl_crystal_grow.method          'VAPOR DIFFUSION, HANGING DROP' 
_exptl_crystal_grow.method_ref      ? 
_exptl_crystal_grow.pH              9.5 
_exptl_crystal_grow.pressure        ? 
_exptl_crystal_grow.pressure_esd    ? 
_exptl_crystal_grow.seeding         ? 
_exptl_crystal_grow.seeding_ref     ? 
_exptl_crystal_grow.temp            293 
_exptl_crystal_grow.temp_details    '338-293 at 0.4/hr' 
_exptl_crystal_grow.temp_esd        ? 
_exptl_crystal_grow.time            ? 
_exptl_crystal_grow.pdbx_details    '1.75 M ammonium sulfate, 120 mM Tris, 120 mM Acetic Acid, 6 mM EDTA' 
_exptl_crystal_grow.pdbx_pH_range   ? 
# 
_diffrn.ambient_environment              ? 
_diffrn.ambient_temp                     100 
_diffrn.ambient_temp_details             ? 
_diffrn.ambient_temp_esd                 ? 
_diffrn.crystal_id                       1 
_diffrn.crystal_support                  ? 
_diffrn.crystal_treatment                ? 
_diffrn.details                          ? 
_diffrn.id                               1 
_diffrn.ambient_pressure                 ? 
_diffrn.ambient_pressure_esd             ? 
_diffrn.ambient_pressure_gt              ? 
_diffrn.ambient_pressure_lt              ? 
_diffrn.ambient_temp_gt                  ? 
_diffrn.ambient_temp_lt                  ? 
_diffrn.pdbx_serial_crystal_experiment   N 
# 
_diffrn_detector.details                      ? 
_diffrn_detector.detector                     PIXEL 
_diffrn_detector.diffrn_id                    1 
_diffrn_detector.type                         'DECTRIS EIGER2 X 9M' 
_diffrn_detector.area_resol_mean              ? 
_diffrn_detector.dtime                        ? 
_diffrn_detector.pdbx_frames_total            ? 
_diffrn_detector.pdbx_collection_time_total   ? 
_diffrn_detector.pdbx_collection_date         2021-02-21 
_diffrn_detector.pdbx_frequency               ? 
# 
_diffrn_radiation.collimation                      ? 
_diffrn_radiation.diffrn_id                        1 
_diffrn_radiation.filter_edge                      ? 
_diffrn_radiation.inhomogeneity                    ? 
_diffrn_radiation.monochromator                    ? 
_diffrn_radiation.polarisn_norm                    ? 
_diffrn_radiation.polarisn_ratio                   ? 
_diffrn_radiation.probe                            ? 
_diffrn_radiation.type                             ? 
_diffrn_radiation.xray_symbol                      ? 
_diffrn_radiation.wavelength_id                    1 
_diffrn_radiation.pdbx_monochromatic_or_laue_m_l   M 
_diffrn_radiation.pdbx_wavelength_list             ? 
_diffrn_radiation.pdbx_wavelength                  ? 
_diffrn_radiation.pdbx_diffrn_protocol             'SINGLE WAVELENGTH' 
_diffrn_radiation.pdbx_analyzer                    ? 
_diffrn_radiation.pdbx_scattering_type             x-ray 
# 
_diffrn_radiation_wavelength.id           1 
_diffrn_radiation_wavelength.wavelength   1.00743 
_diffrn_radiation_wavelength.wt           1.0 
# 
_diffrn_source.current                     ? 
_diffrn_source.details                     ? 
_diffrn_source.diffrn_id                   1 
_diffrn_source.power                       ? 
_diffrn_source.size                        ? 
_diffrn_source.source                      SYNCHROTRON 
_diffrn_source.target                      ? 
_diffrn_source.type                        'APS BEAMLINE 17-ID' 
_diffrn_source.voltage                     ? 
_diffrn_source.take-off_angle              ? 
_diffrn_source.pdbx_wavelength_list        1.00743 
_diffrn_source.pdbx_wavelength             ? 
_diffrn_source.pdbx_synchrotron_beamline   17-ID 
_diffrn_source.pdbx_synchrotron_site       APS 
# 
_reflns.B_iso_Wilson_estimate                          467.64 
_reflns.entry_id                                       8CS4 
_reflns.data_reduction_details                         ? 
_reflns.data_reduction_method                          ? 
_reflns.d_resolution_high                              6.03 
_reflns.d_resolution_low                               61.02 
_reflns.details                                        ? 
_reflns.limit_h_max                                    ? 
_reflns.limit_h_min                                    ? 
_reflns.limit_k_max                                    ? 
_reflns.limit_k_min                                    ? 
_reflns.limit_l_max                                    ? 
_reflns.limit_l_min                                    ? 
_reflns.number_all                                     ? 
_reflns.number_obs                                     1132 
_reflns.observed_criterion                             ? 
_reflns.observed_criterion_F_max                       ? 
_reflns.observed_criterion_F_min                       ? 
_reflns.observed_criterion_I_max                       ? 
_reflns.observed_criterion_I_min                       ? 
_reflns.observed_criterion_sigma_F                     ? 
_reflns.observed_criterion_sigma_I                     ? 
_reflns.percent_possible_obs                           88.8 
_reflns.R_free_details                                 ? 
_reflns.Rmerge_F_all                                   ? 
_reflns.Rmerge_F_obs                                   ? 
_reflns.Friedel_coverage                               ? 
_reflns.number_gt                                      ? 
_reflns.threshold_expression                           ? 
_reflns.pdbx_redundancy                                20.0 
_reflns.pdbx_Rmerge_I_obs                              ? 
_reflns.pdbx_Rmerge_I_all                              ? 
_reflns.pdbx_Rsym_value                                ? 
_reflns.pdbx_netI_over_av_sigmaI                       ? 
_reflns.pdbx_netI_over_sigmaI                          15.7 
_reflns.pdbx_res_netI_over_av_sigmaI_2                 ? 
_reflns.pdbx_res_netI_over_sigmaI_2                    ? 
_reflns.pdbx_chi_squared                               ? 
_reflns.pdbx_scaling_rejects                           ? 
_reflns.pdbx_d_res_high_opt                            ? 
_reflns.pdbx_d_res_low_opt                             ? 
_reflns.pdbx_d_res_opt_method                          ? 
_reflns.phase_calculation_details                      ? 
_reflns.pdbx_Rrim_I_all                                ? 
_reflns.pdbx_Rpim_I_all                                ? 
_reflns.pdbx_d_opt                                     ? 
_reflns.pdbx_number_measured_all                       ? 
_reflns.pdbx_diffrn_id                                 1 
_reflns.pdbx_ordinal                                   1 
_reflns.pdbx_CC_half                                   1.000 
_reflns.pdbx_CC_star                                   ? 
_reflns.pdbx_R_split                                   ? 
_reflns.pdbx_aniso_diffraction_limit_axis_1_ortho[1]   ? 
_reflns.pdbx_aniso_diffraction_limit_axis_1_ortho[2]   ? 
_reflns.pdbx_aniso_diffraction_limit_axis_1_ortho[3]   ? 
_reflns.pdbx_aniso_diffraction_limit_axis_2_ortho[1]   ? 
_reflns.pdbx_aniso_diffraction_limit_axis_2_ortho[2]   ? 
_reflns.pdbx_aniso_diffraction_limit_axis_2_ortho[3]   ? 
_reflns.pdbx_aniso_diffraction_limit_axis_3_ortho[1]   ? 
_reflns.pdbx_aniso_diffraction_limit_axis_3_ortho[2]   ? 
_reflns.pdbx_aniso_diffraction_limit_axis_3_ortho[3]   ? 
_reflns.pdbx_aniso_diffraction_limit_1                 ? 
_reflns.pdbx_aniso_diffraction_limit_2                 ? 
_reflns.pdbx_aniso_diffraction_limit_3                 ? 
_reflns.pdbx_aniso_B_tensor_eigenvector_1_ortho[1]     ? 
_reflns.pdbx_aniso_B_tensor_eigenvector_1_ortho[2]     ? 
_reflns.pdbx_aniso_B_tensor_eigenvector_1_ortho[3]     ? 
_reflns.pdbx_aniso_B_tensor_eigenvector_2_ortho[1]     ? 
_reflns.pdbx_aniso_B_tensor_eigenvector_2_ortho[2]     ? 
_reflns.pdbx_aniso_B_tensor_eigenvector_2_ortho[3]     ? 
_reflns.pdbx_aniso_B_tensor_eigenvector_3_ortho[1]     ? 
_reflns.pdbx_aniso_B_tensor_eigenvector_3_ortho[2]     ? 
_reflns.pdbx_aniso_B_tensor_eigenvector_3_ortho[3]     ? 
_reflns.pdbx_aniso_B_tensor_eigenvalue_1               ? 
_reflns.pdbx_aniso_B_tensor_eigenvalue_2               ? 
_reflns.pdbx_aniso_B_tensor_eigenvalue_3               ? 
_reflns.pdbx_orthogonalization_convention              ? 
_reflns.pdbx_percent_possible_ellipsoidal              ? 
_reflns.pdbx_percent_possible_spherical                ? 
_reflns.pdbx_percent_possible_ellipsoidal_anomalous    ? 
_reflns.pdbx_percent_possible_spherical_anomalous      ? 
_reflns.pdbx_redundancy_anomalous                      ? 
_reflns.pdbx_CC_half_anomalous                         ? 
_reflns.pdbx_absDiff_over_sigma_anomalous              ? 
_reflns.pdbx_percent_possible_anomalous                ? 
_reflns.pdbx_observed_signal_threshold                 ? 
_reflns.pdbx_signal_type                               ? 
_reflns.pdbx_signal_details                            ? 
_reflns.pdbx_signal_software_id                        ? 
_reflns.pdbx_CC_split_method                           ? 
# 
_reflns_shell.d_res_high                                    6.03 
_reflns_shell.d_res_low                                     6.73 
_reflns_shell.meanI_over_sigI_all                           ? 
_reflns_shell.meanI_over_sigI_obs                           ? 
_reflns_shell.number_measured_all                           ? 
_reflns_shell.number_measured_obs                           ? 
_reflns_shell.number_possible                               ? 
_reflns_shell.number_unique_all                             ? 
_reflns_shell.number_unique_obs                             190 
_reflns_shell.percent_possible_all                          ? 
_reflns_shell.percent_possible_obs                          ? 
_reflns_shell.Rmerge_F_all                                  ? 
_reflns_shell.Rmerge_F_obs                                  ? 
_reflns_shell.Rmerge_I_all                                  ? 
_reflns_shell.Rmerge_I_obs                                  ? 
_reflns_shell.meanI_over_sigI_gt                            ? 
_reflns_shell.meanI_over_uI_all                             ? 
_reflns_shell.meanI_over_uI_gt                              ? 
_reflns_shell.number_measured_gt                            ? 
_reflns_shell.number_unique_gt                              ? 
_reflns_shell.percent_possible_gt                           ? 
_reflns_shell.Rmerge_F_gt                                   ? 
_reflns_shell.Rmerge_I_gt                                   ? 
_reflns_shell.pdbx_redundancy                               ? 
_reflns_shell.pdbx_Rsym_value                               ? 
_reflns_shell.pdbx_chi_squared                              ? 
_reflns_shell.pdbx_netI_over_sigmaI_all                     ? 
_reflns_shell.pdbx_netI_over_sigmaI_obs                     ? 
_reflns_shell.pdbx_Rrim_I_all                               ? 
_reflns_shell.pdbx_Rpim_I_all                               ? 
_reflns_shell.pdbx_rejects                                  ? 
_reflns_shell.pdbx_ordinal                                  1 
_reflns_shell.pdbx_diffrn_id                                1 
_reflns_shell.pdbx_CC_half                                  0.539 
_reflns_shell.pdbx_CC_star                                  ? 
_reflns_shell.pdbx_R_split                                  ? 
_reflns_shell.pdbx_percent_possible_ellipsoidal             ? 
_reflns_shell.pdbx_percent_possible_spherical               ? 
_reflns_shell.pdbx_percent_possible_ellipsoidal_anomalous   ? 
_reflns_shell.pdbx_percent_possible_spherical_anomalous     ? 
_reflns_shell.pdbx_redundancy_anomalous                     ? 
_reflns_shell.pdbx_CC_half_anomalous                        ? 
_reflns_shell.pdbx_absDiff_over_sigma_anomalous             ? 
_reflns_shell.pdbx_percent_possible_anomalous               ? 
# 
_refine.aniso_B[1][1]                            ? 
_refine.aniso_B[1][2]                            ? 
_refine.aniso_B[1][3]                            ? 
_refine.aniso_B[2][2]                            ? 
_refine.aniso_B[2][3]                            ? 
_refine.aniso_B[3][3]                            ? 
_refine.B_iso_max                                ? 
_refine.B_iso_mean                               528.87 
_refine.B_iso_min                                ? 
_refine.correlation_coeff_Fo_to_Fc               ? 
_refine.correlation_coeff_Fo_to_Fc_free          ? 
_refine.details                                  ? 
_refine.diff_density_max                         ? 
_refine.diff_density_max_esd                     ? 
_refine.diff_density_min                         ? 
_refine.diff_density_min_esd                     ? 
_refine.diff_density_rms                         ? 
_refine.diff_density_rms_esd                     ? 
_refine.entry_id                                 8CS4 
_refine.pdbx_refine_id                           'X-RAY DIFFRACTION' 
_refine.ls_abs_structure_details                 ? 
_refine.ls_abs_structure_Flack                   ? 
_refine.ls_abs_structure_Flack_esd               ? 
_refine.ls_abs_structure_Rogers                  ? 
_refine.ls_abs_structure_Rogers_esd              ? 
_refine.ls_d_res_high                            6.03 
_refine.ls_d_res_low                             61.02 
_refine.ls_extinction_coef                       ? 
_refine.ls_extinction_coef_esd                   ? 
_refine.ls_extinction_expression                 ? 
_refine.ls_extinction_method                     ? 
_refine.ls_goodness_of_fit_all                   ? 
_refine.ls_goodness_of_fit_all_esd               ? 
_refine.ls_goodness_of_fit_obs                   ? 
_refine.ls_goodness_of_fit_obs_esd               ? 
_refine.ls_hydrogen_treatment                    ? 
_refine.ls_matrix_type                           ? 
_refine.ls_number_constraints                    ? 
_refine.ls_number_parameters                     ? 
_refine.ls_number_reflns_all                     ? 
_refine.ls_number_reflns_obs                     1120 
_refine.ls_number_reflns_R_free                  76 
_refine.ls_number_reflns_R_work                  1044 
_refine.ls_number_restraints                     ? 
_refine.ls_percent_reflns_obs                    85.89 
_refine.ls_percent_reflns_R_free                 6.79 
_refine.ls_R_factor_all                          ? 
_refine.ls_R_factor_obs                          0.1955 
_refine.ls_R_factor_R_free                       0.2623 
_refine.ls_R_factor_R_free_error                 ? 
_refine.ls_R_factor_R_free_error_details         ? 
_refine.ls_R_factor_R_work                       0.1911 
_refine.ls_R_Fsqd_factor_obs                     ? 
_refine.ls_R_I_factor_obs                        ? 
_refine.ls_redundancy_reflns_all                 ? 
_refine.ls_redundancy_reflns_obs                 ? 
_refine.ls_restrained_S_all                      ? 
_refine.ls_restrained_S_obs                      ? 
_refine.ls_shift_over_esd_max                    ? 
_refine.ls_shift_over_esd_mean                   ? 
_refine.ls_structure_factor_coef                 ? 
_refine.ls_weighting_details                     ? 
_refine.ls_weighting_scheme                      ? 
_refine.ls_wR_factor_all                         ? 
_refine.ls_wR_factor_obs                         ? 
_refine.ls_wR_factor_R_free                      ? 
_refine.ls_wR_factor_R_work                      ? 
_refine.occupancy_max                            ? 
_refine.occupancy_min                            ? 
_refine.solvent_model_details                    'FLAT BULK SOLVENT MODEL' 
_refine.solvent_model_param_bsol                 ? 
_refine.solvent_model_param_ksol                 ? 
_refine.pdbx_R_complete                          ? 
_refine.ls_R_factor_gt                           ? 
_refine.ls_goodness_of_fit_gt                    ? 
_refine.ls_goodness_of_fit_ref                   ? 
_refine.ls_shift_over_su_max                     ? 
_refine.ls_shift_over_su_max_lt                  ? 
_refine.ls_shift_over_su_mean                    ? 
_refine.ls_shift_over_su_mean_lt                 ? 
_refine.pdbx_ls_sigma_I                          ? 
_refine.pdbx_ls_sigma_F                          1.35 
_refine.pdbx_ls_sigma_Fsqd                       ? 
_refine.pdbx_data_cutoff_high_absF               ? 
_refine.pdbx_data_cutoff_high_rms_absF           ? 
_refine.pdbx_data_cutoff_low_absF                ? 
_refine.pdbx_isotropic_thermal_model             ? 
_refine.pdbx_ls_cross_valid_method               'FREE R-VALUE' 
_refine.pdbx_method_to_determine_struct          'MOLECULAR REPLACEMENT' 
_refine.pdbx_starting_model                      7R96 
_refine.pdbx_stereochemistry_target_values       'GeoStd + Monomer Library + CDL v1.2' 
_refine.pdbx_R_Free_selection_details            ? 
_refine.pdbx_stereochem_target_val_spec_case     ? 
_refine.pdbx_overall_ESU_R                       ? 
_refine.pdbx_overall_ESU_R_Free                  ? 
_refine.pdbx_solvent_vdw_probe_radii             1.1100 
_refine.pdbx_solvent_ion_probe_radii             ? 
_refine.pdbx_solvent_shrinkage_radii             0.9000 
_refine.pdbx_real_space_R                        ? 
_refine.pdbx_density_correlation                 ? 
_refine.pdbx_pd_number_of_powder_patterns        ? 
_refine.pdbx_pd_number_of_points                 ? 
_refine.pdbx_pd_meas_number_of_points            ? 
_refine.pdbx_pd_proc_ls_prof_R_factor            ? 
_refine.pdbx_pd_proc_ls_prof_wR_factor           ? 
_refine.pdbx_pd_Marquardt_correlation_coeff      ? 
_refine.pdbx_pd_Fsqrd_R_factor                   ? 
_refine.pdbx_pd_ls_matrix_band_width             ? 
_refine.pdbx_overall_phase_error                 31.5230 
_refine.pdbx_overall_SU_R_free_Cruickshank_DPI   ? 
_refine.pdbx_overall_SU_R_free_Blow_DPI          ? 
_refine.pdbx_overall_SU_R_Blow_DPI               ? 
_refine.pdbx_TLS_residual_ADP_flag               ? 
_refine.pdbx_diffrn_id                           1 
_refine.overall_SU_B                             ? 
_refine.overall_SU_ML                            0.3864 
_refine.overall_SU_R_Cruickshank_DPI             ? 
_refine.overall_SU_R_free                        ? 
_refine.overall_FOM_free_R_set                   ? 
_refine.overall_FOM_work_R_set                   ? 
_refine.pdbx_average_fsc_overall                 ? 
_refine.pdbx_average_fsc_work                    ? 
_refine.pdbx_average_fsc_free                    ? 
# 
_refine_hist.pdbx_refine_id                   'X-RAY DIFFRACTION' 
_refine_hist.cycle_id                         LAST 
_refine_hist.details                          ? 
_refine_hist.d_res_high                       6.03 
_refine_hist.d_res_low                        61.02 
_refine_hist.number_atoms_solvent             0 
_refine_hist.number_atoms_total               855 
_refine_hist.number_reflns_all                ? 
_refine_hist.number_reflns_obs                ? 
_refine_hist.number_reflns_R_free             ? 
_refine_hist.number_reflns_R_work             ? 
_refine_hist.R_factor_all                     ? 
_refine_hist.R_factor_obs                     ? 
_refine_hist.R_factor_R_free                  ? 
_refine_hist.R_factor_R_work                  ? 
_refine_hist.pdbx_number_residues_total       ? 
_refine_hist.pdbx_B_iso_mean_ligand           ? 
_refine_hist.pdbx_B_iso_mean_solvent          ? 
_refine_hist.pdbx_number_atoms_protein        0 
_refine_hist.pdbx_number_atoms_nucleic_acid   855 
_refine_hist.pdbx_number_atoms_ligand         0 
_refine_hist.pdbx_number_atoms_lipid          ? 
_refine_hist.pdbx_number_atoms_carb           ? 
_refine_hist.pdbx_pseudo_atom_details         ? 
# 
loop_
_refine_ls_restr.pdbx_refine_id 
_refine_ls_restr.criterion 
_refine_ls_restr.dev_ideal 
_refine_ls_restr.dev_ideal_target 
_refine_ls_restr.number 
_refine_ls_restr.rejects 
_refine_ls_restr.type 
_refine_ls_restr.weight 
_refine_ls_restr.pdbx_restraint_function 
'X-RAY DIFFRACTION' ? 0.0188  ? 956  ? f_bond_d           ? ? 
'X-RAY DIFFRACTION' ? 1.5745  ? 1467 ? f_angle_d          ? ? 
'X-RAY DIFFRACTION' ? 0.0960  ? 166  ? f_chiral_restr     ? ? 
'X-RAY DIFFRACTION' ? 0.0123  ? 42   ? f_plane_restr      ? ? 
'X-RAY DIFFRACTION' ? 40.0878 ? 406  ? f_dihedral_angle_d ? ? 
# 
_refine_ls_shell.pdbx_refine_id                   'X-RAY DIFFRACTION' 
_refine_ls_shell.d_res_high                       6.03 
_refine_ls_shell.d_res_low                        61.02 
_refine_ls_shell.number_reflns_all                ? 
_refine_ls_shell.number_reflns_obs                ? 
_refine_ls_shell.number_reflns_R_free             76 
_refine_ls_shell.number_reflns_R_work             1044 
_refine_ls_shell.percent_reflns_obs               85.89 
_refine_ls_shell.percent_reflns_R_free            ? 
_refine_ls_shell.R_factor_all                     ? 
_refine_ls_shell.R_factor_obs                     ? 
_refine_ls_shell.R_factor_R_free                  0.2623 
_refine_ls_shell.R_factor_R_free_error            ? 
_refine_ls_shell.R_factor_R_work                  0.1911 
_refine_ls_shell.redundancy_reflns_all            ? 
_refine_ls_shell.redundancy_reflns_obs            ? 
_refine_ls_shell.wR_factor_all                    ? 
_refine_ls_shell.wR_factor_obs                    ? 
_refine_ls_shell.wR_factor_R_free                 ? 
_refine_ls_shell.wR_factor_R_work                 ? 
_refine_ls_shell.pdbx_R_complete                  ? 
_refine_ls_shell.pdbx_total_number_of_bins_used   ? 
_refine_ls_shell.pdbx_phase_error                 ? 
_refine_ls_shell.pdbx_fsc_work                    ? 
_refine_ls_shell.pdbx_fsc_free                    ? 
# 
_struct.entry_id                     8CS4 
_struct.title                        '[AGC/GTC] Self-Assembled 3D DNA Hexagonal Tensegrity Triangle' 
_struct.pdbx_model_details           ? 
_struct.pdbx_formula_weight          ? 
_struct.pdbx_formula_weight_method   ? 
_struct.pdbx_model_type_details      ? 
_struct.pdbx_CASP_flag               N 
# 
_struct_keywords.entry_id        8CS4 
_struct_keywords.text            'tensegrity triangle, synthetic construct, self-assembly, DNA' 
_struct_keywords.pdbx_keywords   DNA 
# 
loop_
_struct_asym.id 
_struct_asym.pdbx_blank_PDB_chainid_flag 
_struct_asym.pdbx_modified 
_struct_asym.entity_id 
_struct_asym.details 
A N N 1 ? 
B N N 2 ? 
C N N 3 ? 
D N N 4 ? 
# 
loop_
_struct_conn.id 
_struct_conn.conn_type_id 
_struct_conn.pdbx_leaving_atom_flag 
_struct_conn.pdbx_PDB_id 
_struct_conn.ptnr1_label_asym_id 
_struct_conn.ptnr1_label_comp_id 
_struct_conn.ptnr1_label_seq_id 
_struct_conn.ptnr1_label_atom_id 
_struct_conn.pdbx_ptnr1_label_alt_id 
_struct_conn.pdbx_ptnr1_PDB_ins_code 
_struct_conn.pdbx_ptnr1_standard_comp_id 
_struct_conn.ptnr1_symmetry 
_struct_conn.ptnr2_label_asym_id 
_struct_conn.ptnr2_label_comp_id 
_struct_conn.ptnr2_label_seq_id 
_struct_conn.ptnr2_label_atom_id 
_struct_conn.pdbx_ptnr2_label_alt_id 
_struct_conn.pdbx_ptnr2_PDB_ins_code 
_struct_conn.ptnr1_auth_asym_id 
_struct_conn.ptnr1_auth_comp_id 
_struct_conn.ptnr1_auth_seq_id 
_struct_conn.ptnr2_auth_asym_id 
_struct_conn.ptnr2_auth_comp_id 
_struct_conn.ptnr2_auth_seq_id 
_struct_conn.ptnr2_symmetry 
_struct_conn.pdbx_ptnr3_label_atom_id 
_struct_conn.pdbx_ptnr3_label_seq_id 
_struct_conn.pdbx_ptnr3_label_comp_id 
_struct_conn.pdbx_ptnr3_label_asym_id 
_struct_conn.pdbx_ptnr3_label_alt_id 
_struct_conn.pdbx_ptnr3_PDB_ins_code 
_struct_conn.details 
_struct_conn.pdbx_dist_value 
_struct_conn.pdbx_value_order 
_struct_conn.pdbx_role 
hydrog1  hydrog ? ? A DC 4  N3 ? ? ? 1_555 C DG 5 N1 ? ? A DC 104 C DG 213 1_555 ? ? ? ? ? ? WATSON-CRICK            ? ? ? 
hydrog2  hydrog ? ? A DC 4  N4 ? ? ? 1_555 C DG 5 O6 ? ? A DC 104 C DG 213 1_555 ? ? ? ? ? ? WATSON-CRICK            ? ? ? 
hydrog3  hydrog ? ? A DC 4  O2 ? ? ? 1_555 C DG 5 N2 ? ? A DC 104 C DG 213 1_555 ? ? ? ? ? ? WATSON-CRICK            ? ? ? 
hydrog4  hydrog ? ? A DA 5  N1 ? ? ? 1_555 C DT 4 N3 ? ? A DA 105 C DT 212 1_555 ? ? ? ? ? ? WATSON-CRICK            ? ? ? 
hydrog5  hydrog ? ? A DA 5  N6 ? ? ? 1_555 C DT 4 O4 ? ? A DA 105 C DT 212 1_555 ? ? ? ? ? ? WATSON-CRICK            ? ? ? 
hydrog6  hydrog ? ? A DG 6  N1 ? ? ? 1_555 C DC 3 N3 ? ? A DG 106 C DC 211 1_555 ? ? ? ? ? ? WATSON-CRICK            ? ? ? 
hydrog7  hydrog ? ? A DG 6  N2 ? ? ? 1_555 C DC 3 O2 ? ? A DG 106 C DC 211 1_555 ? ? ? ? ? ? WATSON-CRICK            ? ? ? 
hydrog8  hydrog ? ? A DG 6  O6 ? ? ? 1_555 C DC 3 N4 ? ? A DG 106 C DC 211 1_555 ? ? ? ? ? ? WATSON-CRICK            ? ? ? 
hydrog9  hydrog ? ? A DC 7  N3 ? ? ? 1_555 C DG 2 N2 ? ? A DC 107 C DG 210 1_555 ? ? ? ? ? ? 'REVERSED WATSON-CRICK' ? ? ? 
hydrog10 hydrog ? ? A DC 7  O2 ? ? ? 1_555 C DG 2 N1 ? ? A DC 107 C DG 210 1_555 ? ? ? ? ? ? 'REVERSED WATSON-CRICK' ? ? ? 
hydrog11 hydrog ? ? A DC 8  O2 ? ? ? 1_555 C DG 1 N2 ? ? A DC 108 C DG 209 1_555 ? ? ? ? ? ? 'DC-DG PAIR'            ? ? ? 
hydrog12 hydrog ? ? A DT 9  N3 ? ? ? 1_555 B DA 7 N1 ? ? A DT 109 B DA 125 1_555 ? ? ? ? ? ? WATSON-CRICK            ? ? ? 
hydrog13 hydrog ? ? A DT 9  O4 ? ? ? 1_555 B DA 7 N6 ? ? A DT 109 B DA 125 1_555 ? ? ? ? ? ? WATSON-CRICK            ? ? ? 
hydrog14 hydrog ? ? A DG 10 N1 ? ? ? 1_555 B DC 6 N3 ? ? A DG 110 B DC 124 1_555 ? ? ? ? ? ? WATSON-CRICK            ? ? ? 
hydrog15 hydrog ? ? A DG 10 N2 ? ? ? 1_555 B DC 6 O2 ? ? A DG 110 B DC 124 1_555 ? ? ? ? ? ? WATSON-CRICK            ? ? ? 
hydrog16 hydrog ? ? A DG 10 O6 ? ? ? 1_555 B DC 6 N4 ? ? A DG 110 B DC 124 1_555 ? ? ? ? ? ? WATSON-CRICK            ? ? ? 
hydrog17 hydrog ? ? A DT 11 N3 ? ? ? 1_555 B DA 5 N1 ? ? A DT 111 B DA 123 1_555 ? ? ? ? ? ? WATSON-CRICK            ? ? ? 
hydrog18 hydrog ? ? A DT 11 O4 ? ? ? 1_555 B DA 5 N6 ? ? A DT 111 B DA 123 1_555 ? ? ? ? ? ? WATSON-CRICK            ? ? ? 
hydrog19 hydrog ? ? A DA 12 N1 ? ? ? 1_555 B DT 4 N3 ? ? A DA 112 B DT 122 1_555 ? ? ? ? ? ? WATSON-CRICK            ? ? ? 
hydrog20 hydrog ? ? A DA 12 N6 ? ? ? 1_555 B DT 4 O4 ? ? A DA 112 B DT 122 1_555 ? ? ? ? ? ? WATSON-CRICK            ? ? ? 
hydrog21 hydrog ? ? A DC 13 N3 ? ? ? 1_555 B DG 3 N1 ? ? A DC 113 B DG 121 1_555 ? ? ? ? ? ? WATSON-CRICK            ? ? ? 
hydrog22 hydrog ? ? A DC 13 N4 ? ? ? 1_555 B DG 3 O6 ? ? A DC 113 B DG 121 1_555 ? ? ? ? ? ? WATSON-CRICK            ? ? ? 
hydrog23 hydrog ? ? A DC 13 O2 ? ? ? 1_555 B DG 3 N2 ? ? A DC 113 B DG 121 1_555 ? ? ? ? ? ? WATSON-CRICK            ? ? ? 
hydrog24 hydrog ? ? A DG 14 N1 ? ? ? 1_555 B DC 2 N3 ? ? A DG 114 B DC 120 1_555 ? ? ? ? ? ? WATSON-CRICK            ? ? ? 
hydrog25 hydrog ? ? A DG 14 N2 ? ? ? 1_555 B DC 2 O2 ? ? A DG 114 B DC 120 1_555 ? ? ? ? ? ? WATSON-CRICK            ? ? ? 
hydrog26 hydrog ? ? A DG 14 O6 ? ? ? 1_555 B DC 2 N4 ? ? A DG 114 B DC 120 1_555 ? ? ? ? ? ? WATSON-CRICK            ? ? ? 
hydrog27 hydrog ? ? A DG 15 N1 ? ? ? 1_555 B DC 1 N3 ? ? A DG 115 B DC 119 1_555 ? ? ? ? ? ? WATSON-CRICK            ? ? ? 
hydrog28 hydrog ? ? A DG 15 N2 ? ? ? 1_555 B DC 1 O2 ? ? A DG 115 B DC 119 1_555 ? ? ? ? ? ? WATSON-CRICK            ? ? ? 
hydrog29 hydrog ? ? A DG 15 O6 ? ? ? 1_555 B DC 1 N4 ? ? A DG 115 B DC 119 1_555 ? ? ? ? ? ? WATSON-CRICK            ? ? ? 
hydrog30 hydrog ? ? A DA 16 N1 ? ? ? 1_555 D DT 9 N3 ? ? A DA 116 D DT 208 1_555 ? ? ? ? ? ? WATSON-CRICK            ? ? ? 
hydrog31 hydrog ? ? A DA 16 N6 ? ? ? 1_555 D DT 9 O4 ? ? A DA 116 D DT 208 1_555 ? ? ? ? ? ? WATSON-CRICK            ? ? ? 
hydrog32 hydrog ? ? A DC 17 N3 ? ? ? 1_555 D DG 8 N1 ? ? A DC 117 D DG 207 1_555 ? ? ? ? ? ? WATSON-CRICK            ? ? ? 
hydrog33 hydrog ? ? A DC 17 N4 ? ? ? 1_555 D DG 8 O6 ? ? A DC 117 D DG 207 1_555 ? ? ? ? ? ? WATSON-CRICK            ? ? ? 
hydrog34 hydrog ? ? A DC 17 O2 ? ? ? 1_555 D DG 8 N2 ? ? A DC 117 D DG 207 1_555 ? ? ? ? ? ? WATSON-CRICK            ? ? ? 
hydrog35 hydrog ? ? A DA 18 N1 ? ? ? 1_555 D DT 7 N3 ? ? A DA 118 D DT 206 1_555 ? ? ? ? ? ? WATSON-CRICK            ? ? ? 
hydrog36 hydrog ? ? A DA 18 N6 ? ? ? 1_555 D DT 7 O4 ? ? A DA 118 D DT 206 1_555 ? ? ? ? ? ? WATSON-CRICK            ? ? ? 
hydrog37 hydrog ? ? A DT 19 N3 ? ? ? 1_555 D DA 6 N1 ? ? A DT 119 D DA 205 1_555 ? ? ? ? ? ? WATSON-CRICK            ? ? ? 
hydrog38 hydrog ? ? A DT 19 O4 ? ? ? 1_555 D DA 6 N6 ? ? A DT 119 D DA 205 1_555 ? ? ? ? ? ? WATSON-CRICK            ? ? ? 
hydrog39 hydrog ? ? A DC 20 N3 ? ? ? 1_555 D DG 5 N1 ? ? A DC 120 D DG 204 1_555 ? ? ? ? ? ? WATSON-CRICK            ? ? ? 
hydrog40 hydrog ? ? A DC 20 N4 ? ? ? 1_555 D DG 5 O6 ? ? A DC 120 D DG 204 1_555 ? ? ? ? ? ? WATSON-CRICK            ? ? ? 
hydrog41 hydrog ? ? A DC 20 O2 ? ? ? 1_555 D DG 5 N2 ? ? A DC 120 D DG 204 1_555 ? ? ? ? ? ? WATSON-CRICK            ? ? ? 
hydrog42 hydrog ? ? A DA 21 N1 ? ? ? 1_555 D DT 4 N3 ? ? A DA 121 D DT 203 1_555 ? ? ? ? ? ? WATSON-CRICK            ? ? ? 
hydrog43 hydrog ? ? A DA 21 N6 ? ? ? 1_555 D DT 4 O4 ? ? A DA 121 D DT 203 1_555 ? ? ? ? ? ? WATSON-CRICK            ? ? ? 
# 
_struct_conn_type.id          hydrog 
_struct_conn_type.criteria    ? 
_struct_conn_type.reference   ? 
# 
_atom_sites.entry_id                    8CS4 
_atom_sites.Cartn_transf_matrix[1][1]   ? 
_atom_sites.Cartn_transf_matrix[1][2]   ? 
_atom_sites.Cartn_transf_matrix[1][3]   ? 
_atom_sites.Cartn_transf_matrix[2][1]   ? 
_atom_sites.Cartn_transf_matrix[2][2]   ? 
_atom_sites.Cartn_transf_matrix[2][3]   ? 
_atom_sites.Cartn_transf_matrix[3][1]   ? 
_atom_sites.Cartn_transf_matrix[3][2]   ? 
_atom_sites.Cartn_transf_matrix[3][3]   ? 
_atom_sites.Cartn_transf_vector[1]      ? 
_atom_sites.Cartn_transf_vector[2]      ? 
_atom_sites.Cartn_transf_vector[3]      ? 
_atom_sites.fract_transf_matrix[1][1]   -0.00921416 
_atom_sites.fract_transf_matrix[1][2]   0.00164476 
_atom_sites.fract_transf_matrix[1][3]   0.00138495 
_atom_sites.fract_transf_matrix[2][1]   -0.00331028 
_atom_sites.fract_transf_matrix[2][2]   0.00128724 
_atom_sites.fract_transf_matrix[2][3]   0.00877009 
_atom_sites.fract_transf_matrix[3][1]   0.00276868 
_atom_sites.fract_transf_matrix[3][2]   0.01669372 
_atom_sites.fract_transf_matrix[3][3]   -0.00140520 
_atom_sites.fract_transf_vector[1]      -0.266733 
_atom_sites.fract_transf_vector[2]      0.252009 
_atom_sites.fract_transf_vector[3]      0.242722 
_atom_sites.solution_primary            ? 
_atom_sites.solution_secondary          ? 
_atom_sites.solution_hydrogens          ? 
_atom_sites.special_details             ? 
# 
loop_
_atom_type.symbol 
_atom_type.scat_dispersion_real 
_atom_type.scat_dispersion_imag 
_atom_type.scat_Cromer_Mann_a1 
_atom_type.scat_Cromer_Mann_a2 
_atom_type.scat_Cromer_Mann_a3 
_atom_type.scat_Cromer_Mann_a4 
_atom_type.scat_Cromer_Mann_b1 
_atom_type.scat_Cromer_Mann_b2 
_atom_type.scat_Cromer_Mann_b3 
_atom_type.scat_Cromer_Mann_b4 
_atom_type.scat_Cromer_Mann_c 
_atom_type.scat_source 
_atom_type.scat_dispersion_source 
C ? ? 5.96793  ? ? ? 14.89577 ? ? ? 0.0 
;1-Gaussian fit: Grosse-Kunstleve RW, Sauter NK, Adams PD: Newsletter of the IUCr Commission on Crystallographic Computing 2004, 3, 22-31.
;
? 
N ? ? 6.96715  ? ? ? 11.43723 ? ? ? 0.0 
;1-Gaussian fit: Grosse-Kunstleve RW, Sauter NK, Adams PD: Newsletter of the IUCr Commission on Crystallographic Computing 2004, 3, 22-31.
;
? 
O ? ? 7.96527  ? ? ? 9.05267  ? ? ? 0.0 
;1-Gaussian fit: Grosse-Kunstleve RW, Sauter NK, Adams PD: Newsletter of the IUCr Commission on Crystallographic Computing 2004, 3, 22-31.
;
? 
P ? ? 14.90797 ? ? ? 11.91318 ? ? ? 0.0 
;1-Gaussian fit: Grosse-Kunstleve RW, Sauter NK, Adams PD: Newsletter of the IUCr Commission on Crystallographic Computing 2004, 3, 22-31.
;
? 
# 
loop_
_atom_site.group_PDB 
_atom_site.id 
_atom_site.type_symbol 
_atom_site.label_atom_id 
_atom_site.label_alt_id 
_atom_site.label_comp_id 
_atom_site.label_asym_id 
_atom_site.label_entity_id 
_atom_site.label_seq_id 
_atom_site.pdbx_PDB_ins_code 
_atom_site.Cartn_x 
_atom_site.Cartn_y 
_atom_site.Cartn_z 
_atom_site.occupancy 
_atom_site.B_iso_or_equiv 
_atom_site.pdbx_formal_charge 
_atom_site.auth_seq_id 
_atom_site.auth_comp_id 
_atom_site.auth_asym_id 
_atom_site.auth_atom_id 
_atom_site.pdbx_PDB_model_num 
ATOM 1   O "O5'" . DA A 1 1  ? -20.45552 22.29297  16.38860  1.000 1101.72403 ? 101 DA A "O5'" 1 
ATOM 2   C "C5'" . DA A 1 1  ? -20.24323 22.79834  17.70832  1.000 1102.24886 ? 101 DA A "C5'" 1 
ATOM 3   C "C4'" . DA A 1 1  ? -21.53993 22.80974  18.50879  1.000 1112.23308 ? 101 DA A "C4'" 1 
ATOM 4   O "O4'" . DA A 1 1  ? -22.53979 23.55568  17.78536  1.000 1122.76348 ? 101 DA A "O4'" 1 
ATOM 5   C "C3'" . DA A 1 1  ? -22.16762 21.44474  18.76082  1.000 1111.80496 ? 101 DA A "C3'" 1 
ATOM 6   O "O3'" . DA A 1 1  ? -21.65682 20.88788  19.97716  1.000 1106.17927 ? 101 DA A "O3'" 1 
ATOM 7   C "C2'" . DA A 1 1  ? -23.65199 21.76954  18.89130  1.000 1124.60358 ? 101 DA A "C2'" 1 
ATOM 8   C "C1'" . DA A 1 1  ? -23.82730 23.05147  18.08439  1.000 1130.95733 ? 101 DA A "C1'" 1 
ATOM 9   N N9    . DA A 1 1  ? -24.55062 22.88579  16.82837  1.000 399.05392  ? 101 DA A N9    1 
ATOM 10  C C8    . DA A 1 1  ? -24.49256 23.73175  15.76809  1.000 401.80844  ? 101 DA A C8    1 
ATOM 11  N N7    . DA A 1 1  ? -25.22818 23.37112  14.75109  1.000 405.90195  ? 101 DA A N7    1 
ATOM 12  C C5    . DA A 1 1  ? -25.80960 22.19868  15.15319  1.000 405.83286  ? 101 DA A C5    1 
ATOM 13  C C6    . DA A 1 1  ? -26.68620 21.33098  14.49897  1.000 409.23797  ? 101 DA A C6    1 
ATOM 14  N N6    . DA A 1 1  ? -27.14977 21.55759  13.25544  1.000 413.62810  ? 101 DA A N6    1 
ATOM 15  N N1    . DA A 1 1  ? -27.10143 20.24316  15.17423  1.000 408.47627  ? 101 DA A N1    1 
ATOM 16  C C2    . DA A 1 1  ? -26.63868 20.04154  16.41715  1.000 404.28967  ? 101 DA A C2    1 
ATOM 17  N N3    . DA A 1 1  ? -25.80028 20.78677  17.13504  1.000 400.66560  ? 101 DA A N3    1 
ATOM 18  C C4    . DA A 1 1  ? -25.41202 21.86441  16.43956  1.000 401.64159  ? 101 DA A C4    1 
ATOM 19  P P     . DG A 1 2  ? -22.51304 19.82225  20.83157  1.000 1135.75629 ? 102 DG A P     1 
ATOM 20  O OP1   . DG A 1 2  ? -23.55493 20.54454  21.59954  1.000 1146.82827 ? 102 DG A OP1   1 
ATOM 21  O OP2   . DG A 1 2  ? -21.54715 18.98908  21.57550  1.000 1125.78191 ? 102 DG A OP2   1 
ATOM 22  O "O5'" . DG A 1 2  ? -23.18189 18.87345  19.73620  1.000 1137.17269 ? 102 DG A "O5'" 1 
ATOM 23  C "C5'" . DG A 1 2  ? -24.39237 18.22179  20.03691  1.000 1144.22079 ? 102 DG A "C5'" 1 
ATOM 24  C "C4'" . DG A 1 2  ? -24.48778 16.89862  19.31004  1.000 1140.34541 ? 102 DG A "C4'" 1 
ATOM 25  O "O4'" . DG A 1 2  ? -24.74636 17.11735  17.89781  1.000 1142.76685 ? 102 DG A "O4'" 1 
ATOM 26  C "C3'" . DG A 1 2  ? -23.24975 16.02610  19.39491  1.000 1128.51286 ? 102 DG A "C3'" 1 
ATOM 27  O "O3'" . DG A 1 2  ? -23.66373 14.68796  19.57114  1.000 1127.71721 ? 102 DG A "O3'" 1 
ATOM 28  C "C2'" . DG A 1 2  ? -22.53952 16.26611  18.05052  1.000 1124.05694 ? 102 DG A "C2'" 1 
ATOM 29  C "C1'" . DG A 1 2  ? -23.69251 16.60232  17.10389  1.000 1133.29503 ? 102 DG A "C1'" 1 
ATOM 30  N N9    . DG A 1 2  ? -23.35027 17.60981  16.09213  1.000 397.28881  ? 102 DG A N9    1 
ATOM 31  C C8    . DG A 1 2  ? -22.43721 18.64203  16.22679  1.000 393.90374  ? 102 DG A C8    1 
ATOM 32  N N7    . DG A 1 2  ? -22.31647 19.39244  15.14981  1.000 395.41520  ? 102 DG A N7    1 
ATOM 33  C C5    . DG A 1 2  ? -23.20201 18.82363  14.23040  1.000 400.01031  ? 102 DG A C5    1 
ATOM 34  C C6    . DG A 1 2  ? -23.49987 19.20649  12.88640  1.000 403.43827  ? 102 DG A C6    1 
ATOM 35  O O6    . DG A 1 2  ? -23.00453 20.15014  12.21795  1.000 402.93025  ? 102 DG A O6    1 
ATOM 36  N N1    . DG A 1 2  ? -24.45408 18.33898  12.30691  1.000 407.67701  ? 102 DG A N1    1 
ATOM 37  C C2    . DG A 1 2  ? -25.05026 17.24784  12.94281  1.000 408.63431  ? 102 DG A C2    1 
ATOM 38  N N2    . DG A 1 2  ? -25.95689 16.54529  12.22181  1.000 413.22293  ? 102 DG A N2    1 
ATOM 39  N N3    . DG A 1 2  ? -24.78324 16.88731  14.20623  1.000 405.53844  ? 102 DG A N3    1 
ATOM 40  C C4    . DG A 1 2  ? -23.85908 17.72094  14.79361  1.000 401.32582  ? 102 DG A C4    1 
ATOM 41  P P     . DC A 1 3  ? -22.62306 13.47426  19.46712  1.000 972.48575  ? 103 DC A P     1 
ATOM 42  O OP1   . DC A 1 3  ? -23.05840 12.41699  20.40451  1.000 972.96423  ? 103 DC A OP1   1 
ATOM 43  O OP2   . DC A 1 3  ? -21.25910 14.01474  19.62011  1.000 964.49856  ? 103 DC A OP2   1 
ATOM 44  O "O5'" . DC A 1 3  ? -22.81192 12.96992  17.96740  1.000 972.71964  ? 103 DC A "O5'" 1 
ATOM 45  C "C5'" . DC A 1 3  ? -24.11847 12.89168  17.41771  1.000 981.55996  ? 103 DC A "C5'" 1 
ATOM 46  C "C4'" . DC A 1 3  ? -24.05395 12.40881  15.99355  1.000 980.15031  ? 103 DC A "C4'" 1 
ATOM 47  O "O4'" . DC A 1 3  ? -24.03334 13.54701  15.09970  1.000 982.78212  ? 103 DC A "O4'" 1 
ATOM 48  C "C3'" . DC A 1 3  ? -22.80053 11.58883  15.66500  1.000 970.13245  ? 103 DC A "C3'" 1 
ATOM 49  O "O3'" . DC A 1 3  ? -23.12617 10.19246  15.38117  1.000 969.72679  ? 103 DC A "O3'" 1 
ATOM 50  C "C2'" . DC A 1 3  ? -22.16799 12.30779  14.46693  1.000 967.75409  ? 103 DC A "C2'" 1 
ATOM 51  C "C1'" . DC A 1 3  ? -23.29405 13.20055  13.95658  1.000 977.14631  ? 103 DC A "C1'" 1 
ATOM 52  N N1    . DC A 1 3  ? -22.79286 14.45200  13.30782  1.000 243.00731  ? 103 DC A N1    1 
ATOM 53  C C2    . DC A 1 3  ? -23.17228 14.77683  11.98328  1.000 246.62490  ? 103 DC A C2    1 
ATOM 54  O O2    . DC A 1 3  ? -23.94187 14.01207  11.33885  1.000 250.15795  ? 103 DC A O2    1 
ATOM 55  N N3    . DC A 1 3  ? -22.67361 15.95091  11.43948  1.000 246.27577  ? 103 DC A N3    1 
ATOM 56  C C4    . DC A 1 3  ? -21.82605 16.75026  12.18827  1.000 242.43789  ? 103 DC A C4    1 
ATOM 57  N N4    . DC A 1 3  ? -21.34883 17.91364  11.64883  1.000 242.41771  ? 103 DC A N4    1 
ATOM 58  C C5    . DC A 1 3  ? -21.43731 16.39886  13.51125  1.000 238.65400  ? 103 DC A C5    1 
ATOM 59  C C6    . DC A 1 3  ? -21.94368 15.26585  14.03077  1.000 239.12037  ? 103 DC A C6    1 
ATOM 60  P P     . DC A 1 4  ? -23.86247 9.72904   14.02266  1.000 489.88955  ? 104 DC A P     1 
ATOM 61  O OP1   . DC A 1 4  ? -24.96267 10.67389  13.73765  1.000 523.50151  ? 104 DC A OP1   1 
ATOM 62  O OP2   . DC A 1 4  ? -24.24392 8.31200   14.23991  1.000 486.87737  ? 104 DC A OP2   1 
ATOM 63  O "O5'" . DC A 1 4  ? -22.71527 9.79894   12.88112  1.000 464.72934  ? 104 DC A "O5'" 1 
ATOM 64  C "C5'" . DC A 1 4  ? -23.02858 10.31280  11.56467  1.000 469.92082  ? 104 DC A "C5'" 1 
ATOM 65  C "C4'" . DC A 1 4  ? -21.78545 10.45222  10.65661  1.000 443.07714  ? 104 DC A "C4'" 1 
ATOM 66  O "O4'" . DC A 1 4  ? -21.14940 11.75346  10.82906  1.000 441.61232  ? 104 DC A "O4'" 1 
ATOM 67  C "C3'" . DC A 1 4  ? -20.67013 9.43355   10.88115  1.000 414.29097  ? 104 DC A "C3'" 1 
ATOM 68  O "O3'" . DC A 1 4  ? -20.71533 8.22583   9.89363   1.000 403.67769  ? 104 DC A "O3'" 1 
ATOM 69  C "C2'" . DC A 1 4  ? -19.34055 10.29030  10.83086  1.000 395.59203  ? 104 DC A "C2'" 1 
ATOM 70  C "C1'" . DC A 1 4  ? -19.83243 11.66333  10.33679  1.000 415.55499  ? 104 DC A "C1'" 1 
ATOM 71  N N1    . DC A 1 4  ? -19.04547 12.91622  10.79720  1.000 411.23790  ? 104 DC A N1    1 
ATOM 72  C C2    . DC A 1 4  ? -18.75198 13.97524  9.87489   1.000 414.25043  ? 104 DC A C2    1 
ATOM 73  O O2    . DC A 1 4  ? -19.06999 13.87265  8.68309   1.000 422.64838  ? 104 DC A O2    1 
ATOM 74  N N3    . DC A 1 4  ? -18.09085 15.07869  10.31897  1.000 412.17782  ? 104 DC A N3    1 
ATOM 75  C C4    . DC A 1 4  ? -17.74788 15.17156  11.59706  1.000 404.24396  ? 104 DC A C4    1 
ATOM 76  N N4    . DC A 1 4  ? -17.10012 16.28620  11.98575  1.000 404.09956  ? 104 DC A N4    1 
ATOM 77  C C5    . DC A 1 4  ? -18.04781 14.12933  12.54372  1.000 402.97945  ? 104 DC A C5    1 
ATOM 78  C C6    . DC A 1 4  ? -18.69833 13.04197  12.10605  1.000 407.38735  ? 104 DC A C6    1 
ATOM 79  P P     . DA A 1 5  ? -21.72398 8.06267   8.61131   1.000 522.94096  ? 105 DA A P     1 
ATOM 80  O OP1   . DA A 1 5  ? -23.12697 8.47423   8.88278   1.000 551.27575  ? 105 DA A OP1   1 
ATOM 81  O OP2   . DA A 1 5  ? -21.51727 6.68033   8.09377   1.000 503.31216  ? 105 DA A OP2   1 
ATOM 82  O "O5'" . DA A 1 5  ? -21.08263 9.03043   7.48845   1.000 518.20796  ? 105 DA A "O5'" 1 
ATOM 83  C "C5'" . DA A 1 5  ? -21.92179 9.68012   6.48010   1.000 529.23666  ? 105 DA A "C5'" 1 
ATOM 84  C "C4'" . DA A 1 5  ? -21.09678 10.25438  5.30641   1.000 510.71232  ? 105 DA A "C4'" 1 
ATOM 85  O "O4'" . DA A 1 5  ? -20.24543 11.35929  5.73974   1.000 502.65179  ? 105 DA A "O4'" 1 
ATOM 86  C "C3'" . DA A 1 5  ? -20.18138 9.26855   4.56403   1.000 485.64923  ? 105 DA A "C3'" 1 
ATOM 87  O "O3'" . DA A 1 5  ? -20.31940 9.46145   3.11567   1.000 482.67436  ? 105 DA A "O3'" 1 
ATOM 88  C "C2'" . DA A 1 5  ? -18.77664 9.63018   5.06968   1.000 464.91739  ? 105 DA A "C2'" 1 
ATOM 89  C "C1'" . DA A 1 5  ? -18.89463 11.12681  5.36530   1.000 475.39629  ? 105 DA A "C1'" 1 
ATOM 90  N N9    . DA A 1 5  ? -18.04848 11.58403  6.47132   1.000 467.46060  ? 105 DA A N9    1 
ATOM 91  C C8    . DA A 1 5  ? -17.98085 11.04692  7.73019   1.000 467.80503  ? 105 DA A C8    1 
ATOM 92  N N7    . DA A 1 5  ? -17.16740 11.67571  8.53939   1.000 459.53446  ? 105 DA A N7    1 
ATOM 93  C C5    . DA A 1 5  ? -16.65673 12.69709  7.75899   1.000 453.91580  ? 105 DA A C5    1 
ATOM 94  C C6    . DA A 1 5  ? -15.73982 13.71461  8.04375   1.000 444.71559  ? 105 DA A C6    1 
ATOM 95  N N6    . DA A 1 5  ? -15.16206 13.84810  9.23657   1.000 437.92889  ? 105 DA A N6    1 
ATOM 96  N N1    . DA A 1 5  ? -15.43133 14.58551  7.04918   1.000 441.97828  ? 105 DA A N1    1 
ATOM 97  C C2    . DA A 1 5  ? -16.01417 14.41913  5.84245   1.000 447.80231  ? 105 DA A C2    1 
ATOM 98  N N3    . DA A 1 5  ? -16.91747 13.50229  5.46457   1.000 455.81069  ? 105 DA A N3    1 
ATOM 99  C C4    . DA A 1 5  ? -17.20372 12.67112  6.48560   1.000 458.83789  ? 105 DA A C4    1 
ATOM 100 P P     . DG A 1 6  ? -19.32111 8.74887   2.05082   1.000 693.54553  ? 106 DG A P     1 
ATOM 101 O OP1   . DG A 1 6  ? -20.10866 8.51835   0.81535   1.000 701.78668  ? 106 DG A OP1   1 
ATOM 102 O OP2   . DG A 1 6  ? -18.64503 7.59615   2.70589   1.000 681.61682  ? 106 DG A OP2   1 
ATOM 103 O "O5'" . DG A 1 6  ? -18.21626 9.87928   1.70846   1.000 675.23562  ? 106 DG A "O5'" 1 
ATOM 104 C "C5'" . DG A 1 6  ? -18.61124 11.21351  1.29114   1.000 682.51325  ? 106 DG A "C5'" 1 
ATOM 105 C "C4'" . DG A 1 6  ? -17.39251 12.12616  1.10051   1.000 665.86312  ? 106 DG A "C4'" 1 
ATOM 106 O "O4'" . DG A 1 6  ? -16.85474 12.53890  2.39541   1.000 664.93943  ? 106 DG A "O4'" 1 
ATOM 107 C "C3'" . DG A 1 6  ? -16.21871 11.49700  0.34936   1.000 639.44565  ? 106 DG A "C3'" 1 
ATOM 108 O "O3'" . DG A 1 6  ? -15.57976 12.46961  -0.47542  1.000 631.63967  ? 106 DG A "O3'" 1 
ATOM 109 C "C2'" . DG A 1 6  ? -15.30526 11.03790  1.48001   1.000 626.82731  ? 106 DG A "C2'" 1 
ATOM 110 C "C1'" . DG A 1 6  ? -15.48457 12.16145  2.48795   1.000 640.27907  ? 106 DG A "C1'" 1 
ATOM 111 N N9    . DG A 1 6  ? -15.19553 11.75494  3.86982   1.000 638.70150  ? 106 DG A N9    1 
ATOM 112 C C8    . DG A 1 6  ? -15.80881 10.74857  4.55967   1.000 647.74924  ? 106 DG A C8    1 
ATOM 113 N N7    . DG A 1 6  ? -15.36598 10.59110  5.77896   1.000 644.63643  ? 106 DG A N7    1 
ATOM 114 C C5    . DG A 1 6  ? -14.37301 11.54885  5.91106   1.000 632.63051  ? 106 DG A C5    1 
ATOM 115 C C6    . DG A 1 6  ? -13.53239 11.85151  7.02029   1.000 624.05605  ? 106 DG A C6    1 
ATOM 116 O O6    . DG A 1 6  ? -13.51060 11.32971  8.14723   1.000 624.81316  ? 106 DG A O6    1 
ATOM 117 N N1    . DG A 1 6  ? -12.67816 12.91532  6.74545   1.000 613.59563  ? 106 DG A N1    1 
ATOM 118 C C2    . DG A 1 6  ? -12.60684 13.57350  5.54349   1.000 611.78613  ? 106 DG A C2    1 
ATOM 119 N N2    . DG A 1 6  ? -11.69242 14.55900  5.46977   1.000 601.55370  ? 106 DG A N2    1 
ATOM 120 N N3    . DG A 1 6  ? -13.39569 13.31112  4.49710   1.000 619.67412  ? 106 DG A N3    1 
ATOM 121 C C4    . DG A 1 6  ? -14.23971 12.27481  4.74143   1.000 629.29732  ? 106 DG A C4    1 
ATOM 122 P P     . DC A 1 7  ? -14.30668 12.06131  -1.36746  1.000 546.88712  ? 107 DC A P     1 
ATOM 123 O OP1   . DC A 1 7  ? -14.09156 13.10819  -2.38799  1.000 546.78619  ? 107 DC A OP1   1 
ATOM 124 O OP2   . DC A 1 7  ? -14.47979 10.65440  -1.79057  1.000 540.85970  ? 107 DC A OP2   1 
ATOM 125 O "O5'" . DC A 1 7  ? -13.08834 12.10185  -0.34332  1.000 530.33574  ? 107 DC A "O5'" 1 
ATOM 126 C "C5'" . DC A 1 7  ? -12.82191 13.26717  0.41281   1.000 534.69380  ? 107 DC A "C5'" 1 
ATOM 127 C "C4'" . DC A 1 7  ? -11.73580 12.99052  1.44621   1.000 515.94572  ? 107 DC A "C4'" 1 
ATOM 128 O "O4'" . DC A 1 7  ? -12.26324 12.17635  2.51614   1.000 523.29297  ? 107 DC A "O4'" 1 
ATOM 129 C "C3'" . DC A 1 7  ? -10.49585 12.24349  0.92300   1.000 491.40460  ? 107 DC A "C3'" 1 
ATOM 130 O "O3'" . DC A 1 7  ? -9.32035  13.08377  1.06983   1.000 475.40532  ? 107 DC A "O3'" 1 
ATOM 131 C "C2'" . DC A 1 7  ? -10.42698 10.95661  1.80677   1.000 487.27069  ? 107 DC A "C2'" 1 
ATOM 132 C "C1'" . DC A 1 7  ? -11.22152 11.39129  3.03801   1.000 503.21503  ? 107 DC A "C1'" 1 
ATOM 133 N N1    . DC A 1 7  ? -11.83977 10.28347  3.94838   1.000 511.66786  ? 107 DC A N1    1 
ATOM 134 C C2    . DC A 1 7  ? -11.33740 10.07486  5.24894   1.000 508.23226  ? 107 DC A C2    1 
ATOM 135 O O2    . DC A 1 7  ? -10.32216 10.64604  5.57056   1.000 496.98097  ? 107 DC A O2    1 
ATOM 136 N N3    . DC A 1 7  ? -11.89291 9.12070   6.04131   1.000 516.13936  ? 107 DC A N3    1 
ATOM 137 C C4    . DC A 1 7  ? -12.95805 8.44686   5.62062   1.000 527.85737  ? 107 DC A C4    1 
ATOM 138 N N4    . DC A 1 7  ? -13.48910 7.53768   6.44991   1.000 536.09349  ? 107 DC A N4    1 
ATOM 139 C C5    . DC A 1 7  ? -13.52054 8.66923   4.32137   1.000 531.90330  ? 107 DC A C5    1 
ATOM 140 C C6    . DC A 1 7  ? -12.94336 9.59681   3.53312   1.000 523.21532  ? 107 DC A C6    1 
ATOM 141 P P     . DC A 1 8  ? -8.98913  14.26746  0.01738   1.000 448.15201  ? 108 DC A P     1 
ATOM 142 O OP1   . DC A 1 8  ? -10.24400 14.97194  -0.39102  1.000 469.27545  ? 108 DC A OP1   1 
ATOM 143 O OP2   . DC A 1 8  ? -8.10550  13.66321  -1.01849  1.000 428.23936  ? 108 DC A OP2   1 
ATOM 144 O "O5'" . DC A 1 8  ? -8.02528  15.24588  0.85956   1.000 443.14041  ? 108 DC A "O5'" 1 
ATOM 145 C "C5'" . DC A 1 8  ? -6.62241  14.92164  1.00682   1.000 421.24370  ? 108 DC A "C5'" 1 
ATOM 146 C "C4'" . DC A 1 8  ? -6.01117  15.61901  2.22288   1.000 417.83316  ? 108 DC A "C4'" 1 
ATOM 147 O "O4'" . DC A 1 8  ? -7.03004  15.76525  3.26132   1.000 436.34219  ? 108 DC A "O4'" 1 
ATOM 148 C "C3'" . DC A 1 8  ? -4.86770  14.85937  2.90691   1.000 396.20782  ? 108 DC A "C3'" 1 
ATOM 149 O "O3'" . DC A 1 8  ? -3.59861  15.22530  2.35528   1.000 378.84566  ? 108 DC A "O3'" 1 
ATOM 150 C "C2'" . DC A 1 8  ? -5.01330  15.32234  4.35342   1.000 402.71300  ? 108 DC A "C2'" 1 
ATOM 151 C "C1'" . DC A 1 8  ? -6.52058  15.28322  4.49986   1.000 428.08294  ? 108 DC A "C1'" 1 
ATOM 152 N N1    . DC A 1 8  ? -7.03340  13.89510  4.73455   1.000 430.72551  ? 108 DC A N1    1 
ATOM 153 C C2    . DC A 1 8  ? -6.75377  13.24023  5.93924   1.000 426.05278  ? 108 DC A C2    1 
ATOM 154 O O2    . DC A 1 8  ? -6.08496  13.81353  6.81617   1.000 418.90658  ? 108 DC A O2    1 
ATOM 155 N N3    . DC A 1 8  ? -7.21336  11.98492  6.11024   1.000 430.02732  ? 108 DC A N3    1 
ATOM 156 C C4    . DC A 1 8  ? -7.89835  11.39299  5.15266   1.000 436.62730  ? 108 DC A C4    1 
ATOM 157 N N4    . DC A 1 8  ? -8.32581  10.15420  5.37385   1.000 440.69868  ? 108 DC A N4    1 
ATOM 158 C C5    . DC A 1 8  ? -8.20268  12.04147  3.93747   1.000 441.01927  ? 108 DC A C5    1 
ATOM 159 C C6    . DC A 1 8  ? -7.75258  13.26935  3.76673   1.000 438.10714  ? 108 DC A C6    1 
ATOM 160 P P     . DT A 1 9  ? -2.44003  14.11829  2.17893   1.000 507.59156  ? 109 DT A P     1 
ATOM 161 O OP1   . DT A 1 9  ? -1.26406  14.77001  1.54178   1.000 493.17899  ? 109 DT A OP1   1 
ATOM 162 O OP2   . DT A 1 9  ? -3.07954  12.88193  1.65065   1.000 509.70526  ? 109 DT A OP2   1 
ATOM 163 O "O5'" . DT A 1 9  ? -1.98647  13.80600  3.66225   1.000 502.70430  ? 109 DT A "O5'" 1 
ATOM 164 C "C5'" . DT A 1 9  ? -1.64024  14.86241  4.50821   1.000 501.63778  ? 109 DT A "C5'" 1 
ATOM 165 C "C4'" . DT A 1 9  ? -1.75339  14.39702  5.92446   1.000 503.62132  ? 109 DT A "C4'" 1 
ATOM 166 O "O4'" . DT A 1 9  ? -3.03773  13.75012  6.08408   1.000 519.84731  ? 109 DT A "O4'" 1 
ATOM 167 C "C3'" . DT A 1 9  ? -0.73261  13.34057  6.27850   1.000 484.76255  ? 109 DT A "C3'" 1 
ATOM 168 O "O3'" . DT A 1 9  ? 0.46562   13.95915  6.79336   1.000 472.18185  ? 109 DT A "O3'" 1 
ATOM 169 C "C2'" . DT A 1 9  ? -1.45275  12.51525  7.35151   1.000 492.64671  ? 109 DT A "C2'" 1 
ATOM 170 C "C1'" . DT A 1 9  ? -2.93535  12.70360  7.01454   1.000 516.65879  ? 109 DT A "C1'" 1 
ATOM 171 N N1    . DT A 1 9  ? -3.63383  11.48874  6.47321   1.000 524.48290  ? 109 DT A N1    1 
ATOM 172 C C2    . DT A 1 9  ? -3.69073  10.36691  7.24701   1.000 524.82089  ? 109 DT A C2    1 
ATOM 173 O O2    . DT A 1 9  ? -3.19972  10.29419  8.35503   1.000 517.73285  ? 109 DT A O2    1 
ATOM 174 N N3    . DT A 1 9  ? -4.37594  9.33177   6.70336   1.000 533.15694  ? 109 DT A N3    1 
ATOM 175 C C4    . DT A 1 9  ? -4.99728  9.29989   5.47125   1.000 539.89743  ? 109 DT A C4    1 
ATOM 176 O O4    . DT A 1 9  ? -5.58952  8.31440   5.07352   1.000 546.49199  ? 109 DT A O4    1 
ATOM 177 C C5    . DT A 1 9  ? -4.89940  10.50209  4.69399   1.000 537.67123  ? 109 DT A C5    1 
ATOM 178 C C7    . DT A 1 9  ? -5.51086  10.56332  3.32496   1.000 542.40576  ? 109 DT A C7    1 
ATOM 179 C C6    . DT A 1 9  ? -4.23169  11.53453  5.22616   1.000 530.62087  ? 109 DT A C6    1 
ATOM 180 P P     . DG A 1 10 ? 1.72688   14.30824  5.84605   1.000 387.64962  ? 110 DG A P     1 
ATOM 181 O OP1   . DG A 1 10 ? 2.80619   14.73114  6.77843   1.000 373.26040  ? 110 DG A OP1   1 
ATOM 182 O OP2   . DG A 1 10 ? 1.35908   15.11599  4.66145   1.000 397.23757  ? 110 DG A OP2   1 
ATOM 183 O "O5'" . DG A 1 10 ? 2.18249   12.92028  5.27686   1.000 376.49472  ? 110 DG A "O5'" 1 
ATOM 184 C "C5'" . DG A 1 10 ? 3.29543   12.37767  5.80000   1.000 357.75637  ? 110 DG A "C5'" 1 
ATOM 185 C "C4'" . DG A 1 10 ? 2.93085   11.53775  6.97152   1.000 356.84017  ? 110 DG A "C4'" 1 
ATOM 186 O "O4'" . DG A 1 10 ? 1.51362   11.27368  6.95097   1.000 374.34276  ? 110 DG A "O4'" 1 
ATOM 187 C "C3'" . DG A 1 10 ? 3.57514   10.19955  6.89670   1.000 343.62512  ? 110 DG A "C3'" 1 
ATOM 188 O "O3'" . DG A 1 10 ? 3.87713   9.77406   8.12023   1.000 334.90957  ? 110 DG A "O3'" 1 
ATOM 189 C "C2'" . DG A 1 10 ? 2.53960   9.32614   6.27491   1.000 355.21809  ? 110 DG A "C2'" 1 
ATOM 190 C "C1'" . DG A 1 10 ? 1.31849   9.88829   6.87904   1.000 372.49387  ? 110 DG A "C1'" 1 
ATOM 191 N N9    . DG A 1 10 ? 0.17028   9.58352   6.08857   1.000 388.70051  ? 110 DG A N9    1 
ATOM 192 C C8    . DG A 1 10 ? -0.46862  10.34256  5.14959   1.000 397.94991  ? 110 DG A C8    1 
ATOM 193 N N7    . DG A 1 10 ? -1.50070  9.74068   4.62398   1.000 412.18830  ? 110 DG A N7    1 
ATOM 194 C C5    . DG A 1 10 ? -1.49421  8.50228   5.24032   1.000 413.05953  ? 110 DG A C5    1 
ATOM 195 C C6    . DG A 1 10 ? -2.34372  7.38149   5.09702   1.000 425.81608  ? 110 DG A C6    1 
ATOM 196 O O6    . DG A 1 10 ? -3.33502  7.22752   4.36243   1.000 439.10681  ? 110 DG A O6    1 
ATOM 197 N N1    . DG A 1 10 ? -1.94451  6.34321   5.93765   1.000 421.16344  ? 110 DG A N1    1 
ATOM 198 C C2    . DG A 1 10 ? -0.86212  6.38908   6.79290   1.000 405.05922  ? 110 DG A C2    1 
ATOM 199 N N2    . DG A 1 10 ? -0.61571  5.30576   7.53110   1.000 401.08573  ? 110 DG A N2    1 
ATOM 200 N N3    . DG A 1 10 ? -0.07870  7.41465   6.91957   1.000 392.79379  ? 110 DG A N3    1 
ATOM 201 C C4    . DG A 1 10 ? -0.44821  8.41538   6.12787   1.000 398.19228  ? 110 DG A C4    1 
ATOM 202 P P     . DT A 1 11 ? 5.42807   9.61089   8.44218   1.000 398.90983  ? 111 DT A P     1 
ATOM 203 O OP1   . DT A 1 11 ? 5.63053   9.52724   9.89709   1.000 397.84685  ? 111 DT A OP1   1 
ATOM 204 O OP2   . DT A 1 11 ? 6.10513   10.65055  7.63794   1.000 395.73044  ? 111 DT A OP2   1 
ATOM 205 O "O5'" . DT A 1 11 ? 5.75397   8.20251   7.83044   1.000 390.74254  ? 111 DT A "O5'" 1 
ATOM 206 C "C5'" . DT A 1 11 ? 4.69693   7.36873   7.64408   1.000 396.40946  ? 111 DT A "C5'" 1 
ATOM 207 C "C4'" . DT A 1 11 ? 4.76366   6.19873   8.53142   1.000 395.89222  ? 111 DT A "C4'" 1 
ATOM 208 O "O4'" . DT A 1 11 ? 3.49835   5.51080   8.39796   1.000 412.61080  ? 111 DT A "O4'" 1 
ATOM 209 C "C3'" . DT A 1 11 ? 5.78286   5.23856   7.99229   1.000 386.80415  ? 111 DT A "C3'" 1 
ATOM 210 O "O3'" . DT A 1 11 ? 6.15192   4.19229   8.90349   1.000 383.98690  ? 111 DT A "O3'" 1 
ATOM 211 C "C2'" . DT A 1 11 ? 5.02329   4.72878   6.81055   1.000 397.93397  ? 111 DT A "C2'" 1 
ATOM 212 C "C1'" . DT A 1 11 ? 3.63554   4.53356   7.38920   1.000 414.36667  ? 111 DT A "C1'" 1 
ATOM 213 N N1    . DT A 1 11 ? 2.63044   4.75857   6.39890   1.000 430.39805  ? 111 DT A N1    1 
ATOM 214 C C2    . DT A 1 11 ? 1.65259   3.83786   6.23381   1.000 443.23017  ? 111 DT A C2    1 
ATOM 215 O O2    . DT A 1 11 ? 1.55595   2.83977   6.91643   1.000 441.70212  ? 111 DT A O2    1 
ATOM 216 N N3    . DT A 1 11 ? 0.76244   4.14117   5.26209   1.000 457.25553  ? 111 DT A N3    1 
ATOM 217 C C4    . DT A 1 11 ? 0.78300   5.23817   4.43453   1.000 458.40986  ? 111 DT A C4    1 
ATOM 218 O O4    . DT A 1 11 ? -0.05747  5.42962   3.58148   1.000 470.03019  ? 111 DT A O4    1 
ATOM 219 C C5    . DT A 1 11 ? 1.85284   6.14914   4.64804   1.000 444.38132  ? 111 DT A C5    1 
ATOM 220 C C7    . DT A 1 11 ? 1.96484   7.36536   3.79653   1.000 443.87136  ? 111 DT A C7    1 
ATOM 221 C C6    . DT A 1 11 ? 2.72743   5.86360   5.59567   1.000 431.63808  ? 111 DT A C6    1 
ATOM 222 P P     . DA A 1 12 ? 7.69808   3.72885   8.94135   1.000 384.48651  ? 112 DA A P     1 
ATOM 223 O OP1   . DA A 1 12 ? 8.27538   4.13959   10.22615  1.000 375.93749  ? 112 DA A OP1   1 
ATOM 224 O OP2   . DA A 1 12 ? 8.38729   4.30445   7.76383   1.000 377.65258  ? 112 DA A OP2   1 
ATOM 225 O "O5'" . DA A 1 12 ? 7.63669   2.12592   8.86380   1.000 394.34340  ? 112 DA A "O5'" 1 
ATOM 226 C "C5'" . DA A 1 12 ? 6.69525   1.37958   9.68316   1.000 401.65962  ? 112 DA A "C5'" 1 
ATOM 227 C "C4'" . DA A 1 12 ? 6.28446   0.15171   8.93982   1.000 406.09250  ? 112 DA A "C4'" 1 
ATOM 228 O "O4'" . DA A 1 12 ? 5.09075   0.47748   8.18915   1.000 416.83186  ? 112 DA A "O4'" 1 
ATOM 229 C "C3'" . DA A 1 12 ? 7.34835   -0.24281  7.92753   1.000 397.66644  ? 112 DA A "C3'" 1 
ATOM 230 O "O3'" . DA A 1 12 ? 8.04896   -1.41650  8.29308   1.000 394.24848  ? 112 DA A "O3'" 1 
ATOM 231 C "C2'" . DA A 1 12 ? 6.62477   -0.43158  6.63325   1.000 406.48811  ? 112 DA A "C2'" 1 
ATOM 232 C "C1'" . DA A 1 12 ? 5.16507   -0.06925  6.89334   1.000 419.27134  ? 112 DA A "C1'" 1 
ATOM 233 N N9    . DA A 1 12 ? 4.75817   0.91336   5.90257   1.000 425.33500  ? 112 DA A N9    1 
ATOM 234 C C8    . DA A 1 12 ? 5.41957   2.04944   5.63870   1.000 414.83221  ? 112 DA A C8    1 
ATOM 235 N N7    . DA A 1 12 ? 4.93515   2.75095   4.64731   1.000 422.62518  ? 112 DA A N7    1 
ATOM 236 C C5    . DA A 1 12 ? 3.92157   1.99708   4.17741   1.000 439.32922  ? 112 DA A C5    1 
ATOM 237 C C6    . DA A 1 12 ? 3.04086   2.20894   3.12852   1.000 452.79375  ? 112 DA A C6    1 
ATOM 238 N N6    . DA A 1 12 ? 3.06665   3.29626   2.36171   1.000 451.10366  ? 112 DA A N6    1 
ATOM 239 N N1    . DA A 1 12 ? 2.14307   1.26899   2.89378   1.000 467.57680  ? 112 DA A N1    1 
ATOM 240 C C2    . DA A 1 12 ? 2.13579   0.17915   3.66779   1.000 469.37225  ? 112 DA A C2    1 
ATOM 241 N N3    . DA A 1 12 ? 2.92377   -0.13670  4.69838   1.000 457.16673  ? 112 DA A N3    1 
ATOM 242 C C4    . DA A 1 12 ? 3.80434   0.82487   4.90609   1.000 442.02357  ? 112 DA A C4    1 
ATOM 243 P P     . DC A 1 13 ? 7.30348   -2.82977  8.51315   1.000 377.08015  ? 113 DC A P     1 
ATOM 244 O OP1   . DC A 1 13 ? 6.72304   -2.81300  9.85754   1.000 381.93090  ? 113 DC A OP1   1 
ATOM 245 O OP2   . DC A 1 13 ? 8.21988   -3.87796  8.02857   1.000 373.89981  ? 113 DC A OP2   1 
ATOM 246 O "O5'" . DC A 1 13 ? 6.06253   -2.89914  7.51263   1.000 388.93773  ? 113 DC A "O5'" 1 
ATOM 247 C "C5'" . DC A 1 13 ? 4.74812   -3.26273  7.98029   1.000 402.44706  ? 113 DC A "C5'" 1 
ATOM 248 C "C4'" . DC A 1 13 ? 4.20016   -4.42760  7.17811   1.000 416.32874  ? 113 DC A "C4'" 1 
ATOM 249 O "O4'" . DC A 1 13 ? 3.60733   -3.97464  5.93262   1.000 427.12832  ? 113 DC A "O4'" 1 
ATOM 250 C "C3'" . DC A 1 13 ? 5.24175   -5.42538  6.76945   1.000 410.76947  ? 113 DC A "C3'" 1 
ATOM 251 O "O3'" . DC A 1 13 ? 4.66916   -6.65395  6.67228   1.000 423.66206  ? 113 DC A "O3'" 1 
ATOM 252 C "C2'" . DC A 1 13 ? 5.68030   -4.92735  5.41290   1.000 409.54421  ? 113 DC A "C2'" 1 
ATOM 253 C "C1'" . DC A 1 13 ? 4.36848   -4.43750  4.82349   1.000 424.69128  ? 113 DC A "C1'" 1 
ATOM 254 N N1    . DC A 1 13 ? 4.61828   -3.28365  3.98627   1.000 420.19141  ? 113 DC A N1    1 
ATOM 255 C C2    . DC A 1 13 ? 3.92156   -3.03427  2.80546   1.000 432.76490  ? 113 DC A C2    1 
ATOM 256 O O2    . DC A 1 13 ? 3.05432   -3.80925  2.41135   1.000 447.74544  ? 113 DC A O2    1 
ATOM 257 N N3    . DC A 1 13 ? 4.24801   -1.93036  2.10208   1.000 427.49878  ? 113 DC A N3    1 
ATOM 258 C C4    . DC A 1 13 ? 5.14218   -1.07389  2.55085   1.000 411.45690  ? 113 DC A C4    1 
ATOM 259 N N4    . DC A 1 13 ? 5.41285   0.00092   1.81343   1.000 407.22554  ? 113 DC A N4    1 
ATOM 260 C C5    . DC A 1 13 ? 5.85759   -1.31571  3.73360   1.000 398.59367  ? 113 DC A C5    1 
ATOM 261 C C6    . DC A 1 13 ? 5.55602   -2.41535  4.41365   1.000 402.94933  ? 113 DC A C6    1 
ATOM 262 P P     . DG A 1 14 ? 5.53649   -7.90242  7.14316   1.000 521.02975  ? 114 DG A P     1 
ATOM 263 O OP1   . DG A 1 14 ? 5.81984   -7.75581  8.59467   1.000 508.48046  ? 114 DG A OP1   1 
ATOM 264 O OP2   . DG A 1 14 ? 6.69899   -7.96558  6.22189   1.000 519.04806  ? 114 DG A OP2   1 
ATOM 265 O "O5'" . DG A 1 14 ? 4.53676   -9.12585  6.90465   1.000 537.32591  ? 114 DG A "O5'" 1 
ATOM 266 C "C5'" . DG A 1 14 ? 4.58087   -9.85172  5.68861   1.000 544.87112  ? 114 DG A "C5'" 1 
ATOM 267 C "C4'" . DG A 1 14 ? 3.19483   -10.04675 5.09775   1.000 565.67540  ? 114 DG A "C4'" 1 
ATOM 268 O "O4'" . DG A 1 14 ? 2.70508   -8.79725  4.52745   1.000 567.71622  ? 114 DG A "O4'" 1 
ATOM 269 C "C3'" . DG A 1 14 ? 3.15615   -11.02923 3.95599   1.000 581.03033  ? 114 DG A "C3'" 1 
ATOM 270 O "O3'" . DG A 1 14 ? 1.87392   -11.57669 3.83494   1.000 598.03138  ? 114 DG A "O3'" 1 
ATOM 271 C "C2'" . DG A 1 14 ? 3.50596   -10.14753 2.76300   1.000 581.55425  ? 114 DG A "C2'" 1 
ATOM 272 C "C1'" . DG A 1 14 ? 2.93685   -8.77506  3.12668   1.000 575.05361  ? 114 DG A "C1'" 1 
ATOM 273 N N9    . DG A 1 14 ? 3.91991   -7.76693  2.88287   1.000 562.68644  ? 114 DG A N9    1 
ATOM 274 C C8    . DG A 1 14 ? 5.08973   -7.68728  3.54737   1.000 548.41496  ? 114 DG A C8    1 
ATOM 275 N N7    . DG A 1 14 ? 5.85733   -6.76075  3.15351   1.000 540.65454  ? 114 DG A N7    1 
ATOM 276 C C5    . DG A 1 14 ? 5.16546   -6.15403  2.15510   1.000 548.87447  ? 114 DG A C5    1 
ATOM 277 C C6    . DG A 1 14 ? 5.55358   -5.08098  1.40083   1.000 544.67105  ? 114 DG A C6    1 
ATOM 278 O O6    . DG A 1 14 ? 6.61020   -4.45462  1.50400   1.000 533.72768  ? 114 DG A O6    1 
ATOM 279 N N1    . DG A 1 14 ? 4.59947   -4.74515  0.46474   1.000 553.89138  ? 114 DG A N1    1 
ATOM 280 C C2    . DG A 1 14 ? 3.39576   -5.39107  0.27330   1.000 566.41217  ? 114 DG A C2    1 
ATOM 281 N N2    . DG A 1 14 ? 2.61855   -4.88096  -0.70180  1.000 572.46699  ? 114 DG A N2    1 
ATOM 282 N N3    . DG A 1 14 ? 2.99796   -6.43993  1.01426   1.000 571.90246  ? 114 DG A N3    1 
ATOM 283 C C4    . DG A 1 14 ? 3.95313   -6.76271  1.93752   1.000 562.30103  ? 114 DG A C4    1 
ATOM 284 P P     . DG A 1 15 ? 1.27102   -11.89441 2.38195   1.000 541.29303  ? 115 DG A P     1 
ATOM 285 O OP1   . DG A 1 15 ? 0.03507   -12.66490 2.60166   1.000 549.86961  ? 115 DG A OP1   1 
ATOM 286 O OP2   . DG A 1 15 ? 2.34637   -12.49938 1.55594   1.000 542.73397  ? 115 DG A OP2   1 
ATOM 287 O "O5'" . DG A 1 15 ? 0.78127   -10.45858 1.84699   1.000 539.66865  ? 115 DG A "O5'" 1 
ATOM 288 C "C5'" . DG A 1 15 ? 0.08399   -10.33992 0.62509   1.000 549.99623  ? 115 DG A "C5'" 1 
ATOM 289 C "C4'" . DG A 1 15 ? 1.04734   -10.08268 -0.51314  1.000 547.64628  ? 115 DG A "C4'" 1 
ATOM 290 O "O4'" . DG A 1 15 ? 2.24187   -9.44634  -0.01712  1.000 531.43776  ? 115 DG A "O4'" 1 
ATOM 291 C "C3'" . DG A 1 15 ? 1.56222   -11.34181 -1.21934  1.000 560.09272  ? 115 DG A "C3'" 1 
ATOM 292 O "O3'" . DG A 1 15 ? 0.74978   -11.72032 -2.35930  1.000 573.63419  ? 115 DG A "O3'" 1 
ATOM 293 C "C2'" . DG A 1 15 ? 2.99862   -10.98040 -1.63170  1.000 549.31392  ? 115 DG A "C2'" 1 
ATOM 294 C "C1'" . DG A 1 15 ? 3.18957   -9.57820  -1.03916  1.000 532.62949  ? 115 DG A "C1'" 1 
ATOM 295 N N9    . DG A 1 15 ? 4.54685   -9.33959  -0.55816  1.000 518.26671  ? 115 DG A N9    1 
ATOM 296 C C8    . DG A 1 15 ? 5.32150   -10.15646 0.23161   1.000 514.01002  ? 115 DG A C8    1 
ATOM 297 N N7    . DG A 1 15 ? 6.52594   -9.69101  0.43492   1.000 499.14266  ? 115 DG A N7    1 
ATOM 298 C C5    . DG A 1 15 ? 6.55688   -8.51608  -0.30134  1.000 494.57945  ? 115 DG A C5    1 
ATOM 299 C C6    . DG A 1 15 ? 7.59350   -7.57168  -0.48680  1.000 480.40526  ? 115 DG A C6    1 
ATOM 300 O O6    . DG A 1 15 ? 8.73178   -7.56768  -0.02664  1.000 468.39350  ? 115 DG A O6    1 
ATOM 301 N N1    . DG A 1 15 ? 7.19994   -6.53101  -1.30639  1.000 480.54384  ? 115 DG A N1    1 
ATOM 302 C C2    . DG A 1 15 ? 5.96964   -6.39604  -1.87165  1.000 491.88200  ? 115 DG A C2    1 
ATOM 303 N N2    . DG A 1 15 ? 5.80246   -5.31645  -2.65475  1.000 489.30325  ? 115 DG A N2    1 
ATOM 304 N N3    . DG A 1 15 ? 4.98310   -7.26657  -1.71398  1.000 504.74697  ? 115 DG A N3    1 
ATOM 305 C C4    . DG A 1 15 ? 5.34869   -8.29768  -0.91884  1.000 505.82819  ? 115 DG A C4    1 
ATOM 306 P P     . DA A 1 16 ? -0.13832  -10.66564 -3.19292  1.000 515.07680  ? 116 DA A P     1 
ATOM 307 O OP1   . DA A 1 16 ? -1.25526  -10.20401 -2.33792  1.000 512.27218  ? 116 DA A OP1   1 
ATOM 308 O OP2   . DA A 1 16 ? -0.47644  -11.37112 -4.44849  1.000 532.05520  ? 116 DA A OP2   1 
ATOM 309 O "O5'" . DA A 1 16 ? 0.86098   -9.45463  -3.56049  1.000 501.27795  ? 116 DA A "O5'" 1 
ATOM 310 C "C5'" . DA A 1 16 ? 0.36373   -8.09723  -3.59855  1.000 496.68109  ? 116 DA A "C5'" 1 
ATOM 311 C "C4'" . DA A 1 16 ? 0.66552   -7.39221  -4.92754  1.000 493.54977  ? 116 DA A "C4'" 1 
ATOM 312 O "O4'" . DA A 1 16 ? 2.00419   -6.83339  -4.91812  1.000 478.91182  ? 116 DA A "O4'" 1 
ATOM 313 C "C3'" . DA A 1 16 ? 0.62097   -8.25823  -6.17055  1.000 509.37246  ? 116 DA A "C3'" 1 
ATOM 314 O "O3'" . DA A 1 16 ? 0.35975   -7.44634  -7.28934  1.000 511.51896  ? 116 DA A "O3'" 1 
ATOM 315 C "C2'" . DA A 1 16 ? 2.04007   -8.78518  -6.22463  1.000 506.47027  ? 116 DA A "C2'" 1 
ATOM 316 C "C1'" . DA A 1 16 ? 2.82435   -7.54713  -5.82643  1.000 486.92620  ? 116 DA A "C1'" 1 
ATOM 317 N N9    . DA A 1 16 ? 4.03309   -7.88169  -5.12986  1.000 480.38441  ? 116 DA A N9    1 
ATOM 318 C C8    . DA A 1 16 ? 4.16554   -8.83948  -4.17743  1.000 482.38184  ? 116 DA A C8    1 
ATOM 319 N N7    . DA A 1 16 ? 5.37317   -8.94257  -3.69989  1.000 474.89755  ? 116 DA A N7    1 
ATOM 320 C C5    . DA A 1 16 ? 6.08480   -7.96872  -4.37507  1.000 467.47619  ? 116 DA A C5    1 
ATOM 321 C C6    . DA A 1 16 ? 7.43220   -7.56065  -4.29915  1.000 457.31863  ? 116 DA A C6    1 
ATOM 322 N N6    . DA A 1 16 ? 8.32303   -8.12884  -3.46385  1.000 451.99970  ? 116 DA A N6    1 
ATOM 323 N N1    . DA A 1 16 ? 7.82509   -6.55343  -5.11862  1.000 452.63434  ? 116 DA A N1    1 
ATOM 324 C C2    . DA A 1 16 ? 6.91174   -5.99407  -5.94947  1.000 457.54891  ? 116 DA A C2    1 
ATOM 325 N N3    . DA A 1 16 ? 5.61295   -6.29443  -6.09200  1.000 466.45627  ? 116 DA A N3    1 
ATOM 326 C C4    . DA A 1 16 ? 5.26575   -7.29653  -5.26669  1.000 471.05744  ? 116 DA A C4    1 
ATOM 327 P P     . DC A 1 17 ? 0.45433   -8.06954  -8.76161  1.000 720.21181  ? 117 DC A P     1 
ATOM 328 O OP1   . DC A 1 17 ? -0.30451  -7.19670  -9.68052  1.000 723.92832  ? 117 DC A OP1   1 
ATOM 329 O OP2   . DC A 1 17 ? 0.09160   -9.50178  -8.65041  1.000 734.85769  ? 117 DC A OP2   1 
ATOM 330 O "O5'" . DC A 1 17 ? 1.99989   -7.93120  -9.12945  1.000 716.59053  ? 117 DC A "O5'" 1 
ATOM 331 C "C5'" . DC A 1 17 ? 2.58170   -6.65323  -9.21679  1.000 700.78809  ? 117 DC A "C5'" 1 
ATOM 332 C "C4'" . DC A 1 17 ? 4.06434   -6.75964  -9.50209  1.000 701.27331  ? 117 DC A "C4'" 1 
ATOM 333 O "O4'" . DC A 1 17 ? 4.74558   -7.36867  -8.37951  1.000 693.34574  ? 117 DC A "O4'" 1 
ATOM 334 C "C3'" . DC A 1 17 ? 4.45833   -7.62636  -10.71815 1.000 724.31995  ? 117 DC A "C3'" 1 
ATOM 335 O "O3'" . DC A 1 17 ? 5.56923   -7.01827  -11.38098 1.000 725.46263  ? 117 DC A "O3'" 1 
ATOM 336 C "C2'" . DC A 1 17 ? 4.92258   -8.91690  -10.03962 1.000 729.14236  ? 117 DC A "C2'" 1 
ATOM 337 C "C1'" . DC A 1 17 ? 5.68220   -8.25021  -8.92861  1.000 706.96576  ? 117 DC A "C1'" 1 
ATOM 338 N N1    . DC A 1 17 ? 6.27950   -9.10377  -7.87533  1.000 703.67300  ? 117 DC A N1    1 
ATOM 339 C C2    . DC A 1 17 ? 7.63789   -8.92386  -7.60433  1.000 694.35947  ? 117 DC A C2    1 
ATOM 340 O O2    . DC A 1 17 ? 8.26392   -8.09330  -8.27348  1.000 690.03217  ? 117 DC A O2    1 
ATOM 341 N N3    . DC A 1 17 ? 8.22822   -9.65144  -6.63508  1.000 690.24966  ? 117 DC A N3    1 
ATOM 342 C C4    . DC A 1 17 ? 7.50608   -10.53126 -5.94543  1.000 695.91227  ? 117 DC A C4    1 
ATOM 343 N N4    . DC A 1 17 ? 8.13840   -11.22868 -4.99650  1.000 691.65401  ? 117 DC A N4    1 
ATOM 344 C C5    . DC A 1 17 ? 6.10284   -10.73368 -6.19869  1.000 705.97701  ? 117 DC A C5    1 
ATOM 345 C C6    . DC A 1 17 ? 5.53161   -9.99643  -7.16473  1.000 709.08933  ? 117 DC A C6    1 
ATOM 346 P P     . DA A 1 18 ? 5.40333   -5.71060  -12.30265 1.000 538.23226  ? 118 DA A P     1 
ATOM 347 O OP1   . DA A 1 18 ? 4.96366   -4.57643  -11.45335 1.000 518.76417  ? 118 DA A OP1   1 
ATOM 348 O OP2   . DA A 1 18 ? 4.59959   -6.09868  -13.48803 1.000 561.04025  ? 118 DA A OP2   1 
ATOM 349 O "O5'" . DA A 1 18 ? 6.89037   -5.42933  -12.82154 1.000 538.60149  ? 118 DA A "O5'" 1 
ATOM 350 C "C5'" . DA A 1 18 ? 7.67407   -4.42570  -12.22397 1.000 518.56562  ? 118 DA A "C5'" 1 
ATOM 351 C "C4'" . DA A 1 18 ? 9.13632   -4.77013  -12.36510 1.000 513.46632  ? 118 DA A "C4'" 1 
ATOM 352 O "O4'" . DA A 1 18 ? 9.41618   -5.95348  -11.59445 1.000 512.80177  ? 118 DA A "O4'" 1 
ATOM 353 C "C3'" . DA A 1 18 ? 9.59812   -5.07620  -13.78794 1.000 533.14874  ? 118 DA A "C3'" 1 
ATOM 354 O "O3'" . DA A 1 18 ? 10.81145  -4.34094  -14.03405 1.000 520.32372  ? 118 DA A "O3'" 1 
ATOM 355 C "C2'" . DA A 1 18 ? 9.76821   -6.61067  -13.80229 1.000 548.49950  ? 118 DA A "C2'" 1 
ATOM 356 C "C1'" . DA A 1 18 ? 10.16557  -6.86010  -12.36742 1.000 527.69714  ? 118 DA A "C1'" 1 
ATOM 357 N N9    . DA A 1 18 ? 9.91358   -8.18712  -11.84804 1.000 536.77433  ? 118 DA A N9    1 
ATOM 358 C C8    . DA A 1 18 ? 8.75566   -8.91414  -11.91974 1.000 548.05249  ? 118 DA A C8    1 
ATOM 359 N N7    . DA A 1 18 ? 8.82286   -10.06581 -11.28675 1.000 553.70115  ? 118 DA A N7    1 
ATOM 360 C C5    . DA A 1 18 ? 10.11133  -10.07194 -10.74593 1.000 545.02951  ? 118 DA A C5    1 
ATOM 361 C C6    . DA A 1 18 ? 10.82312  -11.00966 -9.95620  1.000 545.04904  ? 118 DA A C6    1 
ATOM 362 N N6    . DA A 1 18 ? 10.31354  -12.17422 -9.54830  1.000 554.72166  ? 118 DA A N6    1 
ATOM 363 N N1    . DA A 1 18 ? 12.08780  -10.69000 -9.58816  1.000 534.53948  ? 118 DA A N1    1 
ATOM 364 C C2    . DA A 1 18 ? 12.60015  -9.52604  -9.99554  1.000 525.05527  ? 118 DA A C2    1 
ATOM 365 N N3    . DA A 1 18 ? 12.03359  -8.57370  -10.72873 1.000 523.93452  ? 118 DA A N3    1 
ATOM 366 C C4    . DA A 1 18 ? 10.77874  -8.91612  -11.07661 1.000 534.36340  ? 118 DA A C4    1 
ATOM 367 P P     . DT A 1 19 ? 12.14863  -5.00342  -14.63743 1.000 431.51210  ? 119 DT A P     1 
ATOM 368 O OP1   . DT A 1 19 ? 13.12985  -3.89991  -14.67405 1.000 416.93336  ? 119 DT A OP1   1 
ATOM 369 O OP2   . DT A 1 19 ? 11.88677  -5.78204  -15.86902 1.000 463.50695  ? 119 DT A OP2   1 
ATOM 370 O "O5'" . DT A 1 19 ? 12.62956  -6.02537  -13.51286 1.000 422.47583  ? 119 DT A "O5'" 1 
ATOM 371 C "C5'" . DT A 1 19 ? 13.95641  -6.05002  -13.09047 1.000 415.73026  ? 119 DT A "C5'" 1 
ATOM 372 C "C4'" . DT A 1 19 ? 14.60014  -7.39907  -13.36541 1.000 436.85316  ? 119 DT A "C4'" 1 
ATOM 373 O "O4'" . DT A 1 19 ? 13.79362  -8.48722  -12.90487 1.000 444.52192  ? 119 DT A "O4'" 1 
ATOM 374 C "C3'" . DT A 1 19 ? 14.86783  -7.73268  -14.82407 1.000 466.28839  ? 119 DT A "C3'" 1 
ATOM 375 O "O3'" . DT A 1 19 ? 16.17339  -7.28221  -15.17432 1.000 467.02006  ? 119 DT A "O3'" 1 
ATOM 376 C "C2'" . DT A 1 19 ? 14.74134  -9.27648  -14.87684 1.000 489.15368  ? 119 DT A "C2'" 1 
ATOM 377 C "C1'" . DT A 1 19 ? 14.39702  -9.63695  -13.42902 1.000 470.33498  ? 119 DT A "C1'" 1 
ATOM 378 N N1    . DT A 1 19 ? 13.48004  -10.76791 -13.27352 1.000 484.09561  ? 119 DT A N1    1 
ATOM 379 C C2    . DT A 1 19 ? 13.78506  -11.75188 -12.37068 1.000 484.67920  ? 119 DT A C2    1 
ATOM 380 O O2    . DT A 1 19 ? 14.79713  -11.75205 -11.70438 1.000 474.96587  ? 119 DT A O2    1 
ATOM 381 N N3    . DT A 1 19 ? 12.87062  -12.75389 -12.29194 1.000 497.24792  ? 119 DT A N3    1 
ATOM 382 C C4    . DT A 1 19 ? 11.69411  -12.85422 -12.98033 1.000 508.78704  ? 119 DT A C4    1 
ATOM 383 O O4    . DT A 1 19 ? 10.95054  -13.81403 -12.85043 1.000 519.78909  ? 119 DT A O4    1 
ATOM 384 C C5    . DT A 1 19 ? 11.43852  -11.79434 -13.92126 1.000 507.71009  ? 119 DT A C5    1 
ATOM 385 C C7    . DT A 1 19 ? 10.19717  -11.80753 -14.74909 1.000 520.25332  ? 119 DT A C7    1 
ATOM 386 C C6    . DT A 1 19 ? 12.32576  -10.80268 -14.00751 1.000 495.44825  ? 119 DT A C6    1 
ATOM 387 P P     . DC A 1 20 ? 17.49583  -7.99946  -14.59117 1.000 458.68420  ? 120 DC A P     1 
ATOM 388 O OP1   . DC A 1 20 ? 17.26377  -8.57472  -13.24982 1.000 442.85872  ? 120 DC A OP1   1 
ATOM 389 O OP2   . DC A 1 20 ? 18.60870  -7.03431  -14.67223 1.000 448.80957  ? 120 DC A OP2   1 
ATOM 390 O "O5'" . DC A 1 20 ? 17.79398  -9.12341  -15.67890 1.000 495.24965  ? 120 DC A "O5'" 1 
ATOM 391 C "C5'" . DC A 1 20 ? 18.94395  -9.90918  -15.56795 1.000 508.30484  ? 120 DC A "C5'" 1 
ATOM 392 C "C4'" . DC A 1 20 ? 18.83607  -10.73226 -14.32900 1.000 498.04501  ? 120 DC A "C4'" 1 
ATOM 393 O "O4'" . DC A 1 20 ? 17.43639  -11.11285 -14.15386 1.000 494.07311  ? 120 DC A "O4'" 1 
ATOM 394 C "C3'" . DC A 1 20 ? 19.64568  -12.01615 -14.33247 1.000 522.98217  ? 120 DC A "C3'" 1 
ATOM 395 O "O3'" . DC A 1 20 ? 20.22863  -12.17879 -13.06116 1.000 506.05314  ? 120 DC A "O3'" 1 
ATOM 396 C "C2'" . DC A 1 20 ? 18.57121  -13.06801 -14.59800 1.000 541.96808  ? 120 DC A "C2'" 1 
ATOM 397 C "C1'" . DC A 1 20 ? 17.39748  -12.46315 -13.84407 1.000 513.69470  ? 120 DC A "C1'" 1 
ATOM 398 N N1    . DC A 1 20 ? 16.03525  -13.06295 -14.16355 1.000 522.80675  ? 120 DC A N1    1 
ATOM 399 C C2    . DC A 1 20 ? 15.62713  -14.11067 -13.39161 1.000 524.05236  ? 120 DC A C2    1 
ATOM 400 O O2    . DC A 1 20 ? 16.40309  -14.49252 -12.52311 1.000 516.77390  ? 120 DC A O2    1 
ATOM 401 N N3    . DC A 1 20 ? 14.44437  -14.70348 -13.62493 1.000 533.57094  ? 120 DC A N3    1 
ATOM 402 C C4    . DC A 1 20 ? 13.66538  -14.26170 -14.60290 1.000 541.08439  ? 120 DC A C4    1 
ATOM 403 N N4    . DC A 1 20 ? 12.48961  -14.87429 -14.77268 1.000 550.44363  ? 120 DC A N4    1 
ATOM 404 C C5    . DC A 1 20 ? 14.04092  -13.14940 -15.40597 1.000 539.14354  ? 120 DC A C5    1 
ATOM 405 C C6    . DC A 1 20 ? 15.23671  -12.58429 -15.15823 1.000 529.76508  ? 120 DC A C6    1 
ATOM 406 P P     . DA A 1 21 ? 21.81506  -12.33587 -12.89729 1.000 863.05520  ? 121 DA A P     1 
ATOM 407 O OP1   . DA A 1 21 ? 22.19748  -11.58980 -11.67606 1.000 827.98722  ? 121 DA A OP1   1 
ATOM 408 O OP2   . DA A 1 21 ? 22.45432  -11.99074 -14.18806 1.000 877.41492  ? 121 DA A OP2   1 
ATOM 409 O "O5'" . DA A 1 21 ? 21.99638  -13.90305 -12.60930 1.000 890.80941  ? 121 DA A "O5'" 1 
ATOM 410 C "C5'" . DA A 1 21 ? 21.21143  -14.53396 -11.58278 1.000 905.39115  ? 121 DA A "C5'" 1 
ATOM 411 C "C4'" . DA A 1 21 ? 21.55647  -16.01325 -11.44288 1.000 930.78394  ? 121 DA A "C4'" 1 
ATOM 412 O "O4'" . DA A 1 21 ? 20.33973  -16.80108 -11.40573 1.000 936.54380  ? 121 DA A "O4'" 1 
ATOM 413 C "C3'" . DA A 1 21 ? 22.37705  -16.60756 -12.57273 1.000 966.60017  ? 121 DA A "C3'" 1 
ATOM 414 O "O3'" . DA A 1 21 ? 23.13495  -17.70321 -12.08606 1.000 984.43113  ? 121 DA A "O3'" 1 
ATOM 415 C "C2'" . DA A 1 21 ? 21.30362  -17.07004 -13.55077 1.000 982.81595  ? 121 DA A "C2'" 1 
ATOM 416 C "C1'" . DA A 1 21 ? 20.17995  -17.52162 -12.61819 1.000 968.24464  ? 121 DA A "C1'" 1 
ATOM 417 N N9    . DA A 1 21 ? 18.85867  -17.20040 -13.13092 1.000 964.04980  ? 121 DA A N9    1 
ATOM 418 C C8    . DA A 1 21 ? 18.55594  -16.18310 -13.96735 1.000 962.83381  ? 121 DA A C8    1 
ATOM 419 N N7    . DA A 1 21 ? 17.29078  -16.10580 -14.26323 1.000 958.38333  ? 121 DA A N7    1 
ATOM 420 C C5    . DA A 1 21 ? 16.70947  -17.12708 -13.54516 1.000 957.18773  ? 121 DA A C5    1 
ATOM 421 C C6    . DA A 1 21 ? 15.37380  -17.56378 -13.41341 1.000 953.67594  ? 121 DA A C6    1 
ATOM 422 N N6    . DA A 1 21 ? 14.35436  -16.97668 -14.03446 1.000 950.66437  ? 121 DA A N6    1 
ATOM 423 N N1    . DA A 1 21 ? 15.12898  -18.62371 -12.63526 1.000 953.68747  ? 121 DA A N1    1 
ATOM 424 C C2    . DA A 1 21 ? 16.15857  -19.20644 -12.00636 1.000 956.51752  ? 121 DA A C2    1 
ATOM 425 N N3    . DA A 1 21 ? 17.45535  -18.88113 -12.03914 1.000 959.88274  ? 121 DA A N3    1 
ATOM 426 C C4    . DA A 1 21 ? 17.66117  -17.82343 -12.83033 1.000 960.24837  ? 121 DA A C4    1 
ATOM 427 P P     . DC B 2 1  ? 10.95536  0.97680   -0.93655  1.000 319.73843  ? 119 DC B P     1 
ATOM 428 O OP1   . DC B 2 1  ? 12.24542  1.24274   -0.20278  1.000 307.25904  ? 119 DC B OP1   1 
ATOM 429 O OP2   . DC B 2 1  ? 10.18063  2.14452   -1.41277  1.000 334.69929  ? 119 DC B OP2   1 
ATOM 430 O "O5'" . DC B 2 1  ? 10.96062  -0.00266  -2.23062  1.000 315.17659  ? 119 DC B "O5'" 1 
ATOM 431 C "C5'" . DC B 2 1  ? 11.75937  0.36322   -3.39580  1.000 311.03568  ? 119 DC B "C5'" 1 
ATOM 432 C "C4'" . DC B 2 1  ? 11.15754  -0.12793  -4.68967  1.000 315.10350  ? 119 DC B "C4'" 1 
ATOM 433 O "O4'" . DC B 2 1  ? 11.32887  -1.57389  -4.77610  1.000 318.79995  ? 119 DC B "O4'" 1 
ATOM 434 C "C3'" . DC B 2 1  ? 9.67227   0.19919   -4.84176  1.000 321.97679  ? 119 DC B "C3'" 1 
ATOM 435 O "O3'" . DC B 2 1  ? 9.38945   0.94710   -6.12794  1.000 322.77196  ? 119 DC B "O3'" 1 
ATOM 436 C "C2'" . DC B 2 1  ? 8.97311   -1.17620  -4.76838  1.000 329.67834  ? 119 DC B "C2'" 1 
ATOM 437 C "C1'" . DC B 2 1  ? 10.10419  -2.23579  -4.67767  1.000 327.10313  ? 119 DC B "C1'" 1 
ATOM 438 N N1    . DC B 2 1  ? 10.13396  -3.01898  -3.42600  1.000 329.75482  ? 119 DC B N1    1 
ATOM 439 C C2    . DC B 2 1  ? 9.05522   -3.82045  -3.05342  1.000 339.11721  ? 119 DC B C2    1 
ATOM 440 O O2    . DC B 2 1  ? 8.07254   -3.88298  -3.74897  1.000 344.95467  ? 119 DC B O2    1 
ATOM 441 N N3    . DC B 2 1  ? 9.11118   -4.50075  -1.91573  1.000 344.28128  ? 119 DC B N3    1 
ATOM 442 C C4    . DC B 2 1  ? 10.16757  -4.42767  -1.17444  1.000 338.28083  ? 119 DC B C4    1 
ATOM 443 N N4    . DC B 2 1  ? 10.17563  -5.13362  -0.06367  1.000 344.34491  ? 119 DC B N4    1 
ATOM 444 C C5    . DC B 2 1  ? 11.28538  -3.63927  -1.52703  1.000 327.08808  ? 119 DC B C5    1 
ATOM 445 C C6    . DC B 2 1  ? 11.23058  -2.96560  -2.65814  1.000 324.53534  ? 119 DC B C6    1 
ATOM 446 P P     . DC B 2 2  ? 8.37822   2.22402   -6.20732  1.000 416.81617  ? 120 DC B P     1 
ATOM 447 O OP1   . DC B 2 2  ? 8.27893   2.73741   -7.59560  1.000 413.25446  ? 120 DC B OP1   1 
ATOM 448 O OP2   . DC B 2 2  ? 8.78404   3.19119   -5.15943  1.000 411.99291  ? 120 DC B OP2   1 
ATOM 449 O "O5'" . DC B 2 2  ? 6.93897   1.60501   -5.87075  1.000 432.59411  ? 120 DC B "O5'" 1 
ATOM 450 C "C5'" . DC B 2 2  ? 6.41305   0.47549   -6.61333  1.000 440.47551  ? 120 DC B "C5'" 1 
ATOM 451 C "C4'" . DC B 2 2  ? 5.04344   0.06650   -6.07201  1.000 454.84842  ? 120 DC B "C4'" 1 
ATOM 452 O "O4'" . DC B 2 2  ? 5.16860   -0.93151  -4.99138  1.000 459.73032  ? 120 DC B "O4'" 1 
ATOM 453 C "C3'" . DC B 2 2  ? 4.26038   1.21795   -5.46169  1.000 459.83411  ? 120 DC B "C3'" 1 
ATOM 454 O "O3'" . DC B 2 2  ? 2.86811   1.04894   -5.71586  1.000 474.46559  ? 120 DC B "O3'" 1 
ATOM 455 C "C2'" . DC B 2 2  ? 4.58954   1.07834   -3.97423  1.000 462.59800  ? 120 DC B "C2'" 1 
ATOM 456 C "C1'" . DC B 2 2  ? 4.52252   -0.42885  -3.81648  1.000 470.59466  ? 120 DC B "C1'" 1 
ATOM 457 N N1    . DC B 2 2  ? 5.22603   -0.91188  -2.56751  1.000 470.09170  ? 120 DC B N1    1 
ATOM 458 C C2    . DC B 2 2  ? 4.86432   -2.12323  -1.95113  1.000 477.12320  ? 120 DC B C2    1 
ATOM 459 O O2    . DC B 2 2  ? 3.96428   -2.82829  -2.43729  1.000 483.47756  ? 120 DC B O2    1 
ATOM 460 N N3    . DC B 2 2  ? 5.52642   -2.49151  -0.83509  1.000 476.56605  ? 120 DC B N3    1 
ATOM 461 C C4    . DC B 2 2  ? 6.48625   -1.71154  -0.33879  1.000 469.88502  ? 120 DC B C4    1 
ATOM 462 N N4    . DC B 2 2  ? 7.10871   -2.10739  0.74814   1.000 469.72263  ? 120 DC B N4    1 
ATOM 463 C C5    . DC B 2 2  ? 6.84866   -0.48917  -0.93488  1.000 462.90411  ? 120 DC B C5    1 
ATOM 464 C C6    . DC B 2 2  ? 6.19892   -0.12612  -2.02471  1.000 463.06418  ? 120 DC B C6    1 
ATOM 465 P P     . DG B 2 3  ? 1.94221   2.34389   -5.95331  1.000 458.39755  ? 121 DG B P     1 
ATOM 466 O OP1   . DG B 2 3  ? 2.10359   2.74809   -7.37596  1.000 456.62108  ? 121 DG B OP1   1 
ATOM 467 O OP2   . DG B 2 3  ? 2.37697   3.33787   -4.92858  1.000 455.02027  ? 121 DG B OP2   1 
ATOM 468 O "O5'" . DG B 2 3  ? 0.43318   1.81877   -5.61503  1.000 468.03698  ? 121 DG B "O5'" 1 
ATOM 469 C "C5'" . DG B 2 3  ? -0.23897  0.83698   -6.44890  1.000 473.01208  ? 121 DG B "C5'" 1 
ATOM 470 C "C4'" . DG B 2 3  ? -0.85833  -0.30741  -5.62410  1.000 479.10511  ? 121 DG B "C4'" 1 
ATOM 471 O "O4'" . DG B 2 3  ? 0.01892   -0.72379  -4.54610  1.000 481.21494  ? 121 DG B "O4'" 1 
ATOM 472 C "C3'" . DG B 2 3  ? -2.19981  -0.02462  -4.95611  1.000 490.59224  ? 121 DG B "C3'" 1 
ATOM 473 O "O3'" . DG B 2 3  ? -2.91352  -1.26536  -4.84831  1.000 504.49306  ? 121 DG B "O3'" 1 
ATOM 474 C "C2'" . DG B 2 3  ? -1.78268  0.51550   -3.58140  1.000 491.66720  ? 121 DG B "C2'" 1 
ATOM 475 C "C1'" . DG B 2 3  ? -0.54235  -0.33752  -3.29043  1.000 492.23728  ? 121 DG B "C1'" 1 
ATOM 476 N N9    . DG B 2 3  ? 0.53050   0.29808   -2.49636  1.000 487.48267  ? 121 DG B N9    1 
ATOM 477 C C8    . DG B 2 3  ? 1.20616   1.49071   -2.73146  1.000 475.79219  ? 121 DG B C8    1 
ATOM 478 N N7    . DG B 2 3  ? 2.15524   1.73192   -1.85949  1.000 474.30849  ? 121 DG B N7    1 
ATOM 479 C C5    . DG B 2 3  ? 2.13049   0.62647   -1.03481  1.000 485.71027  ? 121 DG B C5    1 
ATOM 480 C C6    . DG B 2 3  ? 2.90680   0.33267   0.08049   1.000 489.97360  ? 121 DG B C6    1 
ATOM 481 O O6    . DG B 2 3  ? 3.81251   1.00306   0.56205   1.000 484.45687  ? 121 DG B O6    1 
ATOM 482 N N1    . DG B 2 3  ? 2.53699   -0.88527  0.64812   1.000 501.36830  ? 121 DG B N1    1 
ATOM 483 C C2    . DG B 2 3  ? 1.53965   -1.71564  0.17307   1.000 508.43530  ? 121 DG B C2    1 
ATOM 484 N N2    . DG B 2 3  ? 1.30874   -2.86545  0.83113   1.000 518.12922  ? 121 DG B N2    1 
ATOM 485 N N3    . DG B 2 3  ? 0.80455   -1.43266  -0.86146  1.000 505.27387  ? 121 DG B N3    1 
ATOM 486 C C4    . DG B 2 3  ? 1.14500   -0.25708  -1.41512  1.000 493.69669  ? 121 DG B C4    1 
ATOM 487 P P     . DT B 2 4  ? -4.50260  -1.28037  -4.63163  1.000 429.33450  ? 122 DT B P     1 
ATOM 488 O OP1   . DT B 2 4  ? -5.11239  -2.50874  -5.22340  1.000 437.48506  ? 122 DT B OP1   1 
ATOM 489 O OP2   . DT B 2 4  ? -4.92513  0.05702   -5.12763  1.000 426.26055  ? 122 DT B OP2   1 
ATOM 490 O "O5'" . DT B 2 4  ? -4.61119  -1.33700  -3.02431  1.000 439.45808  ? 122 DT B "O5'" 1 
ATOM 491 C "C5'" . DT B 2 4  ? -3.77736  -2.24902  -2.28482  1.000 442.51315  ? 122 DT B "C5'" 1 
ATOM 492 C "C4'" . DT B 2 4  ? -3.72862  -1.89476  -0.80428  1.000 453.35327  ? 122 DT B "C4'" 1 
ATOM 493 O "O4'" . DT B 2 4  ? -2.52975  -1.16740  -0.47837  1.000 449.36464  ? 122 DT B "O4'" 1 
ATOM 494 C "C3'" . DT B 2 4  ? -4.86730  -1.02688  -0.25573  1.000 457.67852  ? 122 DT B "C3'" 1 
ATOM 495 O "O3'" . DT B 2 4  ? -5.12947  -1.46993  1.07811   1.000 465.66752  ? 122 DT B "O3'" 1 
ATOM 496 C "C2'" . DT B 2 4  ? -4.22210  0.35595   -0.23668  1.000 451.83035  ? 122 DT B "C2'" 1 
ATOM 497 C "C1'" . DT B 2 4  ? -2.90789  -0.08770  0.34694   1.000 451.66768  ? 122 DT B "C1'" 1 
ATOM 498 N N1    . DT B 2 4  ? -1.83175  0.86761   0.32178   1.000 442.73951  ? 122 DT B N1    1 
ATOM 499 C C2    . DT B 2 4  ? -0.70815  0.57086   1.03013   1.000 444.35656  ? 122 DT B C2    1 
ATOM 500 O O2    . DT B 2 4  ? -0.59551  -0.42924  1.71524   1.000 453.34104  ? 122 DT B O2    1 
ATOM 501 N N3    . DT B 2 4  ? 0.27959   1.49173   0.93804   1.000 434.10322  ? 122 DT B N3    1 
ATOM 502 C C4    . DT B 2 4  ? 0.27141   2.65334   0.20341   1.000 422.27855  ? 122 DT B C4    1 
ATOM 503 O O4    . DT B 2 4  ? 1.23399   3.41124   0.17684   1.000 411.89564  ? 122 DT B O4    1 
ATOM 504 C C5    . DT B 2 4  ? -0.93764  2.89771   -0.53942  1.000 422.33009  ? 122 DT B C5    1 
ATOM 505 C C7    . DT B 2 4  ? -1.07751  4.13069   -1.37460  1.000 411.12095  ? 122 DT B C7    1 
ATOM 506 C C6    . DT B 2 4  ? -1.92254  1.99783   -0.44500  1.000 432.30081  ? 122 DT B C6    1 
ATOM 507 P P     . DA B 2 5  ? -5.70244  -2.95350  1.32549   1.000 469.56997  ? 123 DA B P     1 
ATOM 508 O OP1   . DA B 2 5  ? -4.87889  -4.02732  0.70291   1.000 467.82991  ? 123 DA B OP1   1 
ATOM 509 O OP2   . DA B 2 5  ? -7.11306  -2.73928  0.93370   1.000 472.42137  ? 123 DA B OP2   1 
ATOM 510 O "O5'" . DA B 2 5  ? -5.69057  -3.15702  2.91206   1.000 476.28913  ? 123 DA B "O5'" 1 
ATOM 511 C "C5'" . DA B 2 5  ? -5.04681  -4.28099  3.49154   1.000 481.23080  ? 123 DA B "C5'" 1 
ATOM 512 C "C4'" . DA B 2 5  ? -4.26310  -3.84893  4.71010   1.000 483.61097  ? 123 DA B "C4'" 1 
ATOM 513 O "O4'" . DA B 2 5  ? -3.51734  -2.63414  4.42198   1.000 477.92284  ? 123 DA B "O4'" 1 
ATOM 514 C "C3'" . DA B 2 5  ? -5.08767  -3.47816  5.92918   1.000 488.39479  ? 123 DA B "C3'" 1 
ATOM 515 O "O3'" . DA B 2 5  ? -4.24685  -3.61961  6.99316   1.000 490.50729  ? 123 DA B "O3'" 1 
ATOM 516 C "C2'" . DA B 2 5  ? -5.34284  -1.99551  5.68855   1.000 484.38246  ? 123 DA B "C2'" 1 
ATOM 517 C "C1'" . DA B 2 5  ? -3.93802  -1.61717  5.33005   1.000 478.86471  ? 123 DA B "C1'" 1 
ATOM 518 N N9    . DA B 2 5  ? -3.77294  -0.34452  4.67515   1.000 471.41174  ? 123 DA B N9    1 
ATOM 519 C C8    . DA B 2 5  ? -4.64681  0.31900   3.85303   1.000 467.13660  ? 123 DA B C8    1 
ATOM 520 N N7    . DA B 2 5  ? -4.15380  1.43449   3.37664   1.000 459.19760  ? 123 DA B N7    1 
ATOM 521 C C5    . DA B 2 5  ? -2.88225  1.48012   3.92556   1.000 458.27776  ? 123 DA B C5    1 
ATOM 522 C C6    . DA B 2 5  ? -1.84354  2.39927   3.82310   1.000 450.44364  ? 123 DA B C6    1 
ATOM 523 N N6    . DA B 2 5  ? -1.93311  3.49836   3.09323   1.000 441.33520  ? 123 DA B N6    1 
ATOM 524 N N1    . DA B 2 5  ? -0.70427  2.14667   4.49457   1.000 451.00836  ? 123 DA B N1    1 
ATOM 525 C C2    . DA B 2 5  ? -0.61736  1.04367   5.22662   1.000 459.65682  ? 123 DA B C2    1 
ATOM 526 N N3    . DA B 2 5  ? -1.52770  0.10475   5.40154   1.000 467.37812  ? 123 DA B N3    1 
ATOM 527 C C4    . DA B 2 5  ? -2.64375  0.39021   4.71533   1.000 466.08649  ? 123 DA B C4    1 
ATOM 528 P P     . DC B 2 6  ? -4.78841  -3.62863  8.48895   1.000 397.19389  ? 124 DC B P     1 
ATOM 529 O OP1   . DC B 2 6  ? -3.54457  -3.71046  9.28595   1.000 396.70843  ? 124 DC B OP1   1 
ATOM 530 O OP2   . DC B 2 6  ? -5.80339  -4.71714  8.55335   1.000 404.15582  ? 124 DC B OP2   1 
ATOM 531 O "O5'" . DC B 2 6  ? -5.42347  -2.17383  8.70403   1.000 395.41327  ? 124 DC B "O5'" 1 
ATOM 532 C "C5'" . DC B 2 6  ? -5.14586  -1.46379  9.88243   1.000 396.18451  ? 124 DC B "C5'" 1 
ATOM 533 C "C4'" . DC B 2 6  ? -3.89310  -0.65000  9.72162   1.000 388.66065  ? 124 DC B "C4'" 1 
ATOM 534 O "O4'" . DC B 2 6  ? -3.91838  -0.06183  8.42427   1.000 382.10725  ? 124 DC B "O4'" 1 
ATOM 535 C "C3'" . DC B 2 6  ? -3.77640  0.51684   10.68612  1.000 388.92353  ? 124 DC B "C3'" 1 
ATOM 536 O "O3'" . DC B 2 6  ? -2.97902  0.16380   11.85646  1.000 390.83065  ? 124 DC B "O3'" 1 
ATOM 537 C "C2'" . DC B 2 6  ? -3.08980  1.59876   9.85672   1.000 380.04722  ? 124 DC B "C2'" 1 
ATOM 538 C "C1'" . DC B 2 6  ? -3.10789  1.05959   8.42548   1.000 375.92357  ? 124 DC B "C1'" 1 
ATOM 539 N N1    . DC B 2 6  ? -3.68710  1.99867   7.51504   1.000 370.61079  ? 124 DC B N1    1 
ATOM 540 C C2    . DC B 2 6  ? -2.88697  2.95649   6.93235   1.000 361.92135  ? 124 DC B C2    1 
ATOM 541 O O2    . DC B 2 6  ? -1.70529  2.98038   7.21031   1.000 360.91939  ? 124 DC B O2    1 
ATOM 542 N N3    . DC B 2 6  ? -3.43464  3.87621   6.11033   1.000 360.36194  ? 124 DC B N3    1 
ATOM 543 C C4    . DC B 2 6  ? -4.73014  3.83184   5.84827   1.000 367.43060  ? 124 DC B C4    1 
ATOM 544 N N4    . DC B 2 6  ? -5.22941  4.75340   5.00720   1.000 367.43833  ? 124 DC B N4    1 
ATOM 545 C C5    . DC B 2 6  ? -5.57255  2.84235   6.43970   1.000 375.07838  ? 124 DC B C5    1 
ATOM 546 C C6    . DC B 2 6  ? -5.00827  1.95539   7.26495   1.000 375.10320  ? 124 DC B C6    1 
ATOM 547 P P     . DA B 2 7  ? -3.69711  -0.03146  13.28871  1.000 357.21182  ? 125 DA B P     1 
ATOM 548 O OP1   . DA B 2 7  ? -3.52938  -1.43571  13.71784  1.000 358.86972  ? 125 DA B OP1   1 
ATOM 549 O OP2   . DA B 2 7  ? -5.03060  0.53824   13.09113  1.000 364.56608  ? 125 DA B OP2   1 
ATOM 550 O "O5'" . DA B 2 7  ? -2.95751  0.91756   14.36465  1.000 353.74960  ? 125 DA B "O5'" 1 
ATOM 551 C "C5'" . DA B 2 7  ? -2.20820  2.04644   13.96950  1.000 345.69682  ? 125 DA B "C5'" 1 
ATOM 552 C "C4'" . DA B 2 7  ? -3.01332  3.31511   14.13977  1.000 348.15167  ? 125 DA B "C4'" 1 
ATOM 553 O "O4'" . DA B 2 7  ? -3.16791  3.98584   12.87323  1.000 346.28451  ? 125 DA B "O4'" 1 
ATOM 554 C "C3'" . DA B 2 7  ? -4.41523  3.08772   14.64029  1.000 358.49278  ? 125 DA B "C3'" 1 
ATOM 555 O "O3'" . DA B 2 7  ? -4.41549  3.12308   16.04148  1.000 361.36193  ? 125 DA B "O3'" 1 
ATOM 556 C "C2'" . DA B 2 7  ? -5.23429  4.23998   14.02723  1.000 360.60762  ? 125 DA B "C2'" 1 
ATOM 557 C "C1'" . DA B 2 7  ? -4.33890  4.78414   12.90288  1.000 350.54096  ? 125 DA B "C1'" 1 
ATOM 558 N N9    . DA B 2 7  ? -4.96961  4.84189   11.54470  1.000 350.89518  ? 125 DA B N9    1 
ATOM 559 C C8    . DA B 2 7  ? -5.68548  3.86302   10.89424  1.000 355.12674  ? 125 DA B C8    1 
ATOM 560 N N7    . DA B 2 7  ? -6.11684  4.22323   9.69070   1.000 354.65221  ? 125 DA B N7    1 
ATOM 561 C C5    . DA B 2 7  ? -5.66151  5.53504   9.53930   1.000 351.42809  ? 125 DA B C5    1 
ATOM 562 C C6    . DA B 2 7  ? -5.77552  6.50878   8.48258   1.000 351.46077  ? 125 DA B C6    1 
ATOM 563 N N6    . DA B 2 7  ? -6.42743  6.29965   7.30773   1.000 353.08445  ? 125 DA B N6    1 
ATOM 564 N N1    . DA B 2 7  ? -5.18321  7.71345   8.69113   1.000 349.95129  ? 125 DA B N1    1 
ATOM 565 C C2    . DA B 2 7  ? -4.53272  7.93297   9.84794   1.000 348.37436  ? 125 DA B C2    1 
ATOM 566 N N3    . DA B 2 7  ? -4.37403  7.12416   10.89118  1.000 348.29205  ? 125 DA B N3    1 
ATOM 567 C C4    . DA B 2 7  ? -4.95758  5.92996   10.67631  1.000 349.91821  ? 125 DA B C4    1 
ATOM 568 P P     . DG C 3 1  ? -9.29884  8.05206   16.27445  1.000 446.36794  ? 209 DG C P     1 
ATOM 569 O OP1   . DG C 3 1  ? -10.29904 7.65881   15.25143  1.000 445.44337  ? 209 DG C OP1   1 
ATOM 570 O OP2   . DG C 3 1  ? -9.19077  9.44431   16.77225  1.000 450.67734  ? 209 DG C OP2   1 
ATOM 571 O "O5'" . DG C 3 1  ? -7.83117  7.68340   15.77425  1.000 446.12884  ? 209 DG C "O5'" 1 
ATOM 572 C "C5'" . DG C 3 1  ? -6.70207  8.42972   16.26508  1.000 448.06346  ? 209 DG C "C5'" 1 
ATOM 573 C "C4'" . DG C 3 1  ? -6.06073  9.27265   15.16389  1.000 448.89188  ? 209 DG C "C4'" 1 
ATOM 574 O "O4'" . DG C 3 1  ? -5.91682  8.49561   13.93129  1.000 446.10204  ? 209 DG C "O4'" 1 
ATOM 575 C "C3'" . DG C 3 1  ? -6.86243  10.48201  14.73991  1.000 451.71827  ? 209 DG C "C3'" 1 
ATOM 576 O "O3'" . DG C 3 1  ? -6.66059  11.58430  15.65100  1.000 455.50773  ? 209 DG C "O3'" 1 
ATOM 577 C "C2'" . DG C 3 1  ? -6.27789  10.76301  13.35387  1.000 451.32402  ? 209 DG C "C2'" 1 
ATOM 578 C "C1'" . DG C 3 1  ? -6.05701  9.36167   12.79927  1.000 447.77117  ? 209 DG C "C1'" 1 
ATOM 579 N N9    . DG C 3 1  ? -7.13019  8.85549   11.90258  1.000 446.13013  ? 209 DG C N9    1 
ATOM 580 C C8    . DG C 3 1  ? -8.11118  7.93677   12.21561  1.000 444.23294  ? 209 DG C C8    1 
ATOM 581 N N7    . DG C 3 1  ? -8.91313  7.65059   11.21972  1.000 445.13958  ? 209 DG C N7    1 
ATOM 582 C C5    . DG C 3 1  ? -8.43782  8.41901   10.16540  1.000 446.32381  ? 209 DG C C5    1 
ATOM 583 C C6    . DG C 3 1  ? -8.90784  8.52443   8.82458   1.000 447.71326  ? 209 DG C C6    1 
ATOM 584 O O6    . DG C 3 1  ? -9.87570  7.93453   8.28088   1.000 448.29581  ? 209 DG C O6    1 
ATOM 585 N N1    . DG C 3 1  ? -8.12851  9.42276   8.09287   1.000 448.66045  ? 209 DG C N1    1 
ATOM 586 C C2    . DG C 3 1  ? -7.04314  10.12303  8.58960   1.000 450.00962  ? 209 DG C C2    1 
ATOM 587 N N2    . DG C 3 1  ? -6.42871  10.93335  7.73783   1.000 452.61216  ? 209 DG C N2    1 
ATOM 588 N N3    . DG C 3 1  ? -6.60084  10.04094  9.83495   1.000 449.39997  ? 209 DG C N3    1 
ATOM 589 C C4    . DG C 3 1  ? -7.33742  9.17316   10.56745  1.000 446.99553  ? 209 DG C C4    1 
ATOM 590 P P     . DG C 3 2  ? -7.81546  12.69401  15.81371  1.000 483.97660  ? 210 DG C P     1 
ATOM 591 O OP1   . DG C 3 2  ? -7.84010  13.21355  17.20612  1.000 487.45502  ? 210 DG C OP1   1 
ATOM 592 O OP2   . DG C 3 2  ? -9.00392  12.01786  15.26172  1.000 481.60208  ? 210 DG C OP2   1 
ATOM 593 O "O5'" . DG C 3 2  ? -7.46818  13.83459  14.71453  1.000 486.83545  ? 210 DG C "O5'" 1 
ATOM 594 C "C5'" . DG C 3 2  ? -6.10629  14.04531  14.25000  1.000 487.46012  ? 210 DG C "C5'" 1 
ATOM 595 C "C4'" . DG C 3 2  ? -6.04805  14.58392  12.81125  1.000 488.87485  ? 210 DG C "C4'" 1 
ATOM 596 O "O4'" . DG C 3 2  ? -6.10185  13.49557  11.85881  1.000 485.25733  ? 210 DG C "O4'" 1 
ATOM 597 C "C3'" . DG C 3 2  ? -7.16841  15.53464  12.41642  1.000 491.80902  ? 210 DG C "C3'" 1 
ATOM 598 O "O3'" . DG C 3 2  ? -6.75099  16.84404  12.62735  1.000 496.52358  ? 210 DG C "O3'" 1 
ATOM 599 C "C2'" . DG C 3 2  ? -7.34941  15.26002  10.93527  1.000 490.61896  ? 210 DG C "C2'" 1 
ATOM 600 C "C1'" . DG C 3 2  ? -7.07080  13.77939  10.86882  1.000 485.92289  ? 210 DG C "C1'" 1 
ATOM 601 N N9    . DG C 3 2  ? -8.22815  12.93540  11.12080  1.000 483.24469  ? 210 DG C N9    1 
ATOM 602 C C8    . DG C 3 2  ? -8.65130  12.43845  12.32451  1.000 481.86000  ? 210 DG C C8    1 
ATOM 603 N N7    . DG C 3 2  ? -9.69102  11.65872  12.23994  1.000 479.76414  ? 210 DG C N7    1 
ATOM 604 C C5    . DG C 3 2  ? -9.98174  11.64029  10.89257  1.000 480.37854  ? 210 DG C C5    1 
ATOM 605 C C6    . DG C 3 2  ? -11.00943 10.96422  10.18948  1.000 497.42588  ? 210 DG C C6    1 
ATOM 606 O O6    . DG C 3 2  ? -11.92001 10.22651  10.63762  1.000 499.11643  ? 210 DG C O6    1 
ATOM 607 N N1    . DG C 3 2  ? -10.93154 11.23302  8.82922   1.000 512.06516  ? 210 DG C N1    1 
ATOM 608 C C2    . DG C 3 2  ? -9.97121  12.03067  8.23149   1.000 510.58548  ? 210 DG C C2    1 
ATOM 609 N N2    . DG C 3 2  ? -10.07458 12.19426  6.92493   1.000 526.31297  ? 210 DG C N2    1 
ATOM 610 N N3    . DG C 3 2  ? -9.01243  12.66041  8.87492   1.000 493.13901  ? 210 DG C N3    1 
ATOM 611 C C4    . DG C 3 2  ? -9.07437  12.42144  10.19048  1.000 481.93489  ? 210 DG C C4    1 
ATOM 612 P P     . DC C 3 3  ? -7.48495  17.71277  13.74829  1.000 541.00829  ? 211 DC C P     1 
ATOM 613 O OP1   . DC C 3 3  ? -6.66841  17.62379  14.98031  1.000 542.14585  ? 211 DC C OP1   1 
ATOM 614 O OP2   . DC C 3 3  ? -8.88740  17.22793  13.74777  1.000 539.36673  ? 211 DC C OP2   1 
ATOM 615 O "O5'" . DC C 3 3  ? -7.43411  19.21167  13.18277  1.000 545.78866  ? 211 DC C "O5'" 1 
ATOM 616 C "C5'" . DC C 3 3  ? -8.56905  19.76356  12.49259  1.000 547.96266  ? 211 DC C "C5'" 1 
ATOM 617 C "C4'" . DC C 3 3  ? -8.71191  19.15251  11.10800  1.000 545.16612  ? 211 DC C "C4'" 1 
ATOM 618 O "O4'" . DC C 3 3  ? -9.36550  17.89624  11.20322  1.000 540.68189  ? 211 DC C "O4'" 1 
ATOM 619 C "C3'" . DC C 3 3  ? -9.56405  19.93411  10.10750  1.000 569.59969  ? 211 DC C "C3'" 1 
ATOM 620 O "O3'" . DC C 3 3  ? -8.70997  20.73577  9.29700   1.000 564.78552  ? 211 DC C "O3'" 1 
ATOM 621 C "C2'" . DC C 3 3  ? -10.27661 18.82769  9.28234   1.000 582.15863  ? 211 DC C "C2'" 1 
ATOM 622 C "C1'" . DC C 3 3  ? -9.75233  17.55042  9.91470   1.000 561.95530  ? 211 DC C "C1'" 1 
ATOM 623 N N1    . DC C 3 3  ? -10.65563 16.40922  10.04869  1.000 569.83064  ? 211 DC C N1    1 
ATOM 624 C C2    . DC C 3 3  ? -11.15576 15.73042  8.92610   1.000 587.78473  ? 211 DC C C2    1 
ATOM 625 O O2    . DC C 3 3  ? -10.92829 16.16068  7.78968   1.000 599.84820  ? 211 DC C O2    1 
ATOM 626 N N3    . DC C 3 3  ? -11.91764 14.62106  9.13063   1.000 589.49771  ? 211 DC C N3    1 
ATOM 627 C C4    . DC C 3 3  ? -12.14385 14.18611  10.37609  1.000 575.80827  ? 211 DC C C4    1 
ATOM 628 N N4    . DC C 3 3  ? -12.90221 13.09130  10.54209  1.000 576.51789  ? 211 DC C N4    1 
ATOM 629 C C5    . DC C 3 3  ? -11.60701 14.85048  11.51145  1.000 559.33972  ? 211 DC C C5    1 
ATOM 630 C C6    . DC C 3 3  ? -10.86768 15.92819  11.30047  1.000 556.28353  ? 211 DC C C6    1 
ATOM 631 P P     . DT C 3 4  ? -9.32028  21.88021  8.35379   1.000 588.55398  ? 212 DT C P     1 
ATOM 632 O OP1   . DT C 3 4  ? -9.05508  21.43349  6.96725   1.000 591.76898  ? 212 DT C OP1   1 
ATOM 633 O OP2   . DT C 3 4  ? -8.80426  23.20158  8.79524   1.000 578.63889  ? 212 DT C OP2   1 
ATOM 634 O "O5'" . DT C 3 4  ? -10.88071 21.82435  8.68831   1.000 618.66668  ? 212 DT C "O5'" 1 
ATOM 635 C "C5'" . DT C 3 4  ? -11.76257 22.71190  8.06439   1.000 646.46284  ? 212 DT C "C5'" 1 
ATOM 636 C "C4'" . DT C 3 4  ? -11.97195 22.30311  6.62856   1.000 659.61870  ? 212 DT C "C4'" 1 
ATOM 637 O "O4'" . DT C 3 4  ? -11.81169 20.87357  6.50142   1.000 648.38321  ? 212 DT C "O4'" 1 
ATOM 638 C "C3'" . DT C 3 4  ? -13.31858 22.67326  6.04072   1.000 676.85326  ? 212 DT C "C3'" 1 
ATOM 639 O "O3'" . DT C 3 4  ? -13.09135 23.44084  4.85663   1.000 683.79929  ? 212 DT C "O3'" 1 
ATOM 640 C "C2'" . DT C 3 4  ? -14.01618 21.33230  5.74531   1.000 672.76785  ? 212 DT C "C2'" 1 
ATOM 641 C "C1'" . DT C 3 4  ? -12.99855 20.25752  6.06444   1.000 658.60987  ? 212 DT C "C1'" 1 
ATOM 642 N N1    . DT C 3 4  ? -13.39674 19.28760  7.10119   1.000 646.57275  ? 212 DT C N1    1 
ATOM 643 C C2    . DT C 3 4  ? -13.87407 18.05820  6.72370   1.000 641.93602  ? 212 DT C C2    1 
ATOM 644 O O2    . DT C 3 4  ? -14.05965 17.74154  5.56648   1.000 645.29117  ? 212 DT C O2    1 
ATOM 645 N N3    . DT C 3 4  ? -14.14356 17.21403  7.75767   1.000 630.10516  ? 212 DT C N3    1 
ATOM 646 C C4    . DT C 3 4  ? -13.96498 17.47567  9.10353   1.000 622.02021  ? 212 DT C C4    1 
ATOM 647 O O4    . DT C 3 4  ? -14.23901 16.66291  9.96638   1.000 611.06943  ? 212 DT C O4    1 
ATOM 648 C C5    . DT C 3 4  ? -13.45613 18.77980  9.42316   1.000 625.24163  ? 212 DT C C5    1 
ATOM 649 C C7    . DT C 3 4  ? -13.23106 19.17444  10.85291  1.000 613.47482  ? 212 DT C C7    1 
ATOM 650 C C6    . DT C 3 4  ? -13.19887 19.60936  8.41812   1.000 637.15809  ? 212 DT C C6    1 
ATOM 651 P P     . DG C 3 5  ? -14.28887 24.17764  4.07154   1.000 498.87291  ? 213 DG C P     1 
ATOM 652 O OP1   . DG C 3 5  ? -14.20141 23.70800  2.66278   1.000 496.46997  ? 213 DG C OP1   1 
ATOM 653 O OP2   . DG C 3 5  ? -14.15592 25.63915  4.34958   1.000 494.24941  ? 213 DG C OP2   1 
ATOM 654 O "O5'" . DG C 3 5  ? -15.64295 23.55948  4.70931   1.000 487.86933  ? 213 DG C "O5'" 1 
ATOM 655 C "C5'" . DG C 3 5  ? -16.91449 23.72994  4.04487   1.000 480.29605  ? 213 DG C "C5'" 1 
ATOM 656 C "C4'" . DG C 3 5  ? -17.20778 22.59371  3.08149   1.000 477.37798  ? 213 DG C "C4'" 1 
ATOM 657 O "O4'" . DG C 3 5  ? -16.65245 21.36592  3.60015   1.000 471.84569  ? 213 DG C "O4'" 1 
ATOM 658 C "C3'" . DG C 3 5  ? -18.67641 22.30912  2.90952   1.000 480.28887  ? 213 DG C "C3'" 1 
ATOM 659 O "O3'" . DG C 3 5  ? -18.89838 21.62531  1.68080   1.000 480.90231  ? 213 DG C "O3'" 1 
ATOM 660 C "C2'" . DG C 3 5  ? -18.95465 21.43240  4.12244   1.000 476.93294  ? 213 DG C "C2'" 1 
ATOM 661 C "C1'" . DG C 3 5  ? -17.65126 20.64427  4.26745   1.000 471.98481  ? 213 DG C "C1'" 1 
ATOM 662 N N9    . DG C 3 5  ? -17.26747 20.49529  5.64942   1.000 470.76713  ? 213 DG C N9    1 
ATOM 663 C C8    . DG C 3 5  ? -16.87851 21.47561  6.51091   1.000 472.00461  ? 213 DG C C8    1 
ATOM 664 N N7    . DG C 3 5  ? -16.61661 21.04593  7.70778   1.000 470.56790  ? 213 DG C N7    1 
ATOM 665 C C5    . DG C 3 5  ? -16.90808 19.70625  7.64708   1.000 468.28988  ? 213 DG C C5    1 
ATOM 666 C C6    . DG C 3 5  ? -16.84967 18.70291  8.65535   1.000 466.06385  ? 213 DG C C6    1 
ATOM 667 O O6    . DG C 3 5  ? -16.50907 18.81147  9.84610   1.000 465.58964  ? 213 DG C O6    1 
ATOM 668 N N1    . DG C 3 5  ? -17.25247 17.46230  8.16849   1.000 464.45681  ? 213 DG C N1    1 
ATOM 669 C C2    . DG C 3 5  ? -17.64452 17.22985  6.86252   1.000 465.01933  ? 213 DG C C2    1 
ATOM 670 N N2    . DG C 3 5  ? -18.01459 15.98087  6.57102   1.000 463.61884  ? 213 DG C N2    1 
ATOM 671 N N3    . DG C 3 5  ? -17.69937 18.15825  5.91502   1.000 467.02512  ? 213 DG C N3    1 
ATOM 672 C C4    . DG C 3 5  ? -17.31919 19.35426  6.37810   1.000 468.49430  ? 213 DG C C4    1 
ATOM 673 O "O5'" . DG D 4 1  ? 8.14625   -17.66860 -29.05643 1.000 403.62698  ? 200 DG D "O5'" 1 
ATOM 674 C "C5'" . DG D 4 1  ? 8.28455   -18.94754 -28.47484 1.000 403.62698  ? 200 DG D "C5'" 1 
ATOM 675 C "C4'" . DG D 4 1  ? 7.36376   -19.15566 -27.24180 1.000 403.62698  ? 200 DG D "C4'" 1 
ATOM 676 O "O4'" . DG D 4 1  ? 8.10306   -19.97679 -26.33694 1.000 403.62698  ? 200 DG D "O4'" 1 
ATOM 677 C "C3'" . DG D 4 1  ? 7.01449   -17.91579 -26.36277 1.000 403.62698  ? 200 DG D "C3'" 1 
ATOM 678 O "O3'" . DG D 4 1  ? 6.01403   -18.29418 -25.22839 1.000 403.62698  ? 200 DG D "O3'" 1 
ATOM 679 C "C2'" . DG D 4 1  ? 8.39753   -17.64177 -25.82650 1.000 403.62698  ? 200 DG D "C2'" 1 
ATOM 680 C "C1'" . DG D 4 1  ? 8.84335   -19.09410 -25.53040 1.000 403.62698  ? 200 DG D "C1'" 1 
ATOM 681 N N9    . DG D 4 1  ? 10.27004  -19.38134 -25.62090 1.000 210.28698  ? 200 DG D N9    1 
ATOM 682 C C8    . DG D 4 1  ? 11.27735  -18.50341 -26.03519 1.000 210.28698  ? 200 DG D C8    1 
ATOM 683 N N7    . DG D 4 1  ? 12.51911  -18.97078 -25.84474 1.000 210.28698  ? 200 DG D N7    1 
ATOM 684 C C5    . DG D 4 1  ? 12.31925  -20.26004 -25.25181 1.000 210.28698  ? 200 DG D C5    1 
ATOM 685 C C6    . DG D 4 1  ? 13.27583  -21.31588 -24.80480 1.000 210.28698  ? 200 DG D C6    1 
ATOM 686 O O6    . DG D 4 1  ? 14.59515  -21.33574 -24.82614 1.000 210.28698  ? 200 DG D O6    1 
ATOM 687 N N1    . DG D 4 1  ? 12.49876  -22.45054 -24.25006 1.000 210.28698  ? 200 DG D N1    1 
ATOM 688 C C2    . DG D 4 1  ? 11.02029  -22.55752 -24.13849 1.000 210.28698  ? 200 DG D C2    1 
ATOM 689 N N2    . DG D 4 1  ? 10.43913  -23.69789 -23.58113 1.000 210.28698  ? 200 DG D N2    1 
ATOM 690 N N3    . DG D 4 1  ? 10.19943  -21.58936 -24.54571 1.000 210.28698  ? 200 DG D N3    1 
ATOM 691 C C4    . DG D 4 1  ? 10.89606  -20.49272 -25.10471 1.000 210.28698  ? 200 DG D C4    1 
ATOM 692 P P     . DT D 4 2  ? 5.78181   -17.43767 -23.85590 1.000 878.35860  ? 201 DT D P     1 
ATOM 693 O OP1   . DT D 4 2  ? 4.36633   -17.00460 -23.75514 1.000 877.13256  ? 201 DT D OP1   1 
ATOM 694 O OP2   . DT D 4 2  ? 6.82784   -16.41782 -23.63215 1.000 860.65588  ? 201 DT D OP2   1 
ATOM 695 O "O5'" . DT D 4 2  ? 5.96631   -18.55291 -22.71767 1.000 881.21417  ? 201 DT D "O5'" 1 
ATOM 696 C "C5'" . DT D 4 2  ? 6.36536   -19.89330 -23.08442 1.000 897.66966  ? 201 DT D "C5'" 1 
ATOM 697 C "C4'" . DT D 4 2  ? 6.87453   -20.70227 -21.89030 1.000 888.51257  ? 201 DT D "C4'" 1 
ATOM 698 O "O4'" . DT D 4 2  ? 8.31824   -20.66865 -21.79833 1.000 887.13379  ? 201 DT D "O4'" 1 
ATOM 699 C "C3'" . DT D 4 2  ? 6.38407   -20.29489 -20.52184 1.000 867.15795  ? 201 DT D "C3'" 1 
ATOM 700 O "O3'" . DT D 4 2  ? 6.31946   -21.46041 -19.77454 1.000 866.95533  ? 201 DT D "O3'" 1 
ATOM 701 C "C2'" . DT D 4 2  ? 7.50868   -19.37961 -20.01904 1.000 852.88397  ? 201 DT D "C2'" 1 
ATOM 702 C "C1'" . DT D 4 2  ? 8.72100   -20.13243 -20.54371 1.000 866.46658  ? 201 DT D "C1'" 1 
ATOM 703 N N1    . DT D 4 2  ? 9.90721   -19.30502 -20.82380 1.000 313.59843  ? 201 DT D N1    1 
ATOM 704 C C2    . DT D 4 2  ? 11.15804  -19.88917 -20.73266 1.000 315.23348  ? 201 DT D C2    1 
ATOM 705 O O2    . DT D 4 2  ? 11.33729  -21.07917 -20.36844 1.000 317.75457  ? 201 DT D O2    1 
ATOM 706 N N3    . DT D 4 2  ? 12.19210  -19.02912 -21.08912 1.000 314.06220  ? 201 DT D N3    1 
ATOM 707 C C4    . DT D 4 2  ? 12.08594  -17.67424 -21.47578 1.000 311.53202  ? 201 DT D C4    1 
ATOM 708 O O4    . DT D 4 2  ? 13.06776  -16.99729 -21.76506 1.000 311.04715  ? 201 DT D O4    1 
ATOM 709 C C5    . DT D 4 2  ? 10.72855  -17.14851 -21.55403 1.000 309.92365  ? 201 DT D C5    1 
ATOM 710 C C7    . DT D 4 2  ? 10.46051  -15.71796 -21.97408 1.000 307.41131  ? 201 DT D C7    1 
ATOM 711 C C6    . DT D 4 2  ? 9.72958   -17.98186 -21.24118 1.000 311.00146  ? 201 DT D C6    1 
ATOM 712 P P     . DC D 4 3  ? 5.16643   -21.66134 -18.69754 1.000 1117.92162 ? 202 DC D P     1 
ATOM 713 O OP1   . DC D 4 3  ? 3.88427   -21.83792 -19.41709 1.000 1120.16329 ? 202 DC D OP1   1 
ATOM 714 O OP2   . DC D 4 3  ? 5.31564   -20.53651 -17.74905 1.000 1112.76903 ? 202 DC D OP2   1 
ATOM 715 O "O5'" . DC D 4 3  ? 5.60504   -23.02753 -17.99909 1.000 1120.93751 ? 202 DC D "O5'" 1 
ATOM 716 C "C5'" . DC D 4 3  ? 6.95870   -23.50600 -18.16133 1.000 1122.42886 ? 202 DC D "C5'" 1 
ATOM 717 C "C4'" . DC D 4 3  ? 7.73027   -23.32729 -16.86851 1.000 1119.46956 ? 202 DC D "C4'" 1 
ATOM 718 O "O4'" . DC D 4 3  ? 8.92484   -22.53004 -17.09898 1.000 1117.20656 ? 202 DC D "O4'" 1 
ATOM 719 C "C3'" . DC D 4 3  ? 6.93779   -22.61699 -15.77595 1.000 1115.65807 ? 202 DC D "C3'" 1 
ATOM 720 O "O3'" . DC D 4 3  ? 6.86717   -23.43875 -14.61283 1.000 1116.60698 ? 202 DC D "O3'" 1 
ATOM 721 C "C2'" . DC D 4 3  ? 7.69424   -21.28897 -15.54865 1.000 1111.13051 ? 202 DC D "C2'" 1 
ATOM 722 C "C1'" . DC D 4 3  ? 9.10400   -21.60823 -16.03696 1.000 1112.70730 ? 202 DC D "C1'" 1 
ATOM 723 N N1    . DC D 4 3  ? 9.82976   -20.46427 -16.57328 1.000 373.76041  ? 202 DC D N1    1 
ATOM 724 C C2    . DC D 4 3  ? 11.22225  -20.53880 -16.75863 1.000 374.42174  ? 202 DC D C2    1 
ATOM 725 O O2    . DC D 4 3  ? 11.84516  -21.56949 -16.40721 1.000 376.76687  ? 202 DC D O2    1 
ATOM 726 N N3    . DC D 4 3  ? 11.85444  -19.46132 -17.30911 1.000 372.63664  ? 202 DC D N3    1 
ATOM 727 C C4    . DC D 4 3  ? 11.14722  -18.36759 -17.68569 1.000 370.34564  ? 202 DC D C4    1 
ATOM 728 N N4    . DC D 4 3  ? 11.81001  -17.33446 -18.23957 1.000 369.04723  ? 202 DC D N4    1 
ATOM 729 C C5    . DC D 4 3  ? 9.73760   -18.28897 -17.50979 1.000 369.52834  ? 202 DC D C5    1 
ATOM 730 C C6    . DC D 4 3  ? 9.12781   -19.35270 -16.96566 1.000 371.31563  ? 202 DC D C6    1 
ATOM 731 P P     . DT D 4 4  ? 7.92522   -23.25128 -13.43011 1.000 630.41555  ? 203 DT D P     1 
ATOM 732 O OP1   . DT D 4 4  ? 7.61382   -22.00603 -12.70186 1.000 601.78940  ? 203 DT D OP1   1 
ATOM 733 O OP2   . DT D 4 4  ? 9.25451   -23.54119 -14.00915 1.000 642.49857  ? 203 DT D OP2   1 
ATOM 734 O "O5'" . DT D 4 4  ? 7.64953   -24.46151 -12.43607 1.000 634.51227  ? 203 DT D "O5'" 1 
ATOM 735 C "C5'" . DT D 4 4  ? 7.86549   -24.28823 -11.03886 1.000 612.98802  ? 203 DT D "C5'" 1 
ATOM 736 C "C4'" . DT D 4 4  ? 9.34948   -24.28506 -10.67594 1.000 605.95930  ? 203 DT D "C4'" 1 
ATOM 737 O "O4'" . DT D 4 4  ? 10.13171  -23.69451 -11.75319 1.000 612.85595  ? 203 DT D "O4'" 1 
ATOM 738 C "C3'" . DT D 4 4  ? 9.67260   -23.48902 -9.41094  1.000 582.45020  ? 203 DT D "C3'" 1 
ATOM 739 O "O3'" . DT D 4 4  ? 10.37396  -24.27904 -8.46013  1.000 583.50852  ? 203 DT D "O3'" 1 
ATOM 740 C "C2'" . DT D 4 4  ? 10.51834  -22.33264 -9.90774  1.000 571.99498  ? 203 DT D "C2'" 1 
ATOM 741 C "C1'" . DT D 4 4  ? 11.08109  -22.82123 -11.23787 1.000 594.20093  ? 203 DT D "C1'" 1 
ATOM 742 N N1    . DT D 4 4  ? 11.32188  -21.66455 -12.18037 1.000 591.21775  ? 203 DT D N1    1 
ATOM 743 C C2    . DT D 4 4  ? 12.60031  -21.40594 -12.61021 1.000 600.31180  ? 203 DT D C2    1 
ATOM 744 O O2    . DT D 4 4  ? 13.54721  -22.10581 -12.32193 1.000 611.47300  ? 203 DT D O2    1 
ATOM 745 N N3    . DT D 4 4  ? 12.73788  -20.29214 -13.39793 1.000 595.83770  ? 203 DT D N3    1 
ATOM 746 C C4    . DT D 4 4  ? 11.73295  -19.43102 -13.79775 1.000 581.97404  ? 203 DT D C4    1 
ATOM 747 O O4    . DT D 4 4  ? 11.94743  -18.46284 -14.51785 1.000 579.67720  ? 203 DT D O4    1 
ATOM 748 C C5    . DT D 4 4  ? 10.41808  -19.74454 -13.29436 1.000 572.92094  ? 203 DT D C5    1 
ATOM 749 C C7    . DT D 4 4  ? 9.25713   -18.86652 -13.63622 1.000 557.11866  ? 203 DT D C7    1 
ATOM 750 C C6    . DT D 4 4  ? 10.27908  -20.82767 -12.51169 1.000 578.52891  ? 203 DT D C6    1 
ATOM 751 P P     . DG D 4 5  ? 10.58013  -23.73862 -6.95515  1.000 693.64028  ? 204 DG D P     1 
ATOM 752 O OP1   . DG D 4 5  ? 10.92347  -24.92080 -6.13515  1.000 699.73760  ? 204 DG D OP1   1 
ATOM 753 O OP2   . DG D 4 5  ? 9.39268   -22.94306 -6.55847  1.000 676.52852  ? 204 DG D OP2   1 
ATOM 754 O "O5'" . DG D 4 5  ? 11.86800  -22.77624 -7.06402  1.000 682.02213  ? 204 DG D "O5'" 1 
ATOM 755 C "C5'" . DG D 4 5  ? 13.05681  -23.24593 -7.73415  1.000 697.56841  ? 204 DG D "C5'" 1 
ATOM 756 C "C4'" . DG D 4 5  ? 14.24966  -22.30167 -7.56174  1.000 682.95777  ? 204 DG D "C4'" 1 
ATOM 757 O "O4'" . DG D 4 5  ? 14.36088  -21.41765 -8.70694  1.000 683.01636  ? 204 DG D "O4'" 1 
ATOM 758 C "C3'" . DG D 4 5  ? 14.20903  -21.36853 -6.36586  1.000 651.54283  ? 204 DG D "C3'" 1 
ATOM 759 O "O3'" . DG D 4 5  ? 15.52700  -20.97891 -6.04384  1.000 643.09361  ? 204 DG D "O3'" 1 
ATOM 760 C "C2'" . DG D 4 5  ? 13.46359  -20.19558 -6.94548  1.000 635.90616  ? 204 DG D "C2'" 1 
ATOM 761 C "C1'" . DG D 4 5  ? 14.16838  -20.08154 -8.28023  1.000 654.55523  ? 204 DG D "C1'" 1 
ATOM 762 N N9    . DG D 4 5  ? 13.37595  -19.41350 -9.28632  1.000 652.87235  ? 204 DG D N9    1 
ATOM 763 C C8    . DG D 4 5  ? 12.18768  -19.83407 -9.77987  1.000 657.21324  ? 204 DG D C8    1 
ATOM 764 N N7    . DG D 4 5  ? 11.68783  -19.05838 -10.68552 1.000 656.27217  ? 204 DG D N7    1 
ATOM 765 C C5    . DG D 4 5  ? 12.60951  -18.05211 -10.81128 1.000 653.04085  ? 204 DG D C5    1 
ATOM 766 C C6    . DG D 4 5  ? 12.60209  -16.92124 -11.64631 1.000 653.09242  ? 204 DG D C6    1 
ATOM 767 O O6    . DG D 4 5  ? 11.75196  -16.57358 -12.48185 1.000 655.34837  ? 204 DG D O6    1 
ATOM 768 N N1    . DG D 4 5  ? 13.72161  -16.14512 -11.43940 1.000 650.89863  ? 204 DG D N1    1 
ATOM 769 C C2    . DG D 4 5  ? 14.73168  -16.43327 -10.55651 1.000 649.32037  ? 204 DG D C2    1 
ATOM 770 N N2    . DG D 4 5  ? 15.73070  -15.56631 -10.51706 1.000 648.24765  ? 204 DG D N2    1 
ATOM 771 N N3    . DG D 4 5  ? 14.75449  -17.48964 -9.76822  1.000 649.36167  ? 204 DG D N3    1 
ATOM 772 C C4    . DG D 4 5  ? 13.66589  -18.25409 -9.95038  1.000 651.06877  ? 204 DG D C4    1 
ATOM 773 P P     . DA D 4 6  ? 15.86192  -20.42498 -4.57801  1.000 668.15276  ? 205 DA D P     1 
ATOM 774 O OP1   . DA D 4 6  ? 16.35121  -21.59065 -3.81701  1.000 673.94864  ? 205 DA D OP1   1 
ATOM 775 O OP2   . DA D 4 6  ? 14.68437  -19.69326 -4.06125  1.000 649.16483  ? 205 DA D OP2   1 
ATOM 776 O "O5'" . DA D 4 6  ? 17.10111  -19.42822 -4.79047  1.000 659.02633  ? 205 DA D "O5'" 1 
ATOM 777 C "C5'" . DA D 4 6  ? 17.29624  -18.77600 -6.02889  1.000 667.22614  ? 205 DA D "C5'" 1 
ATOM 778 C "C4'" . DA D 4 6  ? 17.03420  -17.28434 -5.90994  1.000 645.59183  ? 205 DA D "C4'" 1 
ATOM 779 O "O4'" . DA D 4 6  ? 16.05959  -16.90218 -6.91359  1.000 649.71289  ? 205 DA D "O4'" 1 
ATOM 780 C "C3'" . DA D 4 6  ? 16.42686  -16.81226 -4.57465  1.000 622.46268  ? 205 DA D "C3'" 1 
ATOM 781 O "O3'" . DA D 4 6  ? 16.81979  -15.44124 -4.31281  1.000 608.86275  ? 205 DA D "O3'" 1 
ATOM 782 C "C2'" . DA D 4 6  ? 14.94395  -16.86466 -4.90057  1.000 618.56985  ? 205 DA D "C2'" 1 
ATOM 783 C "C1'" . DA D 4 6  ? 15.02100  -16.21999 -6.25421  1.000 629.26725  ? 205 DA D "C1'" 1 
ATOM 784 N N9    . DA D 4 6  ? 13.81436  -16.25620 -7.05680  1.000 633.68851  ? 205 DA D N9    1 
ATOM 785 C C8    . DA D 4 6  ? 12.79924  -17.16886 -7.04579  1.000 640.54411  ? 205 DA D C8    1 
ATOM 786 N N7    . DA D 4 6  ? 11.84558  -16.90076 -7.91168  1.000 645.46397  ? 205 DA D N7    1 
ATOM 787 C C5    . DA D 4 6  ? 12.27280  -15.72138 -8.50498  1.000 640.47905  ? 205 DA D C5    1 
ATOM 788 C C6    . DA D 4 6  ? 11.72260  -14.88869 -9.50218  1.000 643.80567  ? 205 DA D C6    1 
ATOM 789 N N6    . DA D 4 6  ? 10.56831  -15.13538 -10.12133 1.000 650.68008  ? 205 DA D N6    1 
ATOM 790 N N1    . DA D 4 6  ? 12.43323  -13.79298 -9.85963  1.000 641.67447  ? 205 DA D N1    1 
ATOM 791 C C2    . DA D 4 6  ? 13.57660  -13.54796 -9.23398  1.000 636.22366  ? 205 DA D C2    1 
ATOM 792 N N3    . DA D 4 6  ? 14.18578  -14.24901 -8.29981  1.000 632.62445  ? 205 DA D N3    1 
ATOM 793 C C4    . DA D 4 6  ? 13.47244  -15.32487 -7.97330  1.000 634.95926  ? 205 DA D C4    1 
ATOM 794 P P     . DT D 4 7  ? 18.03404  -15.07780 -3.31619  1.000 591.08850  ? 206 DT D P     1 
ATOM 795 O OP1   . DT D 4 7  ? 18.90477  -16.25858 -3.17953  1.000 605.72614  ? 206 DT D OP1   1 
ATOM 796 O OP2   . DT D 4 7  ? 17.50213  -14.38768 -2.12329  1.000 572.74953  ? 206 DT D OP2   1 
ATOM 797 O "O5'" . DT D 4 7  ? 18.86749  -13.98648 -4.10998  1.000 594.99624  ? 206 DT D "O5'" 1 
ATOM 798 C "C5'" . DT D 4 7  ? 18.67803  -13.84350 -5.48739  1.000 606.27908  ? 206 DT D "C5'" 1 
ATOM 799 C "C4'" . DT D 4 7  ? 18.43767  -12.39304 -5.81927  1.000 596.31988  ? 206 DT D "C4'" 1 
ATOM 800 O "O4'" . DT D 4 7  ? 17.14296  -12.24629 -6.44672  1.000 593.09109  ? 206 DT D "O4'" 1 
ATOM 801 C "C3'" . DT D 4 7  ? 18.37942  -11.46897 -4.61670  1.000 581.60688  ? 206 DT D "C3'" 1 
ATOM 802 O "O3'" . DT D 4 7  ? 18.74592  -10.19120 -5.02912  1.000 583.65600  ? 206 DT D "O3'" 1 
ATOM 803 C "C2'" . DT D 4 7  ? 16.90148  -11.50736 -4.28062  1.000 569.89186  ? 206 DT D "C2'" 1 
ATOM 804 C "C1'" . DT D 4 7  ? 16.37736  -11.34701 -5.68146  1.000 578.99630  ? 206 DT D "C1'" 1 
ATOM 805 N N1    . DT D 4 7  ? 14.97295  -11.67148 -5.88154  1.000 572.66868  ? 206 DT D N1    1 
ATOM 806 C C2    . DT D 4 7  ? 14.32034  -11.03997 -6.89001  1.000 575.32325  ? 206 DT D C2    1 
ATOM 807 O O2    . DT D 4 7  ? 14.84386  -10.20187 -7.58290  1.000 582.68806  ? 206 DT D O2    1 
ATOM 808 N N3    . DT D 4 7  ? 13.02815  -11.39526 -7.05743  1.000 571.01829  ? 206 DT D N3    1 
ATOM 809 C C4    . DT D 4 7  ? 12.33189  -12.32404 -6.33191  1.000 566.36085  ? 206 DT D C4    1 
ATOM 810 O O4    . DT D 4 7  ? 11.16244  -12.58004 -6.57097  1.000 565.22821  ? 206 DT D O4    1 
ATOM 811 C C5    . DT D 4 7  ? 13.08065  -12.97627 -5.28526  1.000 564.28932  ? 206 DT D C5    1 
ATOM 812 C C7    . DT D 4 7  ? 12.42804  -14.00950 -4.42581  1.000 560.93914  ? 206 DT D C7    1 
ATOM 813 C C6    . DT D 4 7  ? 14.36033  -12.62567 -5.11559  1.000 566.84052  ? 206 DT D C6    1 
ATOM 814 P P     . DG D 4 8  ? 19.56273  -9.25935  -4.03001  1.000 489.82325  ? 207 DG D P     1 
ATOM 815 O OP1   . DG D 4 8  ? 20.84301  -9.93100  -3.74145  1.000 501.43895  ? 207 DG D OP1   1 
ATOM 816 O OP2   . DG D 4 8  ? 18.64590  -8.91020  -2.94542  1.000 476.27034  ? 207 DG D OP2   1 
ATOM 817 O "O5'" . DG D 4 8  ? 19.82296  -7.92209  -4.84326  1.000 484.99368  ? 207 DG D "O5'" 1 
ATOM 818 C "C5'" . DG D 4 8  ? 19.37533  -7.82333  -6.15349  1.000 496.98996  ? 207 DG D "C5'" 1 
ATOM 819 C "C4'" . DG D 4 8  ? 18.02429  -7.13362  -6.23767  1.000 489.51029  ? 207 DG D "C4'" 1 
ATOM 820 O "O4'" . DG D 4 8  ? 16.96095  -8.05599  -5.99744  1.000 483.62089  ? 207 DG D "O4'" 1 
ATOM 821 C "C3'" . DG D 4 8  ? 17.77686  -5.98265  -5.26456  1.000 476.38051  ? 207 DG D "C3'" 1 
ATOM 822 O "O3'" . DG D 4 8  ? 17.82824  -4.76623  -5.95189  1.000 480.31746  ? 207 DG D "O3'" 1 
ATOM 823 C "C2'" . DG D 4 8  ? 16.36328  -6.24603  -4.75171  1.000 462.45577  ? 207 DG D "C2'" 1 
ATOM 824 C "C1'" . DG D 4 8  ? 15.85816  -7.27443  -5.74703  1.000 470.24935  ? 207 DG D "C1'" 1 
ATOM 825 N N9    . DG D 4 8  ? 14.85710  -8.10714  -5.19616  1.000 461.14990  ? 207 DG D N9    1 
ATOM 826 C C8    . DG D 4 8  ? 14.97426  -8.85623  -4.08175  1.000 455.00169  ? 207 DG D C8    1 
ATOM 827 N N7    . DG D 4 8  ? 13.89693  -9.50004  -3.78160  1.000 448.32219  ? 207 DG D N7    1 
ATOM 828 C C5    . DG D 4 8  ? 13.00618  -9.14180  -4.76006  1.000 449.75558  ? 207 DG D C5    1 
ATOM 829 C C6    . DG D 4 8  ? 11.66838  -9.53278  -4.94781  1.000 445.39482  ? 207 DG D C6    1 
ATOM 830 O O6    . DG D 4 8  ? 10.97690  -10.29816 -4.25634  1.000 442.26385  ? 207 DG D O6    1 
ATOM 831 N N1    . DG D 4 8  ? 11.13184  -8.94832  -6.06557  1.000 450.65968  ? 207 DG D N1    1 
ATOM 832 C C2    . DG D 4 8  ? 11.80065  -8.09037  -6.89702  1.000 459.49562  ? 207 DG D C2    1 
ATOM 833 N N2    . DG D 4 8  ? 11.10460  -7.63230  -7.93078  1.000 465.29710  ? 207 DG D N2    1 
ATOM 834 N N3    . DG D 4 8  ? 13.05797  -7.71022  -6.73061  1.000 463.55564  ? 207 DG D N3    1 
ATOM 835 C C4    . DG D 4 8  ? 13.59101  -8.27874  -5.64596  1.000 458.00307  ? 207 DG D C4    1 
ATOM 836 P P     . DT D 4 9  ? 18.38499  -3.47340  -5.19306  1.000 501.43283  ? 208 DT D P     1 
ATOM 837 O OP1   . DT D 4 9  ? 19.79309  -3.24205  -5.57640  1.000 516.43702  ? 208 DT D OP1   1 
ATOM 838 O OP2   . DT D 4 9  ? 18.02649  -3.69914  -3.78648  1.000 488.77387  ? 208 DT D OP2   1 
ATOM 839 O "O5'" . DT D 4 9  ? 17.46964  -2.27742  -5.69087  1.000 496.50034  ? 208 DT D "O5'" 1 
ATOM 840 C "C5'" . DT D 4 9  ? 16.16281  -2.18669  -5.22117  1.000 481.32501  ? 208 DT D "C5'" 1 
ATOM 841 C "C4'" . DT D 4 9  ? 15.21084  -2.59973  -6.30593  1.000 483.18997  ? 208 DT D "C4'" 1 
ATOM 842 O "O4'" . DT D 4 9  ? 14.76482  -3.94454  -6.08620  1.000 476.95815  ? 208 DT D "O4'" 1 
ATOM 843 C "C3'" . DT D 4 9  ? 13.95496  -1.78506  -6.37374  1.000 475.17527  ? 208 DT D "C3'" 1 
ATOM 844 O "O3'" . DT D 4 9  ? 14.19759  -0.61313  -7.13628  1.000 486.17709  ? 208 DT D "O3'" 1 
ATOM 845 C "C2'" . DT D 4 9  ? 12.98962  -2.73150  -7.08590  1.000 470.02323  ? 208 DT D "C2'" 1 
ATOM 846 C "C1'" . DT D 4 9  ? 13.51505  -4.12900  -6.71933  1.000 473.80785  ? 208 DT D "C1'" 1 
ATOM 847 N N1    . DT D 4 9  ? 12.67242  -4.84553  -5.75683  1.000 461.76363  ? 208 DT D N1    1 
ATOM 848 C C2    . DT D 4 9  ? 11.31600  -5.02869  -5.96858  1.000 457.04353  ? 208 DT D C2    1 
ATOM 849 O O2    . DT D 4 9  ? 10.73034  -4.64055  -6.94887  1.000 462.29845  ? 208 DT D O2    1 
ATOM 850 N N3    . DT D 4 9  ? 10.66481  -5.69285  -4.95480  1.000 447.18783  ? 208 DT D N3    1 
ATOM 851 C C4    . DT D 4 9  ? 11.21222  -6.17830  -3.79765  1.000 442.63980  ? 208 DT D C4    1 
ATOM 852 O O4    . DT D 4 9  ? 10.54906  -6.76556  -2.94029  1.000 435.44501  ? 208 DT D O4    1 
ATOM 853 C C5    . DT D 4 9  ? 12.62217  -5.94149  -3.65453  1.000 448.32554  ? 208 DT D C5    1 
ATOM 854 C C7    . DT D 4 9  ? 13.33104  -6.41157  -2.43589  1.000 445.81845  ? 208 DT D C7    1 
ATOM 855 C C6    . DT D 4 9  ? 13.26399  -5.28782  -4.62184  1.000 457.12955  ? 208 DT D C6    1 
# 
loop_
_atom_site_anisotrop.id 
_atom_site_anisotrop.type_symbol 
_atom_site_anisotrop.pdbx_label_atom_id 
_atom_site_anisotrop.pdbx_label_alt_id 
_atom_site_anisotrop.pdbx_label_comp_id 
_atom_site_anisotrop.pdbx_label_asym_id 
_atom_site_anisotrop.pdbx_label_seq_id 
_atom_site_anisotrop.pdbx_PDB_ins_code 
_atom_site_anisotrop.U[1][1] 
_atom_site_anisotrop.U[2][2] 
_atom_site_anisotrop.U[3][3] 
_atom_site_anisotrop.U[1][2] 
_atom_site_anisotrop.U[1][3] 
_atom_site_anisotrop.U[2][3] 
_atom_site_anisotrop.pdbx_auth_seq_id 
_atom_site_anisotrop.pdbx_auth_comp_id 
_atom_site_anisotrop.pdbx_auth_asym_id 
_atom_site_anisotrop.pdbx_auth_atom_id 
1   O "O5'" . DA A 1  ? 13.44899 12.99179 15.41971 1.17743  0.33978  -0.30466 101 DA A "O5'" 
2   C "C5'" . DA A 1  ? 13.48146 12.99356 15.40542 1.17593  0.40440  -0.31507 101 DA A "C5'" 
3   C "C4'" . DA A 1  ? 13.54485 13.12206 15.59288 1.21493  0.45780  -0.33708 101 DA A "C4'" 
4   O "O4'" . DA A 1  ? 13.67448 13.24801 15.73741 1.30719  0.44652  -0.36267 101 DA A "O4'" 
5   C "C3'" . DA A 1  ? 13.44251 13.13283 15.66818 1.16530  0.45533  -0.31930 101 DA A "C3'" 
6   O "O3'" . DA A 1  ? 13.35937 13.06643 15.60396 1.09676  0.49975  -0.30316 101 DA A "O3'" 
7   C "C2'" . DA A 1  ? 13.54887 13.29964 15.88131 1.24093  0.48528  -0.34830 101 DA A "C2'" 
8   C "C1'" . DA A 1  ? 13.68857 13.36462 15.91803 1.32976  0.46916  -0.37236 101 DA A "C1'" 
9   N N9    . DA A 1  ? 4.38516  4.09611  6.68096  1.36909  0.41492  -0.36978 101 DA A N9    
10  C C8    . DA A 1  ? 4.47273  4.11584  6.67831  1.42734  0.37891  -0.37587 101 DA A C8    
11  N N7    . DA A 1  ? 4.47713  4.17095  6.77435  1.44893  0.33519  -0.37016 101 DA A N7    
12  C C5    . DA A 1  ? 4.38787  4.18845  6.84349  1.40247  0.33884  -0.36168 101 DA A C5    
13  C C6    . DA A 1  ? 4.35161  4.24129  6.95628  1.39563  0.30121  -0.35445 101 DA A C6    
14  N N6    . DA A 1  ? 4.40230  4.28985  7.02384  1.43740  0.25286  -0.35512 101 DA A N6    
15  N N1    . DA A 1  ? 4.26814  4.24721  7.00488  1.34531  0.31553  -0.34641 101 DA A N1    
16  C C2    . DA A 1  ? 4.22002  4.19978  6.94137  1.30272  0.36600  -0.34354 101 DA A C2    
17  N N3    . DA A 1  ? 4.24310  4.14626  6.83410  1.30119  0.40617  -0.34955 101 DA A N3    
18  C C4    . DA A 1  ? 4.32949  4.14297  6.78809  1.35311  0.38858  -0.35975 101 DA A C4    
19  P P     . DG A 2  ? 13.63967 13.45471 16.05918 1.06268  0.53337  -0.29556 102 DG A P     
20  O OP1   . DG A 2  ? 13.75683 13.60114 16.21629 1.12793  0.60153  -0.33217 102 DG A OP1   
21  O OP2   . DG A 2  ? 13.51454 13.32860 15.93144 0.97140  0.54303  -0.26140 102 DG A OP2   
22  O "O5'" . DG A 2  ? 13.59330 13.47782 16.13626 1.05813  0.46630  -0.28445 102 DG A "O5'" 
23  C "C5'" . DG A 2  ? 13.59553 13.57980 16.29984 1.06807  0.48165  -0.28971 102 DG A "C5'" 
24  C "C4'" . DG A 2  ? 13.49484 13.52907 16.30402 1.01342  0.41692  -0.26455 102 DG A "C4'" 
25  O "O4'" . DG A 2  ? 13.53405 13.55431 16.33157 1.05156  0.35586  -0.27343 102 DG A "O4'" 
26  C "C3'" . DG A 2  ? 13.36656 13.36920 16.14258 0.92132  0.38769  -0.23026 102 DG A "C3'" 
27  O "O3'" . DG A 2  ? 13.28639 13.35798 16.20375 0.86784  0.36881  -0.21007 102 DG A "O3'" 
28  C "C2'" . DG A 2  ? 13.36059 13.30492 16.04352 0.92368  0.32199  -0.23009 102 DG A "C2'" 
29  C "C1'" . DG A 2  ? 13.44820 13.42385 16.18800 0.99337  0.29646  -0.25359 102 DG A "C1'" 
30  N N9    . DG A 2  ? 4.18937  4.09748  6.80832  1.04331  0.26813  -0.26776 102 DG A N9    
31  C C8    . DG A 2  ? 4.22863  4.05125  6.68666  1.06214  0.28686  -0.27194 102 DG A C8    
32  N N7    . DG A 2  ? 4.29288  4.06488  6.66622  1.10809  0.25217  -0.28262 102 DG A N7    
33  C C5    . DG A 2  ? 4.29355  4.12302  6.78200  1.11875  0.20796  -0.28615 102 DG A C5    
34  C C6    . DG A 2  ? 4.34836  4.16048  6.81998  1.16012  0.15912  -0.29538 102 DG A C6    
35  O O6    . DG A 2  ? 4.40853  4.14721  6.75377  1.19682  0.14538  -0.30061 102 DG A O6    
36  N N1    . DG A 2  ? 4.32711  4.21501  6.94775  1.15233  0.12321  -0.29656 102 DG A N1    
37  C C2    . DG A 2  ? 4.26548  4.23245  7.02832  1.11228  0.13298  -0.28907 102 DG A C2    
38  N N2    . DG A 2  ? 4.26140  4.28900  7.15019  1.11267  0.09246  -0.29181 102 DG A N2    
39  N N3    . DG A 2  ? 4.21547  4.19850  6.99465  1.07464  0.17982  -0.27859 102 DG A N3    
40  C C4    . DG A 2  ? 4.23181  4.14501  6.87174  1.07985  0.21612  -0.27808 102 DG A C4    
41  P P     . DC A 3  ? 11.32180 11.37719 14.25103 0.77279  0.32334  -0.17373 103 DC A P     
42  O OP1   . DC A 3  ? 11.26541 11.38122 14.32157 0.72651  0.34465  -0.15224 103 DC A OP1   
43  O OP2   . DC A 3  ? 11.29371 11.27468 14.07817 0.75020  0.33025  -0.16351 103 DC A OP2   
44  O "O5'" . DC A 3  ? 11.31164 11.37112 14.27616 0.77120  0.24365  -0.17978 103 DC A "O5'" 
45  C "C5'" . DC A 3  ? 11.37171 11.48662 14.43648 0.81813  0.22868  -0.19826 103 DC A "C5'" 
46  C "C4'" . DC A 3  ? 11.35287 11.45671 14.43167 0.80453  0.15222  -0.20282 103 DC A "C4'" 
47  O "O4'" . DC A 3  ? 11.43181 11.49591 14.41353 0.86768  0.13922  -0.22562 103 DC A "O4'" 
48  C "C3'" . DC A 3  ? 11.25182 11.31547 14.29332 0.72508  0.10782  -0.18348 103 DC A "C3'" 
49  O "O3'" . DC A 3  ? 11.19378 11.29155 14.35987 0.67120  0.06379  -0.17200 103 DC A "O3'" 
50  C "C2'" . DC A 3  ? 11.27772 11.28880 14.20372 0.74883  0.06848  -0.20079 103 DC A "C2'" 
51  C "C1'" . DC A 3  ? 11.38732 11.41501 14.32478 0.83338  0.07531  -0.22560 103 DC A "C1'" 
52  N N1    . DC A 3  ? 2.15691  2.12365  4.95261  0.88359  0.07176  -0.24050 103 DC A N1    
53  C C2    . DC A 3  ? 2.20815  2.16631  4.99616  0.92087  0.02433  -0.25812 103 DC A C2    
54  O O2    . DC A 3  ? 2.20019  2.20328  5.10139  0.91149  -0.01537 -0.26323 103 DC A O2    
55  N N3    . DC A 3  ? 2.26972  2.16561  4.92203  0.96671  0.02314  -0.26808 103 DC A N3    
56  C C4    . DC A 3  ? 2.28116  2.12308  4.80730  0.97494  0.06657  -0.26201 103 DC A C4    
57  N N4    . DC A 3  ? 2.34998  2.12309  4.73769  1.02180  0.06480  -0.27044 103 DC A N4    
58  C C5    . DC A 3  ? 2.22686  2.07884  4.76206  0.93514  0.11297  -0.24606 103 DC A C5    
59  C C6    . DC A 3  ? 2.16592  2.08154  4.83803  0.89090  0.11478  -0.23517 103 DC A C6    
60  P P     . DC A 4  ? 5.08674  5.20324  8.32361  0.68277  -0.00022 -0.19089 104 DC A P     
61  O OP1   . DC A 4  ? 5.49879  5.64485  8.74703  0.76659  0.01837  -0.21274 104 DC A OP1   
62  O OP2   . DC A 4  ? 4.99398  5.14350  8.36163  0.62683  -0.02374 -0.17374 104 DC A OP2   
63  O "O5'" . DC A 4  ? 4.82090  4.87999  7.95671  0.65741  -0.05424 -0.20099 104 DC A "O5'" 
64  C "C5'" . DC A 4  ? 4.90050  4.94811  8.00624  0.69918  -0.09516 -0.22719 104 DC A "C5'" 
65  C "C4'" . DC A 4  ? 4.61418  4.60993  7.61081  0.67322  -0.13659 -0.23608 104 DC A "C4'" 
66  O "O4'" . DC A 4  ? 4.65649  4.61108  7.51169  0.71467  -0.10341 -0.23798 104 DC A "O4'" 
67  C "C3'" . DC A 4  ? 4.25348  4.23573  7.25197  0.59347  -0.15676 -0.22050 104 DC A "C3'" 
68  O "O3'" . DC A 4  ? 4.08963  4.07829  7.16999  0.54644  -0.22437 -0.23262 104 DC A "O3'" 
69  C "C2'" . DC A 4  ? 4.08393  4.01966  6.92711  0.59660  -0.14588 -0.21947 104 DC A "C2'" 
70  C "C1'" . DC A 4  ? 4.36948  4.28600  7.13372  0.67548  -0.13245 -0.23785 104 DC A "C1'" 
71  N N1    . DC A 4  ? 4.38012  4.25045  6.99460  0.70918  -0.09003 -0.23222 104 DC A N1    
72  C C2    . DC A 4  ? 4.47107  4.29790  6.97066  0.75556  -0.10598 -0.24868 104 DC A C2    
73  O O2    . DC A 4  ? 4.56944  4.39891  7.09036  0.76493  -0.15524 -0.26757 104 DC A O2    
74  N N3    . DC A 4  ? 4.50617  4.28403  6.87068  0.78682  -0.06763 -0.24258 104 DC A N3    
75  C C4    . DC A 4  ? 4.41462  4.18786  6.75695  0.77410  -0.01586 -0.22396 104 DC A C4    
76  N N4    . DC A 4  ? 4.47850  4.19508  6.68036  0.80624  0.01947  -0.22056 104 DC A N4    
77  C C5    . DC A 4  ? 4.34299  4.16439  6.80400  0.72672  0.00190  -0.20728 104 DC A C5    
78  C C6    . DC A 4  ? 4.33954  4.20693  6.93240  0.69705  -0.03592 -0.21107 104 DC A C6    
79  P P     . DA A 5  ? 5.57427  5.57664  8.71846  0.57297  -0.27507 -0.26027 105 DA A P     
80  O OP1   . DA A 5  ? 5.89686  5.93814  9.11096  0.62968  -0.24825 -0.26037 105 DA A OP1   
81  O OP2   . DA A 5  ? 5.29952  5.30090  8.52314  0.50953  -0.32866 -0.26498 105 DA A OP2   
82  O "O5'" . DA A 5  ? 5.56882  5.53371  8.58701  0.60378  -0.30120 -0.28391 105 DA A "O5'" 
83  C "C5'" . DA A 5  ? 5.70764  5.67495  8.72598  0.65933  -0.32489 -0.30582 105 DA A "C5'" 
84  C "C4'" . DA A 5  ? 5.52339  5.45024  8.43110  0.66601  -0.36362 -0.32712 105 DA A "C4'" 
85  O "O4'" . DA A 5  ? 5.47787  5.37079  8.24983  0.69141  -0.32503 -0.31773 105 DA A "O4'" 
86  C "C3'" . DA A 5  ? 5.21018  5.12352  8.11876  0.60143  -0.41756 -0.34139 105 DA A "C3'" 
87  O "O3'" . DA A 5  ? 5.18390  5.08298  8.07255  0.61681  -0.47240 -0.37121 105 DA A "O3'" 
88  C "C2'" . DA A 5  ? 4.99447  4.88143  7.78885  0.58117  -0.39322 -0.32895 105 DA A "C2'" 
89  C "C1'" . DA A 5  ? 5.16794  5.03408  7.86087  0.64729  -0.34934 -0.32196 105 DA A "C1'" 
90  N N9    . DA A 5  ? 5.10008  4.94987  7.71142  0.64266  -0.29749 -0.29813 105 DA A N9    
91  C C8    . DA A 5  ? 5.08146  4.95061  7.74238  0.61238  -0.25885 -0.27346 105 DA A C8    
92  N N7    . DA A 5  ? 5.01623  4.86250  7.58149  0.61620  -0.21608 -0.25552 105 DA A N7    
93  C C5    . DA A 5  ? 4.99948  4.80638  7.44087  0.65232  -0.22692 -0.26878 105 DA A C5    
94  C C6    . DA A 5  ? 4.94499  4.70869  7.24347  0.67365  -0.19719 -0.25959 105 DA A C6    
95  N N6    . DA A 5  ? 4.87516  4.63068  7.13347  0.65991  -0.14969 -0.23564 105 DA A N6    
96  N N1    . DA A 5  ? 4.95655  4.68253  7.15408  0.70824  -0.21911 -0.27508 105 DA A N1    
97  C C2    . DA A 5  ? 5.01202  4.74727  7.25516  0.71851  -0.26916 -0.29912 105 DA A C2    
98  N N3    . DA A 5  ? 5.05577  4.83135  7.43162  0.70158  -0.30113 -0.31119 105 DA A N3    
99  C C4    . DA A 5  ? 5.05177  4.86094  7.52104  0.66938  -0.27653 -0.29451 105 DA A C4    
100 P P     . DG A 6  ? 7.87015  7.74976  10.73165 0.56597  -0.53252 -0.39670 106 DG A P     
101 O OP1   . DG A 6  ? 7.95568  7.83776  10.87126 0.57723  -0.58664 -0.42428 106 DG A OP1   
102 O OP2   . DG A 6  ? 7.70043  7.58843  10.60948 0.50287  -0.53098 -0.38529 106 DG A OP2   
103 O "O5'" . DG A 6  ? 7.70251  7.54703  10.40634 0.58776  -0.52546 -0.40073 106 DG A "O5'" 
104 C "C5'" . DG A 6  ? 7.82633  7.65070  10.45536 0.65198  -0.51581 -0.40400 106 DG A "C5'" 
105 C "C4'" . DG A 6  ? 7.67833  7.46465  10.15678 0.66124  -0.50758 -0.40340 106 DG A "C4'" 
106 O "O4'" . DG A 6  ? 7.68761  7.46679  10.11025 0.66451  -0.44642 -0.37380 106 DG A "O4'" 
107 C "C3'" . DG A 6  ? 7.35891  7.13760  9.79952  0.61101  -0.55206 -0.42293 106 DG A "C3'" 
108 O "O3'" . DG A 6  ? 7.31210  7.05649  9.63084  0.63594  -0.56856 -0.43514 106 DG A "O3'" 
109 C "C2'" . DG A 6  ? 7.20070  6.98717  9.62870  0.57260  -0.51533 -0.39895 106 DG A "C2'" 
110 C "C1'" . DG A 6  ? 7.39816  7.16898  9.76054  0.61856  -0.45209 -0.37115 106 DG A "C1'" 
111 N N9    . DG A 6  ? 7.36469  7.15033  9.75273  0.59290  -0.40505 -0.34221 106 DG A N9    
112 C C8    . DG A 6  ? 7.42645  7.24583  9.93925  0.56296  -0.39715 -0.33177 106 DG A C8    
113 N N7    . DG A 6  ? 7.38605  7.21118  9.89602  0.54247  -0.35349 -0.30401 106 DG A N7    
114 C C5    . DG A 6  ? 7.29078  7.08359  9.66271  0.56028  -0.33055 -0.29599 106 DG A C5    
115 C C6    . DG A 6  ? 7.20810  6.98962  9.51356  0.55034  -0.28337 -0.26818 106 DG A C6    
116 O O6    . DG A 6  ? 7.19342  6.99360  9.55303  0.52250  -0.25151 -0.24415 106 DG A O6    
117 N N1    . DG A 6  ? 7.13752  6.87893  9.29738  0.57762  -0.27363 -0.26830 106 DG A N1    
118 C C2    . DG A 6  ? 7.14647  6.86244  9.23617  0.60745  -0.30645 -0.29123 106 DG A C2    
119 N N2    . DG A 6  ? 7.07828  6.75222  9.02581  0.62860  -0.29056 -0.28498 106 DG A N2    
120 N N3    . DG A 6  ? 7.22113  6.94909  9.37456  0.61622  -0.35146 -0.31730 106 DG A N3    
121 C C4    . DG A 6  ? 7.28331  7.05020  9.57693  0.59127  -0.36156 -0.31880 106 DG A C4    
122 P P     . DC A 7  ? 6.26156  5.99715  8.52051  0.59554  -0.61363 -0.45844 107 DC A P     
123 O OP1   . DC A 7  ? 6.30548  6.00763  8.46228  0.62985  -0.63823 -0.47428 107 DC A OP1   
124 O OP2   . DC A 7  ? 6.13892  5.90163  8.50966  0.54822  -0.65656 -0.47946 107 DC A OP2   
125 O "O5'" . DC A 7  ? 6.07612  5.80819  8.26603  0.57316  -0.57039 -0.43255 107 DC A "O5'" 
126 C "C5'" . DC A 7  ? 6.17397  5.87874  8.26322  0.61005  -0.51764 -0.40593 107 DC A "C5'" 
127 C "C4'" . DC A 7  ? 5.94711  5.65630  8.00017  0.57813  -0.48115 -0.38111 107 DC A "C4'" 
128 O "O4'" . DC A 7  ? 5.99429  5.73381  8.15465  0.55527  -0.45404 -0.36244 107 DC A "O4'" 
129 C "C3'" . DC A 7  ? 5.63885  5.35813  7.67417  0.53100  -0.51643 -0.39531 107 DC A "C3'" 
130 O "O3'" . DC A 7  ? 5.49089  5.18230  7.39005  0.54070  -0.49455 -0.38216 107 DC A "O3'" 
131 C "C2'" . DC A 7  ? 5.53808  5.29210  7.68388  0.48249  -0.50638 -0.38132 107 DC A "C2'" 
132 C "C1'" . DC A 7  ? 5.73255  5.48669  7.90064  0.50642  -0.44994 -0.35082 107 DC A "C1'" 
133 N N1    . DC A 7  ? 5.78273  5.57050  8.08782  0.47253  -0.43676 -0.33561 107 DC A N1    
134 C C2    . DC A 7  ? 5.73554  5.53113  8.04384  0.45012  -0.39254 -0.30247 107 DC A C2    
135 O O2    . DC A 7  ? 5.63304  5.41089  7.83908  0.45300  -0.37012 -0.28857 107 DC A O2    
136 N N3    . DC A 7  ? 5.78628  5.60908  8.21558  0.41926  -0.38217 -0.28722 107 DC A N3    
137 C C4    . DC A 7  ? 5.89211  5.73194  8.43212  0.41430  -0.41032 -0.30293 107 DC A C4    
138 N N4    . DC A 7  ? 5.95035  5.81330  8.60546  0.38396  -0.39804 -0.28472 107 DC A N4    
139 C C5    . DC A 7  ? 5.94652  5.77885  8.48454  0.43931  -0.45374 -0.33679 107 DC A C5    
140 C C6    . DC A 7  ? 5.88415  5.69105  8.30460  0.46764  -0.46545 -0.35182 107 DC A C6    
141 P P     . DC A 8  ? 5.20096  4.85242  6.97436  0.57720  -0.51478 -0.39781 108 DC A P     
142 O OP1   . DC A 8  ? 5.46949  5.10320  7.25764  0.62351  -0.51933 -0.40550 108 DC A OP1   
143 O OP2   . DC A 8  ? 4.94801  4.61193  6.71121  0.54447  -0.56713 -0.42637 108 DC A OP2   
144 O "O5'" . DC A 8  ? 5.19304  4.80973  6.83454  0.59328  -0.46189 -0.36598 108 DC A "O5'" 
145 C "C5'" . DC A 8  ? 4.93077  4.55409  6.52048  0.55952  -0.46138 -0.35932 108 DC A "C5'" 
146 C "C4'" . DC A 8  ? 4.92582  4.52221  6.42773  0.57103  -0.39948 -0.32135 108 DC A "C4'" 
147 O "O4'" . DC A 8  ? 5.14450  4.73866  6.69586  0.59146  -0.35592 -0.30132 108 DC A "O4'" 
148 C "C3'" . DC A 8  ? 4.64078  4.26204  6.15127  0.52743  -0.38760 -0.30462 108 DC A "C3'" 
149 O "O3'" . DC A 8  ? 4.46059  4.06623  5.86759  0.52204  -0.40082 -0.30871 108 DC A "O3'" 
150 C "C2'" . DC A 8  ? 4.73817  4.34138  6.22170  0.54123  -0.32377 -0.26771 108 DC A "C2'" 
151 C "C1'" . DC A 8  ? 5.02791  4.63825  6.59904  0.56355  -0.31854 -0.27354 108 DC A "C1'" 
152 N N1    . DC A 8  ? 4.99144  4.65526  6.71891  0.52217  -0.33795 -0.27876 108 DC A N1    
153 C C2    . DC A 8  ? 4.90679  4.59346  6.68780  0.48948  -0.30739 -0.25192 108 DC A C2    
154 O O2    . DC A 8  ? 4.85126  4.51621  6.54907  0.49534  -0.26468 -0.22525 108 DC A O2    
155 N N3    . DC A 8  ? 4.89597  4.62449  6.81862  0.45083  -0.32665 -0.25515 108 DC A N3    
156 C C4    . DC A 8  ? 4.94721  4.69223  6.95040  0.44523  -0.37293 -0.28473 108 DC A C4    
157 N N4    . DC A 8  ? 4.94261  4.72110  7.08083  0.40678  -0.38997 -0.28581 108 DC A N4    
158 C C5    . DC A 8  ? 5.02713  4.75187  6.97772  0.47821  -0.40451 -0.31346 108 DC A C5    
159 C C6    . DC A 8  ? 5.04793  4.73393  6.86422  0.51488  -0.38655 -0.30886 108 DC A C6    
160 P P     . DT A 9  ? 6.06512  5.70903  7.51202  0.47406  -0.42757 -0.31597 109 DT A P     
161 O OP1   . DT A 9  ? 5.93080  5.55232  7.25543  0.48044  -0.43779 -0.32117 109 DT A OP1   
162 O OP2   . DT A 9  ? 6.03227  5.71574  7.61848  0.44718  -0.47106 -0.34316 109 DT A OP2   
163 O "O5'" . DT A 9  ? 5.99416  5.64792  7.45839  0.45395  -0.37890 -0.27702 109 DT A "O5'" 
164 C "C5'" . DT A 9  ? 6.03111  5.64521  7.38364  0.47852  -0.32732 -0.24606 109 DT A "C5'" 
165 C "C4'" . DT A 9  ? 6.03104  5.66181  7.44247  0.45934  -0.28726 -0.21474 109 DT A "C4'" 
166 O "O4'" . DT A 9  ? 6.18498  5.84237  7.72448  0.45401  -0.29465 -0.22276 109 DT A "O4'" 
167 C "C3'" . DT A 9  ? 5.76013  5.42920  7.22944  0.41203  -0.29723 -0.20434 109 DT A "C3'" 
168 O "O3'" . DT A 9  ? 5.64658  5.29189  7.00228  0.41461  -0.26770 -0.17971 109 DT A "O3'" 
169 C "C2'" . DT A 9  ? 5.80786  5.50754  7.40293  0.38688  -0.27825 -0.18520 109 DT A "C2'" 
170 C "C1'" . DT A 9  ? 6.09719  5.79215  7.74134  0.41268  -0.28441 -0.20338 109 DT A "C1'" 
171 N N1    . DT A 9  ? 6.13484  5.86832  7.92479  0.38489  -0.32742 -0.22635 109 DT A N1    
172 C C2    . DT A 9  ? 6.08825  5.85545  7.99710  0.34327  -0.32443 -0.20964 109 DT A C2    
173 O O2    . DT A 9  ? 5.99723  5.76983  7.90442  0.32611  -0.28963 -0.17641 109 DT A O2    
174 N N3    . DT A 9  ? 6.14466  5.93632  8.17656  0.32181  -0.36384 -0.23170 109 DT A N3    
175 C C4    . DT A 9  ? 6.22572  6.01414  8.27379  0.33706  -0.40619 -0.26969 109 DT A C4    
176 O O4    . DT A 9  ? 6.26520  6.07317  8.42583  0.31530  -0.44007 -0.28772 109 DT A O4    
177 C C5    . DT A 9  ? 6.24930  6.00665  8.17310  0.37953  -0.40877 -0.28537 109 DT A C5    
178 C C7    . DT A 9  ? 6.30776  6.06047  8.24071  0.39662  -0.45636 -0.32520 109 DT A C7    
179 C C6    . DT A 9  ? 6.20981  5.93998  8.01138  0.40153  -0.36937 -0.26255 109 DT A C6    
180 P P     . DG A 10 ? 4.61327  4.24573  5.86992  0.41695  -0.29145 -0.19292 110 DG A P     
181 O OP1   . DG A 10 ? 4.46543  4.07982  5.63693  0.41263  -0.25232 -0.15861 110 DG A OP1   
182 O OP2   . DG A 10 ? 4.76818  4.37096  5.95407  0.44953  -0.31506 -0.22061 110 DG A OP2   
183 O "O5'" . DG A 10 ? 4.41690  4.09972  5.78846  0.37670  -0.33769 -0.21345 110 DG A "O5'" 
184 C "C5'" . DG A 10 ? 4.16903  3.87044  5.55365  0.34886  -0.33067 -0.19441 110 DG A "C5'" 
185 C "C4'" . DG A 10 ? 4.11021  3.83953  5.60856  0.31927  -0.31135 -0.16801 110 DG A "C4'" 
186 O "O4'" . DG A 10 ? 4.30106  4.03783  5.88442  0.32341  -0.31759 -0.17989 110 DG A "O4'" 
187 C "C3'" . DG A 10 ? 3.89375  3.66041  5.50204  0.27899  -0.34003 -0.17106 110 DG A "C3'" 
188 O "O3'" . DG A 10 ? 3.76102  3.54404  5.41998  0.25302  -0.31259 -0.13315 110 DG A "O3'" 
189 C "C2'" . DG A 10 ? 3.99484  3.77986  5.72198  0.26844  -0.37694 -0.20082 110 DG A "C2'" 
190 C "C1'" . DG A 10 ? 4.21660  3.99069  5.94579  0.28621  -0.34790 -0.18871 110 DG A "C1'" 
191 N N9    . DG A 10 ? 4.39810  4.17683  6.19392  0.29350  -0.37929 -0.22085 110 DG A N9    
192 C C8    . DG A 10 ? 4.54176  4.29927  6.27926  0.32795  -0.39483 -0.24859 110 DG A C8    
193 N N7    . DG A 10 ? 4.68556  4.45653  6.51920  0.32348  -0.42492 -0.27290 110 DG A N7    
194 C C5    . DG A 10 ? 4.64534  4.44515  6.60389  0.28316  -0.42937 -0.26074 110 DG A C5    
195 C C6    . DG A 10 ? 4.75338  4.57408  6.85161  0.25921  -0.45743 -0.27453 110 DG A C6    
196 O O6    . DG A 10 ? 4.90616  4.72701  7.05090  0.26879  -0.48547 -0.30258 110 DG A O6    
197 N N1    . DG A 10 ? 4.65639  4.49774  6.84816  0.21946  -0.45187 -0.25016 110 DG A N1    
198 C C2    . DG A 10 ? 4.46277  4.30741  6.62023  0.20490  -0.42379 -0.21664 110 DG A C2    
199 N N2    . DG A 10 ? 4.36995  4.23480  6.63469  0.16585  -0.42485 -0.19362 110 DG A N2    
200 N N3    . DG A 10 ? 4.35581  4.18344  6.38513  0.22670  -0.39797 -0.20492 110 DG A N3    
201 C C4    . DG A 10 ? 4.46314  4.26784  6.39852  0.26490  -0.40207 -0.22823 110 DG A C4    
202 P P     . DT A 11 ? 4.58071  4.37060  6.20544  0.23599  -0.30656 -0.11128 111 DT A P     
203 O OP1   . DT A 11 ? 4.55422  4.35587  6.20628  0.21489  -0.26841 -0.06393 111 DT A OP1   
204 O OP2   . DT A 11 ? 4.59917  4.35878  6.07800  0.26796  -0.30793 -0.12754 111 DT A OP2   
205 O "O5'" . DT A 11 ? 4.42681  4.24418  6.17545  0.20652  -0.35163 -0.13192 111 DT A "O5'" 
206 C "C5'" . DT A 11 ? 4.45453  4.28599  6.32124  0.19279  -0.37470 -0.14857 111 DT A "C5'" 
207 C "C4'" . DT A 11 ? 4.39492  4.25179  6.39539  0.15268  -0.37493 -0.12047 111 DT A "C4'" 
208 O "O4'" . DT A 11 ? 4.56705  4.43310  6.67718  0.14219  -0.39407 -0.13589 111 DT A "O4'" 
209 C "C3'" . DT A 11 ? 4.25965  4.12454  6.31260  0.13566  -0.40840 -0.13302 111 DT A "C3'" 
210 O "O3'" . DT A 11 ? 4.17924  4.06343  6.34709  0.09856  -0.40749 -0.09823 111 DT A "O3'" 
211 C "C2'" . DT A 11 ? 4.38446  4.24690  6.48831  0.14264  -0.45133 -0.18226 111 DT A "C2'" 
212 C "C1'" . DT A 11 ? 4.56407  4.43416  6.74582  0.13277  -0.44244 -0.17206 111 DT A "C1'" 
213 N N1    . DT A 11 ? 4.77229  4.63393  6.94695  0.15358  -0.46646 -0.21293 111 DT A N1    
214 C C2    . DT A 11 ? 4.89124  4.76254  7.18694  0.13699  -0.49248 -0.22755 111 DT A C2    
215 O O2    . DT A 11 ? 4.82933  4.71442  7.23891  0.10522  -0.49561 -0.20640 111 DT A O2    
216 N N3    . DT A 11 ? 5.07669  4.93992  7.35703  0.15859  -0.51553 -0.26540 111 DT A N3    
217 C C4    . DT A 11 ? 5.13690  4.98349  7.29709  0.19390  -0.51723 -0.28876 111 DT A C4    
218 O O4    . DT A 11 ? 5.28602  5.12691  7.44608  0.21071  -0.54130 -0.32042 111 DT A O4    
219 C C5    . DT A 11 ? 5.00435  4.83941  7.04071  0.20930  -0.49010 -0.27144 111 DT A C5    
220 C C7    . DT A 11 ? 5.05013  4.86332  6.95164  0.24653  -0.49182 -0.29216 111 DT A C7    
221 C C6    . DT A 11 ? 4.83628  4.67942  6.88457  0.18885  -0.46622 -0.23584 111 DT A C6    
222 P P     . DA A 12 ? 4.18375  4.07094  6.35404  0.08747  -0.41467 -0.08369 112 DA A P     
223 O OP1   . DA A 12 ? 4.08104  3.97837  6.22450  0.07348  -0.37532 -0.02868 112 DA A OP1   
224 O OP2   . DA A 12 ? 4.13831  4.00869  6.20208  0.11827  -0.42869 -0.12161 112 DA A OP2   
225 O "O5'" . DA A 12 ? 4.25057  4.14812  6.58455  0.05811  -0.45235 -0.08836 112 DA A "O5'" 
226 C "C5'" . DA A 12 ? 4.29723  4.20951  6.75449  0.02827  -0.45278 -0.06405 112 DA A "C5'" 
227 C "C4'" . DA A 12 ? 4.31520  4.22507  6.88941  0.01861  -0.49964 -0.09777 112 DA A "C4'" 
228 O "O4'" . DA A 12 ? 4.45895  4.36297  7.01580  0.03586  -0.51145 -0.13750 112 DA A "O4'" 
229 C "C3'" . DA A 12 ? 4.21757  4.11549  6.77645  0.03375  -0.52881 -0.13090 112 DA A "C3'" 
230 O "O3'" . DA A 12 ? 4.14530  4.04371  6.79064  0.01925  -0.54193 -0.10806 112 DA A "O3'" 
231 C "C2'" . DA A 12 ? 4.32994  4.21937  6.89539  0.05173  -0.56446 -0.19017 112 DA A "C2'" 
232 C "C1'" . DA A 12 ? 4.48608  4.38057  7.06376  0.04850  -0.55485 -0.18945 112 DA A "C1'" 
233 N N9    . DA A 12 ? 4.60221  4.48673  7.07185  0.08123  -0.55776 -0.22884 112 DA A N9    
234 C C8    . DA A 12 ? 4.51828  4.39397  6.84949  0.10689  -0.53725 -0.23106 112 DA A C8    
235 N N7    . DA A 12 ? 4.64498  4.51139  6.90146  0.13375  -0.54975 -0.26865 112 DA A N7    
236 C C5    . DA A 12 ? 4.82297  4.69347  7.17607  0.12547  -0.58178 -0.29533 112 DA A C5    
237 C C6    . DA A 12 ? 4.99911  4.86490  7.34008  0.14291  -0.60942 -0.33760 112 DA A C6    
238 N N6    . DA A 12 ? 5.02106  4.87612  7.24271  0.17315  -0.60905 -0.35902 112 DA A N6    
239 N N1    . DA A 12 ? 5.14588  5.01749  7.60243  0.12780  -0.63920 -0.35534 112 DA A N1    
240 C C2    . DA A 12 ? 5.12575  5.00593  7.70233  0.09712  -0.64157 -0.33159 112 DA A C2    
241 N N3    . DA A 12 ? 4.96058  4.84581  7.56386  0.07765  -0.61842 -0.28953 112 DA A N3    
242 C C4    . DA A 12 ? 4.80932  4.69005  7.29550  0.09335  -0.58833 -0.27327 112 DA A C4    
243 P P     . DC A 13 ? 3.89423  3.79081  6.64229  0.01184  -0.56105 -0.09925 113 DC A P     
244 O OP1   . DC A 13 ? 3.95118  3.85920  6.70126  -0.00343 -0.52758 -0.04351 113 DC A OP1   
245 O OP2   . DC A 13 ? 3.83376  3.72146  6.65127  0.01482  -0.59327 -0.11263 113 DC A OP2   
246 O "O5'" . DC A 13 ? 4.04084  3.93256  6.80448  0.02332  -0.58690 -0.15125 113 DC A "O5'" 
247 C "C5'" . DC A 13 ? 4.19697  4.09260  7.00159  0.01618  -0.58133 -0.13695 113 DC A "C5'" 
248 C "C4'" . DC A 13 ? 4.34891  4.23608  7.23360  0.02138  -0.62244 -0.17065 113 DC A "C4'" 
249 O "O4'" . DC A 13 ? 4.49612  4.37927  7.35354  0.03788  -0.64576 -0.22789 113 DC A "O4'" 
250 C "C3'" . DC A 13 ? 4.26209  4.14099  7.20429  0.02404  -0.65177 -0.18148 113 DC A "C3'" 
251 O "O3'" . DC A 13 ? 4.39671  4.27044  7.43008  0.02121  -0.67865 -0.18507 113 DC A "O3'" 
252 C "C2'" . DC A 13 ? 4.26298  4.13671  7.16113  0.04348  -0.67531 -0.24137 113 DC A "C2'" 
253 C "C1'" . DC A 13 ? 4.46346  4.33876  7.33411  0.05126  -0.68139 -0.27190 113 DC A "C1'" 
254 N N1    . DC A 13 ? 4.43599  4.31179  7.21758  0.06648  -0.68410 -0.30925 113 DC A N1    
255 C C2    . DC A 13 ? 4.60323  4.47693  7.36294  0.08285  -0.71180 -0.36065 113 DC A C2    
256 O O2    . DC A 13 ? 4.77415  4.64540  7.59274  0.08449  -0.73400 -0.37694 113 DC A O2    
257 N N3    . DC A 13 ? 4.56607  4.44033  7.23662  0.09733  -0.71547 -0.39059 113 DC A N3    
258 C C4    . DC A 13 ? 4.39425  4.26712  6.97211  0.10415  -0.68288 -0.36580 113 DC A C4    
259 N N4    . DC A 13 ? 4.38532  4.25270  6.83471  0.13175  -0.67726 -0.38744 113 DC A N4    
260 C C5    . DC A 13 ? 4.22066  4.09660  6.82749  0.08527  -0.65541 -0.31578 113 DC A C5    
261 C C6    . DC A 13 ? 4.23856  4.11718  6.95451  0.06452  -0.65942 -0.28990 113 DC A C6    
262 P P     . DG A 14 ? 5.60089  5.46912  8.72676  0.01309  -0.69626 -0.15789 114 DG A P     
263 O OP1   . DG A 14 ? 5.44346  5.32097  8.55550  -0.00464 -0.66142 -0.09012 114 DG A OP1   
264 O OP2   . DG A 14 ? 5.57566  5.43663  8.70915  0.02700  -0.71979 -0.19688 114 DG A OP2   
265 O "O5'" . DG A 14 ? 5.77790  5.63992  8.99813  0.01187  -0.72888 -0.16943 114 DG A "O5'" 
266 C "C5'" . DG A 14 ? 5.85776  5.70957  9.13529  0.02675  -0.77299 -0.22419 114 DG A "C5'" 
267 C "C4'" . DG A 14 ? 6.11788  5.96869  9.40651  0.03155  -0.78882 -0.25257 114 DG A "C4'" 
268 O "O4'" . DG A 14 ? 6.17414  6.03078  9.36571  0.04093  -0.77274 -0.28025 114 DG A "O4'" 
269 C "C3'" . DG A 14 ? 6.29076  6.13172  9.65402  0.04561  -0.83756 -0.30345 114 DG A "C3'" 
270 O "O3'" . DG A 14 ? 6.49331  6.33244  9.89673  0.04307  -0.85219 -0.30756 114 DG A "O3'" 
271 C "C2'" . DG A 14 ? 6.32238  6.16541  9.60862  0.06498  -0.84338 -0.35814 114 DG A "C2'" 
272 C "C1'" . DG A 14 ? 6.27221  6.12441  9.45279  0.06075  -0.80462 -0.34183 114 DG A "C1'" 
273 N N9    . DG A 14 ? 6.14168  5.99724  9.24061  0.06849  -0.78986 -0.35321 114 DG A N9    
274 C C8    . DG A 14 ? 5.96165  5.81755  9.05807  0.06176  -0.77319 -0.32343 114 DG A C8    
275 N N7    . DG A 14 ? 5.88805  5.74643  8.90794  0.07089  -0.76424 -0.34091 114 DG A N7    
276 C C5    . DG A 14 ? 6.01028  5.87041  8.97404  0.08523  -0.77659 -0.38532 114 DG A C5    
277 C C6    . DG A 14 ? 5.98736  5.85036  8.85731  0.09979  -0.77633 -0.41773 114 DG A C6    
278 O O6    . DG A 14 ? 5.86563  5.72999  8.68360  0.10209  -0.76322 -0.41308 114 DG A O6    
279 N N1    . DG A 14 ? 6.11480  5.97884  8.95171  0.11260  -0.79464 -0.45654 114 DG A N1    
280 C C2    . DG A 14 ? 6.25542  6.11772  9.14794  0.11094  -0.81053 -0.46358 114 DG A C2    
281 N N2    . DG A 14 ? 6.34660  6.21005  9.19448  0.12520  -0.82791 -0.50150 114 DG A N2    
282 N N3    . DG A 14 ? 6.29556  6.15485  9.27928  0.09636  -0.81001 -0.43285 114 DG A N3    
283 C C4    . DG A 14 ? 6.16451  6.02294  9.17743  0.08433  -0.79305 -0.39448 114 DG A C4    
284 P P     . DG A 15 ? 5.77068  5.60498  9.19101  0.06154  -0.89119 -0.37127 115 DG A P     
285 O OP1   . DG A 15 ? 5.85994  5.69108  9.34153  0.05354  -0.90443 -0.35835 115 DG A OP1   
286 O OP2   . DG A 15 ? 5.77489  5.60279  9.24374  0.07651  -0.92512 -0.41141 115 DG A OP2   
287 O "O5'" . DG A 15 ? 5.78582  5.62834  9.09079  0.07011  -0.86965 -0.39397 115 DG A "O5'" 
288 C "C5'" . DG A 15 ? 5.92272  5.76448  9.21015  0.08582  -0.89505 -0.44407 115 DG A "C5'" 
289 C "C4'" . DG A 15 ? 5.90504  5.74709  9.15594  0.10595  -0.91537 -0.49463 115 DG A "C4'" 
290 O "O4'" . DG A 15 ? 5.71442  5.55960  8.91819  0.10338  -0.89073 -0.47689 115 DG A "O4'" 
291 C "C3'" . DG A 15 ? 6.03416  5.86942  9.37740  0.11696  -0.95805 -0.52892 115 DG A "C3'" 
292 O "O3'" . DG A 15 ? 6.20061  6.03456  9.56032  0.13113  -0.99163 -0.57390 115 DG A "O3'" 
293 C "C2'" . DG A 15 ? 5.90730  5.74518  9.21894  0.12937  -0.95936 -0.55303 115 DG A "C2'" 
294 C "C1'" . DG A 15 ? 5.73056  5.57523  8.93171  0.12203  -0.91647 -0.52428 115 DG A "C1'" 
295 N N9    . DG A 15 ? 5.55213  5.39735  8.74229  0.11963  -0.90091 -0.50813 115 DG A N9    
296 C C8    . DG A 15 ? 5.47193  5.31168  8.74642  0.10926  -0.90137 -0.47767 115 DG A C8    
297 N N7    . DG A 15 ? 5.29284  5.13424  8.53806  0.11072  -0.88767 -0.47115 115 DG A N7    
298 C C5    . DG A 15 ? 5.27051  5.11893  8.40233  0.12355  -0.87910 -0.50165 115 DG A C5    
299 C C6    . DG A 15 ? 5.11608  4.96895  8.16818  0.13119  -0.86505 -0.51061 115 DG A C6    
300 O O6    . DG A 15 ? 4.95922  4.81093  8.02667  0.12774  -0.85536 -0.49309 115 DG A O6    
301 N N1    . DG A 15 ? 5.15136  5.01018  8.09693  0.14448  -0.86431 -0.54216 115 DG A N1    
302 C C2    . DG A 15 ? 5.30212  5.16227  8.22488  0.14960  -0.87525 -0.56133 115 DG A C2    
303 N N2    . DG A 15 ? 5.30272  5.16790  8.12068  0.16385  -0.87603 -0.58931 115 DG A N2    
304 N N3    . DG A 15 ? 5.44092  5.29714  8.44002  0.14218  -0.88721 -0.55371 115 DG A N3    
305 C C4    . DG A 15 ? 5.42324  5.27385  8.52207  0.12935  -0.88825 -0.52409 115 DG A C4    
306 P P     . DA A 16 ? 5.48874  5.32868  8.75314  0.14159  -0.98852 -0.60014 116 DA A P     
307 O OP1   . DA A 16 ? 5.45824  5.29895  8.70682  0.12522  -0.96136 -0.55952 116 DA A OP1   
308 O OP2   . DA A 16 ? 5.69169  5.52959  8.99440  0.15901  -1.03103 -0.65037 116 DA A OP2   
309 O "O5'" . DA A 16 ? 5.34693  5.19415  8.50520  0.15289  -0.97225 -0.61684 116 DA A "O5'" 
310 C "C5'" . DA A 16 ? 5.32110  5.17328  8.37725  0.15411  -0.94994 -0.61200 116 DA A "C5'" 
311 C "C4'" . DA A 16 ? 5.30722  5.16417  8.28125  0.17739  -0.96831 -0.66153 116 DA A "C4'" 
312 O "O4'" . DA A 16 ? 5.13906  5.00020  8.05721  0.18347  -0.95654 -0.66608 116 DA A "O4'" 
313 C "C3'" . DA A 16 ? 5.49345  5.35042  8.50996  0.19516  -1.00992 -0.71080 116 DA A "C3'" 
314 O "O3'" . DA A 16 ? 5.54759  5.40915  8.47865  0.21354  -1.02240 -0.74550 116 DA A "O3'" 
315 C "C2'" . DA A 16 ? 5.44472  5.30376  8.49508  0.20154  -1.01723 -0.72548 116 DA A "C2'" 
316 C "C1'" . DA A 16 ? 5.22864  5.09213  8.18021  0.20019  -0.98630 -0.70876 116 DA A "C1'" 
317 N N9    . DA A 16 ? 5.13320  4.99574  8.12348  0.19351  -0.97497 -0.69168 116 DA A N9    
318 C C8    . DA A 16 ? 5.12717  4.98286  8.21829  0.17727  -0.97140 -0.65920 116 DA A C8    
319 N N7    . DA A 16 ? 5.02550  4.88065  8.13779  0.17463  -0.96253 -0.64772 116 DA A N7    
320 C C5    . DA A 16 ? 4.96127  4.82419  7.97650  0.19001  -0.95860 -0.67556 116 DA A C5    
321 C C6    . DA A 16 ? 4.84125  4.70766  7.82712  0.19534  -0.94919 -0.67932 116 DA A C6    
322 N N6    . DA A 16 ? 4.75008  4.61147  7.81237  0.18473  -0.94209 -0.65277 116 DA A N6    
323 N N1    . DA A 16 ? 4.81532  4.69022  7.69250  0.21243  -0.94887 -0.70986 116 DA A N1    
324 C C2    . DA A 16 ? 4.90038  4.77902  7.70537  0.22320  -0.95803 -0.73247 116 DA A C2    
325 N N3    . DA A 16 ? 5.00626  4.88132  7.83562  0.21907  -0.96745 -0.73054 116 DA A N3    
326 C C4    . DA A 16 ? 5.03153  4.89913  7.96738  0.20207  -0.96657 -0.70218 116 DA A C4    
327 P P     . DC A 17 ? 8.18397  8.04952  11.13127 0.23667  -1.06323 -0.80161 117 DC A P     
328 O OP1   . DC A 17 ? 8.25831  8.12553  11.12215 0.24958  -1.07217 -0.82100 117 DC A OP1   
329 O OP2   . DC A 17 ? 8.33038  8.19031  11.40056 0.23125  -1.08553 -0.80446 117 DC A OP2   
330 O "O5'" . DC A 17 ? 8.14538  8.01944  11.06235 0.25064  -1.06434 -0.82655 117 DC A "O5'" 
331 C "C5'" . DC A 17 ? 7.98175  7.86098  10.78403 0.25685  -1.04484 -0.82412 117 DC A "C5'" 
332 C "C4'" . DC A 17 ? 7.98691  7.87466  10.78363 0.26923  -1.04811 -0.84819 117 DC A "C4'" 
333 O "O4'" . DC A 17 ? 7.86183  7.74457  10.73758 0.25290  -1.03372 -0.81933 117 DC A "O4'" 
334 C "C3'" . DC A 17 ? 8.25886  8.15620  11.10579 0.29189  -1.08493 -0.90476 117 DC A "C3'" 
335 O "O3'" . DC A 17 ? 8.29319  8.20361  11.06747 0.31072  -1.08488 -0.93378 117 DC A "O3'" 
336 C "C2'" . DC A 17 ? 8.27576  8.16800  11.26032 0.28258  -1.09338 -0.89990 117 DC A "C2'" 
337 C "C1'" . DC A 17 ? 8.00845  7.89731  10.95572 0.26743  -1.05843 -0.85851 117 DC A "C1'" 
338 N N1    . DC A 17 ? 7.93354  7.81449  10.98835 0.25220  -1.05269 -0.83199 117 DC A N1    
339 C C2    . DC A 17 ? 7.81447  7.69936  10.86867 0.25549  -1.04326 -0.83403 117 DC A C2    
340 O O2    . DC A 17 ? 7.78650  7.68253  10.74904 0.27144  -1.04044 -0.85997 117 DC A O2    
341 N N3    . DC A 17 ? 7.73224  7.60854  10.88555 0.24189  -1.03835 -0.80627 117 DC A N3    
342 C C4    . DC A 17 ? 7.77690  7.64178  11.02282 0.22542  -1.04290 -0.77641 117 DC A C4    
343 N N4    . DC A 17 ? 7.69353  7.54963  11.03655 0.21257  -1.03970 -0.74585 117 DC A N4    
344 C C5    . DC A 17 ? 7.90600  7.76779  11.15012 0.22185  -1.05185 -0.77474 117 DC A C5    
345 C C6    . DC A 17 ? 7.97430  7.84407  11.12379 0.23535  -1.05627 -0.80328 117 DC A C6    
346 P P     . DA A 18 ? 5.96815  5.88550  8.59672  0.32679  -1.08202 -0.94627 118 DA A P     
347 O OP1   . DA A 18 ? 5.75211  5.65872  8.29985  0.31097  -1.05187 -0.89962 118 DA A OP1   
348 O OP2   . DA A 18 ? 6.25209  6.17380  8.89108  0.34215  -1.11209 -0.98107 118 DA A OP2   
349 O "O5'" . DA A 18 ? 5.98151  5.91532  8.56758  0.34574  -1.08240 -0.97736 118 DA A "O5'" 
350 C "C5'" . DA A 18 ? 5.75604  5.68907  8.25801  0.34102  -1.05463 -0.95192 118 DA A "C5'" 
351 C "C4'" . DA A 18 ? 5.67625  5.62370  8.20943  0.35321  -1.05821 -0.98067 118 DA A "C4'" 
352 O "O4'" . DA A 18 ? 5.62263  5.56405  8.29746  0.34080  -1.06314 -0.97582 118 DA A "O4'" 
353 C "C3'" . DA A 18 ? 5.91856  5.88879  8.44987  0.38271  -1.08550 -1.04174 118 DA A "C3'" 
354 O "O3'" . DA A 18 ? 5.77731  5.76277  8.22985  0.39661  -1.07440 -1.05481 118 DA A "O3'" 
355 C "C2'" . DA A 18 ? 6.05699  6.03116  8.75233  0.38511  -1.11129 -1.07409 118 DA A "C2'" 
356 C "C1'" . DA A 18 ? 5.78664  5.73958  8.52386  0.36724  -1.07912 -1.02160 118 DA A "C1'" 
357 N N9    . DA A 18 ? 5.85752  5.79834  8.73911  0.35920  -1.09102 -1.01695 118 DA A N9    
358 C C8    . DA A 18 ? 5.97021  5.90801  8.94527  0.34403  -1.12356 -1.02652 118 DA A C8    
359 N N7    . DA A 18 ? 6.00500  5.92932  9.10379  0.33855  -1.12792 -1.01432 118 DA A N7    
360 C C5    . DA A 18 ? 5.90256  5.81963  8.98645  0.35190  -1.09470 -0.99352 118 DA A C5    
361 C C6    . DA A 18 ? 5.87627  5.77730  9.05581  0.35612  -1.08341 -0.97071 118 DA A C6    
362 N N6    . DA A 18 ? 5.95834  5.84642  9.27213  0.34566  -1.10618 -0.96476 118 DA A N6    
363 N N1    . DA A 18 ? 5.75961  5.65816  8.89228  0.37234  -1.04906 -0.95175 118 DA A N1    
364 C C2    . DA A 18 ? 5.67981  5.59159  8.67830  0.38260  -1.02772 -0.95679 118 DA A C2    
365 N N3    . DA A 18 ? 5.69398  5.62020  8.59294  0.37920  -1.03657 -0.97707 118 DA A N3    
366 C C4    . DA A 18 ? 5.80846  5.73630  8.75860  0.36410  -1.07091 -0.99480 118 DA A C4    
367 P P     . DT A 19 ? 4.63562  4.63891  7.12097  0.42833  -1.06948 -1.09417 119 DT A P     
368 O OP1   . DT A 19 ? 4.49099  4.50179  6.84879  0.43961  -1.04082 -1.08127 119 DT A OP1   
369 O OP2   . DT A 19 ? 5.01096  5.03631  7.56388  0.44748  -1.10820 -1.15650 119 DT A OP2   
370 O "O5'" . DT A 19 ? 4.49240  4.47506  7.08470  0.42314  -1.04699 -1.06412 119 DT A "O5'" 
371 C "C5'" . DT A 19 ? 4.41212  4.39348  6.99025  0.43970  -1.01295 -1.04976 119 DT A "C5'" 
372 C "C4'" . DT A 19 ? 4.63725  4.62224  7.33894  0.46543  -1.02035 -1.08405 119 DT A "C4'" 
373 O "O4'" . DT A 19 ? 4.69750  4.66465  7.52765  0.45020  -1.04135 -1.07712 119 DT A "O4'" 
374 C "C3'" . DT A 19 ? 4.99621  5.01049  7.71013  0.49750  -1.04410 -1.15578 119 DT A "C3'" 
375 O "O3'" . DT A 19 ? 5.02104  5.05485  7.66876  0.52530  -1.01738 -1.16988 119 DT A "O3'" 
376 C "C2'" . DT A 19 ? 5.23612  5.24134  8.10814  0.51025  -1.06376 -1.18219 119 DT A "C2'" 
377 C "C1'" . DT A 19 ? 4.98872  4.96110  7.92077  0.48145  -1.05210 -1.11979 119 DT A "C1'" 
378 N N1    . DT A 19 ? 5.12466  5.08226  8.18651  0.46997  -1.08324 -1.12592 119 DT A N1    
379 C C2    . DT A 19 ? 5.10289  5.03752  8.27519  0.46975  -1.07696 -1.09864 119 DT A C2    
380 O O2    . DT A 19 ? 4.98299  4.90969  8.15385  0.48033  -1.04672 -1.06969 119 DT A O2    
381 N N3    . DT A 19 ? 5.22770  5.14975  8.51570  0.45817  -1.10953 -1.10559 119 DT A N3    
382 C C4    . DT A 19 ? 5.36591  5.29668  8.66899  0.44670  -1.14529 -1.13472 119 DT A C4    
383 O O4    . DT A 19 ? 5.47260  5.39144  8.88558  0.43784  -1.17352 -1.13844 119 DT A O4    
384 C C5    . DT A 19 ? 5.38322  5.33895  8.56850  0.44903  -1.14986 -1.16192 119 DT A C5    
385 C C7    . DT A 19 ? 5.53503  5.50329  8.72894  0.43985  -1.18955 -1.19313 119 DT A C7    
386 C C6    . DT A 19 ? 5.26225  5.22934  8.33318  0.45962  -1.11948 -1.15540 119 DT A C6    
387 P P     . DC A 20 ? 4.89524  4.92346  7.60922  0.55136  -0.98548 -1.16000 120 DC A P     
388 O OP1   . DC A 20 ? 4.68007  4.67416  7.47239  0.53043  -0.97608 -1.10436 120 DC A OP1   
389 O OP2   . DC A 20 ? 4.80091  4.84813  7.40368  0.56672  -0.95281 -1.15227 120 DC A OP2   
390 O "O5'" . DC A 20 ? 5.31797  5.36578  8.13347  0.58893  -1.00522 -1.23198 120 DC A "O5'" 
391 C "C5'" . DC A 20 ? 5.45738  5.50806  8.34783  0.62497  -0.98391 -1.24564 120 DC A "C5'" 
392 C "C4'" . DC A 20 ? 5.30578  5.31942  8.29823  0.61323  -0.97976 -1.19663 120 DC A "C4'" 
393 O "O4'" . DC A 20 ? 5.24510  5.23834  8.28909  0.58028  -1.01397 -1.18829 120 DC A "O4'" 
394 C "C3'" . DC A 20 ? 5.57917  5.58796  8.70380  0.65388  -0.97521 -1.22065 120 DC A "C3'" 
395 O "O3'" . DC A 20 ? 5.36098  5.34822  8.51852  0.65050  -0.95091 -1.15848 120 DC A "O3'" 
396 C "C2'" . DC A 20 ? 5.78846  5.77864  9.02523  0.64598  -1.01550 -1.24656 120 DC A "C2'" 
397 C "C1'" . DC A 20 ? 5.45191  5.42420  8.64195  0.59232  -1.02749 -1.19360 120 DC A "C1'" 
398 N N1    . DC A 20 ? 5.54783  5.51045  8.80600  0.57214  -1.06972 -1.21278 120 DC A N1    
399 C C2    . DC A 20 ? 5.53213  5.46532  8.91417  0.56185  -1.08437 -1.18821 120 DC A C2    
400 O O2    . DC A 20 ? 5.42947  5.34600  8.85958  0.57060  -1.06355 -1.15286 120 DC A O2    
401 N N3    . DC A 20 ? 5.63269  5.55791  9.08267  0.54494  -1.12184 -1.20301 120 DC A N3    
402 C C4    . DC A 20 ? 5.73848  5.68475  9.13551  0.53918  -1.14437 -1.24019 120 DC A C4    
403 N N4    . DC A 20 ? 5.83534  5.77421  9.30481  0.52303  -1.18142 -1.25064 120 DC A N4    
404 C C5    . DC A 20 ? 5.74686  5.72329  9.01485  0.54871  -1.13129 -1.26385 120 DC A C5    
405 C C6    . DC A 20 ? 5.64781  5.63133  8.84952  0.56465  -1.09394 -1.24992 120 DC A C6    
406 P P     . DA A 21 ? 9.87127  9.87493  13.04597 0.69658  -0.91458 -1.15598 121 DA A P     
407 O OP1   . DA A 21 ? 9.45177  9.44545  12.56252 0.67441  -0.88537 -1.07850 121 DA A OP1   
408 O OP2   . DA A 21 ? 10.05722 10.10328 13.17727 0.73164  -0.90610 -1.22282 121 DA A OP2   
409 O "O5'" . DA A 21 ? 10.17214 10.15230 13.52226 0.72480  -0.92852 -1.16455 121 DA A "O5'" 
410 C "C5'" . DA A 21 ? 10.34183 10.28261 13.77630 0.69228  -0.94852 -1.11546 121 DA A "C5'" 
411 C "C4'" . DA A 21 ? 10.61526 10.53527 14.21503 0.72793  -0.96248 -1.12935 121 DA A "C4'" 
412 O "O4'" . DA A 21 ? 10.66933 10.56090 14.35419 0.70244  -1.00272 -1.13631 121 DA A "O4'" 
413 C "C3'" . DA A 21 ? 11.04524 10.98700 14.69416 0.78943  -0.95739 -1.20436 121 DA A "C3'" 
414 O "O3'" . DA A 21 ? 11.23232 11.15668 15.01490 0.82973  -0.95418 -1.19392 121 DA A "O3'" 
415 C "C2'" . DA A 21 ? 11.24236 11.17837 14.92180 0.78198  -0.99402 -1.26421 121 DA A "C2'" 
416 C "C1'" . DA A 21 ? 11.04995 10.94723 14.79170 0.73593  -1.02385 -1.21429 121 DA A "C1'" 
417 N N9    . DA A 21 ? 11.01054 10.91048 14.70849 0.69835  -1.05288 -1.23314 121 DA A N9    
418 C C8    . DA A 21 ? 11.02549 10.95618 14.60164 0.68692  -1.05058 -1.26189 121 DA A C8    
419 N N7    . DA A 21 ? 10.97296 10.90121 14.54003 0.65482  -1.08187 -1.27016 121 DA A N7    
420 C C5    . DA A 21 ? 10.92860 10.82306 14.61711 0.64177  -1.10506 -1.24469 121 DA A C5    
421 C C6    . DA A 21 ? 10.87103 10.75031 14.61400 0.60904  -1.14192 -1.23738 121 DA A C6    
422 N N6    . DA A 21 ? 10.84845 10.74575 14.52672 0.58480  -1.16153 -1.25537 121 DA A N6    
423 N N1    . DA A 21 ? 10.84005 10.68689 14.70884 0.60376  -1.15932 -1.21017 121 DA A N1    
424 C C2    . DA A 21 ? 10.85918 10.68768 14.79646 0.63023  -1.14208 -1.18907 121 DA A C2    
425 N N3    . DA A 21 ? 10.91060 10.75115 14.80942 0.66412  -1.10691 -1.19167 121 DA A N3    
426 C C4    . DA A 21 ? 10.94627 10.82106 14.71772 0.66743  -1.08895 -1.22085 121 DA A C4    
427 P P     . DC B 1  ? 5.55441  2.79149  3.80270  1.42191  -2.35037 -1.07376 119 DC B P     
428 O OP1   . DC B 1  ? 5.42111  2.65712  3.59623  1.39702  -2.29101 -1.05040 119 DC B OP1   
429 O OP2   . DC B 1  ? 5.71446  2.99050  4.01208  1.43191  -2.35324 -1.09585 119 DC B OP2   
430 O "O5'" . DC B 1  ? 5.51394  2.70643  3.75491  1.49289  -2.42138 -1.05738 119 DC B "O5'" 
431 C "C5'" . DC B 1  ? 5.46880  2.67829  3.67084  1.51578  -2.39020 -1.03930 119 DC B "C5'" 
432 C "C4'" . DC B 1  ? 5.50334  2.72630  3.74285  1.53040  -2.41413 -1.05098 119 DC B "C4'" 
433 O "O4'" . DC B 1  ? 5.55772  2.75714  3.79809  1.52735  -2.43192 -1.04827 119 DC B "O4'" 
434 C "C3'" . DC B 1  ? 5.56115  2.79796  3.87454  1.53580  -2.46077 -1.08088 119 DC B "C3'" 
435 O "O3'" . DC B 1  ? 5.55852  2.82125  3.88410  1.55248  -2.45829 -1.08630 119 DC B "O3'" 
436 C "C2'" . DC B 1  ? 5.65194  2.86865  4.00569  1.53238  -2.50435 -1.09383 119 DC B "C2'" 
437 C "C1'" . DC B 1  ? 5.64502  2.83640  3.94700  1.52636  -2.48404 -1.07134 119 DC B "C1'" 
438 N N1    . DC B 1  ? 5.69207  2.84535  3.99178  1.50739  -2.50352 -1.06865 119 DC B N1    
439 C C2    . DC B 1  ? 5.79772  2.93351  4.15368  1.50131  -2.55489 -1.08822 119 DC B C2    
440 O O2    . DC B 1  ? 5.84733  3.00338  4.25599  1.51278  -2.58160 -1.10867 119 DC B O2    
441 N N3    . DC B 1  ? 5.87585  2.97698  4.22829  1.47220  -2.56493 -1.08559 119 DC B N3    
442 C C4    . DC B 1  ? 5.82464  2.90871  4.11979  1.44919  -2.52747 -1.06519 119 DC B C4    
443 N N4    . DC B 1  ? 5.90812  2.97168  4.20374  1.39408  -2.51866 -1.06671 119 DC B N4    
444 C C5    . DC B 1  ? 5.70192  2.79035  3.93557  1.47577  -2.49359 -1.04218 119 DC B C5    
445 C C6    . DC B 1  ? 5.65257  2.78439  3.89391  1.49515  -2.47237 -1.04639 119 DC B C6    
446 P P     . DC B 2  ? 6.72419  4.01051  5.10241  1.55832  -2.48116 -1.10905 120 DC B P     
447 O OP1   . DC B 2  ? 6.67572  3.97373  5.05234  1.57343  -2.48039 -1.10871 120 DC B OP1   
448 O OP2   . DC B 2  ? 6.66704  3.95902  5.02779  1.54995  -2.45852 -1.10554 120 DC B OP2   
449 O "O5'" . DC B 2  ? 6.89646  4.18159  5.35856  1.55635  -2.53948 -1.14047 120 DC B "O5'" 
450 C "C5'" . DC B 2  ? 6.99094  4.26820  5.47692  1.56260  -2.56705 -1.14783 120 DC B "C5'" 
451 C "C4'" . DC B 2  ? 7.14453  4.42377  5.71386  1.55888  -2.61853 -1.17856 120 DC B "C4'" 
452 O "O4'" . DC B 2  ? 7.21609  4.46908  5.78249  1.54396  -2.62721 -1.17554 120 DC B "O4'" 
453 C "C3'" . DC B 2  ? 7.17963  4.48121  5.81077  1.55732  -2.63810 -1.20316 120 DC B "C3'" 
454 O "O3'" . DC B 2  ? 7.33002  4.64759  6.04992  1.55968  -2.68228 -1.23558 120 DC B "O3'" 
455 C "C2'" . DC B 2  ? 7.21261  4.52218  5.84181  1.49704  -2.57869 -1.20811 120 DC B "C2'" 
456 C "C1'" . DC B 2  ? 7.32593  4.60587  5.94866  1.49259  -2.59853 -1.20238 120 DC B "C1'" 
457 N N1    . DC B 2  ? 7.33537  4.60358  5.92239  1.44050  -2.54836 -1.19307 120 DC B N1    
458 C C2    . DC B 2  ? 7.42364  4.67389  6.03098  1.40740  -2.55462 -1.20050 120 DC B C2    
459 O O2    . DC B 2  ? 7.48925  4.73580  6.14491  1.42237  -2.59722 -1.21523 120 DC B O2    
460 N N3    . DC B 2  ? 7.43336  4.66971  6.00428  1.35802  -2.51490 -1.19085 120 DC B N3    
461 C C4    . DC B 2  ? 7.36363  4.60808  5.88177  1.34142  -2.46690 -1.17616 120 DC B C4    
462 N N4    . DC B 2  ? 7.37819  4.60959  5.85955  1.28999  -2.43163 -1.16720 120 DC B N4    
463 C C5    . DC B 2  ? 7.27425  4.54046  5.77354  1.37464  -2.45426 -1.16979 120 DC B C5    
464 C C6    . DC B 2  ? 7.26135  4.53687  5.79611  1.42266  -2.49729 -1.17815 120 DC B C6    
465 P P     . DG B 3  ? 7.08848  4.44296  5.88557  1.55706  -2.69412 -1.26593 121 DG B P     
466 O OP1   . DG B 3  ? 7.07850  4.42844  5.84259  1.58433  -2.70502 -1.25306 121 DG B OP1   
467 O OP2   . DG B 3  ? 7.03561  4.41648  5.83660  1.51081  -2.62634 -1.27362 121 DG B OP2   
468 O "O5'" . DG B 3  ? 7.16556  4.54483  6.07289  1.52487  -2.70478 -1.30792 121 DG B "O5'" 
469 C "C5'" . DG B 3  ? 7.22825  4.59175  6.15231  1.55819  -2.76281 -1.31051 121 DG B "C5'" 
470 C "C4'" . DG B 3  ? 7.29024  4.65706  6.25652  1.51416  -2.74102 -1.32886 121 DG B "C4'" 
471 O "O4'" . DG B 3  ? 7.33799  4.69190  6.25409  1.47310  -2.68695 -1.31349 121 DG B "O4'" 
472 C "C3'" . DG B 3  ? 7.38372  4.79147  6.46509  1.46567  -2.71914 -1.37533 121 DG B "C3'" 
473 O "O3'" . DG B 3  ? 7.55252  4.95328  6.66263  1.45348  -2.73173 -1.38716 121 DG B "O3'" 
474 C "C2'" . DG B 3  ? 7.38845  4.81646  6.47620  1.40009  -2.64155 -1.38507 121 DG B "C2'" 
475 C "C1'" . DG B 3  ? 7.44375  4.83198  6.42703  1.40187  -2.62864 -1.34617 121 DG B "C1'" 
476 N N9    . DG B 3  ? 7.40063  4.79102  6.33047  1.37227  -2.57258 -1.33141 121 DG B N9    
477 C C8    . DG B 3  ? 7.25976  4.65979  6.15839  1.39050  -2.55840 -1.32006 121 DG B C8    
478 N N7    . DG B 3  ? 7.25821  4.65832  6.10503  1.35515  -2.50226 -1.30732 121 DG B N7    
479 C C5    . DG B 3  ? 7.40931  4.79563  6.24984  1.31225  -2.48453 -1.30853 121 DG B C5    
480 C C6    . DG B 3  ? 7.48131  4.86109  6.27437  1.25959  -2.43353 -1.29870 121 DG B C6    
481 O O6    . DG B 3  ? 7.42490  4.81278  6.16947  1.24156  -2.38869 -1.28683 121 DG B O6    
482 N N1    . DG B 3  ? 7.62767  4.98981  6.43223  1.22421  -2.43951 -1.30391 121 DG B N1    
483 C C2    . DG B 3  ? 7.70289  5.05656  6.55878  1.24052  -2.48478 -1.31745 121 DG B C2    
484 N N2    . DG B 3  ? 7.83113  5.16570  6.68972  1.20048  -2.48518 -1.32009 121 DG B N2    
485 N N3    . DG B 3  ? 7.64434  5.00830  6.54546  1.28962  -2.52750 -1.32820 121 DG B N3    
486 C C4    . DG B 3  ? 7.49607  4.87527  6.38689  1.32264  -2.52712 -1.32283 121 DG B C4    
487 P P     . DT B 4  ? 6.54889  3.98629  5.77757  1.42378  -2.73148 -1.43412 122 DT B P     
488 O OP1   . DT B 4  ? 6.65574  4.07685  5.88986  1.44714  -2.77393 -1.43546 122 DT B OP1   
489 O OP2   . DT B 4  ? 6.48222  3.94701  5.76673  1.44271  -2.74856 -1.45118 122 DT B OP2   
490 O "O5'" . DT B 4  ? 6.65862  4.11761  5.92119  1.33800  -2.65296 -1.45662 122 DT B "O5'" 
491 C "C5'" . DT B 4  ? 6.73117  4.16043  5.92189  1.30897  -2.62617 -1.43340 122 DT B "C5'" 
492 C "C4'" . DT B 4  ? 6.85108  4.30725  6.06704  1.22402  -2.55023 -1.45504 122 DT B "C4'" 
493 O "O4'" . DT B 4  ? 6.82370  4.27458  5.97554  1.22014  -2.51925 -1.43237 122 DT B "O4'" 
494 C "C3'" . DT B 4  ? 6.84819  4.36166  6.17985  1.17403  -2.51079 -1.50702 122 DT B "C3'" 
495 O "O3'" . DT B 4  ? 6.93571  4.46839  6.28915  1.08619  -2.45179 -1.53049 122 DT B "O3'" 
496 C "C2'" . DT B 4  ? 6.76953  4.30139  6.09658  1.17993  -2.48605 -1.50483 122 DT B "C2'" 
497 C "C1'" . DT B 4  ? 6.81322  4.31390  6.03419  1.16264  -2.46035 -1.46901 122 DT B "C1'" 
498 N N1    . DT B 4  ? 6.71879  4.21839  5.88489  1.17740  -2.43998 -1.44823 122 DT B N1    
499 C C2    . DT B 4  ? 6.77412  4.25414  5.85527  1.14964  -2.40596 -1.42224 122 DT B C2    
500 O O2    . DT B 4  ? 6.90243  4.36553  5.95694  1.10976  -2.39473 -1.41683 122 DT B O2    
501 N N3    . DT B 4  ? 6.66152  4.14247  5.68995  1.16717  -2.38597 -1.40293 122 DT B N3    
502 C C4    . DT B 4  ? 6.49962  3.99595  5.54909  1.20918  -2.39927 -1.40566 122 DT B C4    
503 O O4    . DT B 4  ? 6.38757  3.88252  5.38006  1.22158  -2.37775 -1.38591 122 DT B O4    
504 C C5    . DT B 4  ? 6.46427  3.97705  5.60529  1.23698  -2.44262 -1.43235 122 DT B C5    
505 C C7    . DT B 4  ? 6.30662  3.83333  5.48077  1.28077  -2.46902 -1.43740 122 DT B C7    
506 C C6    . DT B 4  ? 6.57202  4.08669  5.76676  1.22045  -2.45966 -1.45238 122 DT B C6    
507 P P     . DA B 5  ? 6.99295  4.50537  6.34320  1.06294  -2.46667 -1.53256 123 DA B P     
508 O OP1   . DA B 5  ? 7.02235  4.47392  6.27913  1.11700  -2.51815 -1.48568 123 DA B OP1   
509 O OP2   . DA B 5  ? 6.98283  4.53085  6.43618  1.06767  -2.47832 -1.57254 123 DA B OP2   
510 O "O5'" . DA B 5  ? 7.06789  4.60531  6.42362  0.95449  -2.39530 -1.55396 123 DA B "O5'" 
511 C "C5'" . DA B 5  ? 7.16857  4.66709  6.44892  0.92482  -2.39717 -1.52676 123 DA B "C5'" 
512 C "C4'" . DA B 5  ? 7.20380  4.72191  6.44928  0.84725  -2.33605 -1.52712 123 DA B "C4'" 
513 O "O4'" . DA B 5  ? 7.13368  4.66288  6.36233  0.87948  -2.32108 -1.51815 123 DA B "O4'" 
514 C "C3'" . DA B 5  ? 7.21750  4.80338  6.53590  0.73745  -2.26557 -1.57876 123 DA B "C3'" 
515 O "O3'" . DA B 5  ? 7.26292  4.85247  6.52164  0.66603  -2.22745 -1.56663 123 DA B "O3'" 
516 C "C2'" . DA B 5  ? 7.12801  4.76117  6.51515  0.75023  -2.23598 -1.60829 123 DA B "C2'" 
517 C "C1'" . DA B 5  ? 7.10035  4.69680  6.39752  0.80161  -2.25026 -1.56340 123 DA B "C1'" 
518 N N9    . DA B 5  ? 6.99126  4.60390  6.31634  0.85239  -2.25009 -1.56764 123 DA B N9    
519 C C8    . DA B 5  ? 6.90263  4.53469  6.31175  0.89881  -2.27446 -1.59082 123 DA B C8    
520 N N7    . DA B 5  ? 6.80026  4.43826  6.20890  0.93933  -2.27495 -1.58400 123 DA B N7    
521 C C5    . DA B 5  ? 6.82470  4.44747  6.14029  0.91885  -2.24453 -1.55530 123 DA B C5    
522 C C6    . DA B 5  ? 6.74295  4.36400  6.00785  0.94025  -2.22648 -1.53556 123 DA B C6    
523 N N6    . DA B 5  ? 6.61059  4.24377  5.91437  0.98835  -2.24011 -1.54147 123 DA B N6    
524 N N1    . DA B 5  ? 6.78618  4.39231  5.95777  0.90944  -2.19585 -1.50875 123 DA B N1    
525 C C2    . DA B 5  ? 6.91274  4.50470  6.04743  0.85892  -2.18920 -1.50149 123 DA B C2    
526 N N3    . DA B 5  ? 6.99752  4.58760  6.17312  0.83292  -2.20656 -1.51749 123 DA B N3    
527 C C4    . DA B 5  ? 6.94560  4.55260  6.21097  0.86623  -2.23133 -1.54487 123 DA B C4    
528 P P     . DC B 6  ? 6.04596  3.70250  5.34311  0.52809  -2.15549 -1.60887 124 DC B P     
529 O OP1   . DC B 6  ? 6.07161  3.71977  5.28172  0.48103  -2.13473 -1.57923 124 DC B OP1   
530 O OP2   . DC B 6  ? 6.12598  3.77678  5.45332  0.50483  -2.17608 -1.62221 124 DC B OP2   
531 O "O5'" . DC B 6  ? 5.96587  3.69825  5.35978  0.49498  -2.09448 -1.66254 124 DC B "O5'" 
532 C "C5'" . DC B 6  ? 5.95140  3.74798  5.35382  0.39196  -2.01753 -1.69011 124 DC B "C5'" 
533 C "C4'" . DC B 6  ? 5.87990  3.66268  5.22476  0.42895  -2.00957 -1.66278 124 DC B "C4'" 
534 O "O4'" . DC B 6  ? 5.80046  3.55012  5.16775  0.54387  -2.05480 -1.65035 124 DC B "O4'" 
535 C "C3'" . DC B 6  ? 5.84382  3.70536  5.22814  0.33916  -1.92388 -1.70384 124 DC B "C3'" 
536 O "O3'" . DC B 6  ? 5.88413  3.77053  5.19513  0.24180  -1.88455 -1.69254 124 DC B "O3'" 
537 C "C2'" . DC B 6  ? 5.74069  3.58207  5.11731  0.42745  -1.93445 -1.68782 124 DC B "C2'" 
538 C "C1'" . DC B 6  ? 5.72267  3.48727  5.07345  0.55622  -2.02451 -1.64672 124 DC B "C1'" 
539 N N1    . DC B 6  ? 5.62579  3.39926  5.05646  0.62298  -2.04168 -1.66546 124 DC B N1    
540 C C2    . DC B 6  ? 5.52899  3.28990  4.93246  0.68325  -2.04726 -1.64557 124 DC B C2    
541 O O2    . DC B 6  ? 5.55327  3.29663  4.86339  0.67964  -2.03289 -1.61365 124 DC B O2    
542 N N3    . DC B 6  ? 5.47950  3.25104  4.96158  0.73973  -2.06714 -1.66274 124 DC B N3    
543 C C4    . DC B 6  ? 5.52738  3.32020  5.11311  0.74077  -2.08290 -1.69804 124 DC B C4    
544 N N4    . DC B 6  ? 5.49844  3.29996  5.16258  0.79833  -2.11015 -1.71208 124 DC B N4    
545 C C5    . DC B 6  ? 5.61063  3.41744  5.22320  0.68091  -2.07288 -1.71992 124 DC B C5    
546 C C6    . DC B 6  ? 5.64139  3.43784  5.17298  0.62222  -2.05203 -1.70238 124 DC B C6    
547 P P     . DA B 7  ? 5.41526  3.38965  4.76751  0.08355  -1.81452 -1.74009 125 DA B P     
548 O OP1   . DA B 7  ? 5.46827  3.41495  4.75220  0.04523  -1.84946 -1.70754 125 DA B OP1   
549 O OP2   . DA B 7  ? 5.45536  3.47015  4.92634  0.07696  -1.78991 -1.79474 125 DA B OP2   
550 O "O5'" . DA B 7  ? 5.35209  3.40184  4.68696  -0.01640 -1.73241 -1.75997 125 DA B "O5'" 
551 C "C5'" . DA B 7  ? 5.25363  3.29914  4.58214  0.03818  -1.71510 -1.75578 125 DA B "C5'" 
552 C "C4'" . DA B 7  ? 5.22402  3.33604  4.66812  0.00278  -1.65148 -1.81815 125 DA B "C4'" 
553 O "O4'" . DA B 7  ? 5.20005  3.26529  4.69190  0.13078  -1.69339 -1.81249 125 DA B "O4'" 
554 C "C3'" . DA B 7  ? 5.30797  3.47141  4.84170  -0.07694 -1.62256 -1.86824 125 DA B "C3'" 
555 O "O3'" . DA B 7  ? 5.32089  3.56727  4.84194  -0.23143 -1.54717 -1.89610 125 DA B "O3'" 
556 C "C2'" . DA B 7  ? 5.28893  3.46755  4.94497  -0.02594 -1.60898 -1.91031 125 DA B "C2'" 
557 C "C1'" . DA B 7  ? 5.19349  3.30889  4.81658  0.10670  -1.65775 -1.87061 125 DA B "C1'" 
558 N N9    . DA B 7  ? 5.19640  3.25931  4.87672  0.23163  -1.72923 -1.86148 125 DA B N9    
559 C C8    . DA B 7  ? 5.26194  3.28274  4.94853  0.28259  -1.79323 -1.84726 125 DA B C8    
560 N N7    . DA B 7  ? 5.24919  3.23660  4.98937  0.38880  -1.84924 -1.84157 125 DA B N7    
561 C C5    . DA B 7  ? 5.19060  3.19717  4.96489  0.41013  -1.82216 -1.85203 125 DA B C5    
562 C C6    . DA B 7  ? 5.17584  3.16688  5.01118  0.50323  -1.85854 -1.85079 125 DA B C6    
563 N N6    . DA B 7  ? 5.19619  3.15045  5.06896  0.59476  -1.93545 -1.83805 125 DA B N6    
564 N N1    . DA B 7  ? 5.14128  3.15911  4.99616  0.49387  -1.81346 -1.86298 125 DA B N1    
565 C C2    . DA B 7  ? 5.12069  3.17991  4.93605  0.39975  -1.73601 -1.87676 125 DA B C2    
566 N N3    . DA B 7  ? 5.13159  3.21343  4.88849  0.30471  -1.69752 -1.87960 125 DA B N3    
567 C C4    . DA B 7  ? 5.16807  3.22016  4.90707  0.31556  -1.74552 -1.86568 125 DA B C4    
568 P P     . DG C 1  ? 6.20870  5.13570  5.61556  -3.16308 0.84443  0.04583  209 DG C P     
569 O OP1   . DG C 1  ? 6.15278  5.16289  5.60914  -3.16968 0.84467  0.07316  209 DG C OP1   
570 O OP2   . DG C 1  ? 6.27699  5.14506  5.70163  -3.16305 0.84186  0.06449  209 DG C OP2   
571 O "O5'" . DG C 1  ? 6.20841  5.16345  5.57900  -3.17004 0.81947  0.02254  209 DG C "O5'" 
572 C "C5'" . DG C 1  ? 6.25625  5.16286  5.60526  -3.17126 0.80489  0.01333  209 DG C "C5'" 
573 C "C4'" . DG C 1  ? 6.23159  5.19914  5.62512  -3.18574 0.77486  0.04207  209 DG C "C4'" 
574 O "O4'" . DG C 1  ? 6.16276  5.22204  5.56505  -3.19424 0.76494  0.04512  209 DG C "O4'" 
575 C "C3'" . DG C 1  ? 6.24131  5.22004  5.70188  -3.19050 0.77084  0.08552  209 DG C "C3'" 
576 O "O3'" . DG C 1  ? 6.32114  5.21319  5.77289  -3.18926 0.76975  0.09021  209 DG C "O3'" 
577 C "C2'" . DG C 1  ? 6.19421  5.26134  5.69272  -3.20460 0.74330  0.10767  209 DG C "C2'" 
578 C "C1'" . DG C 1  ? 6.14152  5.26401  5.60774  -3.20533 0.74588  0.08469  209 DG C "C1'" 
579 N N9    . DG C 1  ? 6.08804  5.27500  5.58787  -3.20772 0.75185  0.10291  209 DG C N9    
580 C C8    . DG C 1  ? 6.07101  5.25132  5.55649  -3.20093 0.77316  0.09237  209 DG C C8    
581 N N7    . DG C 1  ? 6.04822  5.29523  5.56982  -3.20776 0.77010  0.11517  209 DG C N7    
582 C C5    . DG C 1  ? 6.03212  5.33290  5.59326  -3.21837 0.74693  0.14094  209 DG C C5    
583 C C6    . DG C 1  ? 6.00799  5.38775  5.61532  -3.22909 0.73363  0.17169  209 DG C C6    
584 O O6    . DG C 1  ? 5.99701  5.41620  5.62000  -3.23260 0.73809  0.18340  209 DG C O6    
585 N N1    . DG C 1  ? 5.99992  5.41188  5.63525  -3.23741 0.71196  0.19052  209 DG C N1    
586 C C2    . DG C 1  ? 6.03370  5.40861  5.65601  -3.23723 0.70248  0.18276  209 DG C C2    
587 N N2    . DG C 1  ? 6.04163  5.45873  5.69684  -3.24752 0.68078  0.20600  209 DG C N2    
588 N N3    . DG C 1  ? 6.06497  5.36573  5.64445  -3.22866 0.71259  0.15527  209 DG C N3    
589 C C4    . DG C 1  ? 6.05592  5.32220  5.60567  -3.21870 0.73557  0.13451  209 DG C C4    
590 P P     . DG C 2  ? 6.67847  5.53614  6.17431  -3.18924 0.78244  0.12691  210 DG C P     
591 O OP1   . DG C 2  ? 6.77816  5.51527  6.22764  -3.18193 0.79735  0.11374  210 DG C OP1   
592 O OP2   . DG C 2  ? 6.61491  5.53607  6.14770  -3.18582 0.80047  0.14101  210 DG C OP2   
593 O "O5'" . DG C 2  ? 6.67914  5.58835  6.23004  -3.20488 0.75301  0.16469  210 DG C "O5'" 
594 C "C5'" . DG C 2  ? 6.68100  5.61699  6.22327  -3.21553 0.72165  0.15923  210 DG C "C5'" 
595 C "C4'" . DG C 2  ? 6.64771  5.67551  6.25179  -3.22849 0.69972  0.19444  210 DG C "C4'" 
596 O "O4'" . DG C 2  ? 6.56818  5.68742  6.18196  -3.22824 0.70006  0.18836  210 DG C "O4'" 
597 C "C3'" . DG C 2  ? 6.66422  5.69766  6.32462  -3.23150 0.70612  0.23492  210 DG C "C3'" 
598 O "O3'" . DG C 2  ? 6.74054  5.72075  6.40434  -3.24132 0.68953  0.25325  210 DG C "O3'" 
599 C "C2'" . DG C 2  ? 6.59435  5.74093  6.30600  -3.23799 0.69453  0.25601  210 DG C "C2'" 
600 C "C1'" . DG C 2  ? 6.53539  5.71773  6.20973  -3.23180 0.70120  0.22264  210 DG C "C1'" 
601 N N9    . DG C 2  ? 6.50060  5.68608  6.17442  -3.22186 0.72745  0.21686  210 DG C N9    
602 C C8    . DG C 2  ? 6.51930  5.63549  6.15369  -3.21002 0.75230  0.19324  210 DG C C8    
603 N N7    . DG C 2  ? 6.48006  5.62340  6.12539  -3.20477 0.77131  0.19530  210 DG C N7    
604 C C5    . DG C 2  ? 6.44171  5.67548  6.13501  -3.21396 0.75695  0.22147  210 DG C C5    
605 C C6    . DG C 2  ? 6.62646  5.92365  6.34980  -3.21571 0.76378  0.23677  210 DG C C6    
606 O O6    . DG C 2  ? 6.65243  5.94198  6.36974  -3.20984 0.78464  0.23212  210 DG C O6    
607 N N1    . DG C 2  ? 6.77220  6.14760  6.53635  -3.22680 0.74252  0.26172  210 DG C N1    
608 C C2    . DG C 2  ? 6.74380  6.13677  6.51936  -3.23466 0.71932  0.27073  210 DG C C2    
609 N N2    . DG C 2  ? 6.90463  6.37358  6.71929  -3.24452 0.70288  0.29556  210 DG C N2    
610 N N3    . DG C 2  ? 6.54904  5.88765  6.30035  -3.23405 0.71214  0.25862  210 DG C N3    
611 C C4    . DG C 2  ? 6.44723  5.70692  6.15718  -3.22378 0.73096  0.23393  210 DG C C4    
612 P P     . DC C 3  ? 7.34884  6.21497  6.99204  -3.23783 0.70884  0.26219  211 DC C P     
613 O OP1   . DC C 3  ? 7.41923  6.18849  6.99136  -3.23416 0.70679  0.22837  211 DC C OP1   
614 O OP2   . DC C 3  ? 7.31225  6.19960  6.98163  -3.22763 0.74150  0.27302  211 DC C OP2   
615 O "O5'" . DC C 3  ? 7.40055  6.25809  7.07886  -3.25370 0.68791  0.30217  211 DC C "O5'" 
616 C "C5'" . DC C 3  ? 7.39653  6.29161  7.13194  -3.25629 0.69951  0.34145  211 DC C "C5'" 
617 C "C4'" . DC C 3  ? 7.29797  6.32479  7.09106  -3.25767 0.69092  0.35324  211 DC C "C4'" 
618 O "O4'" . DC C 3  ? 7.22940  6.29312  7.02093  -3.24490 0.71395  0.33590  211 DC C "O4'" 
619 C "C3'" . DC C 3  ? 7.56726  6.64800  7.42694  -3.26505 0.69038  0.39851  211 DC C "C3'" 
620 O "O3'" . DC C 3  ? 7.48985  6.60060  7.36883  -3.27940 0.65799  0.41440  211 DC C "O3'" 
621 C "C2'" . DC C 3  ? 7.67950  6.86229  7.57758  -3.25799 0.70119  0.40006  211 DC C "C2'" 
622 C "C1'" . DC C 3  ? 7.44532  6.61613  7.29029  -3.24808 0.70726  0.35522  211 DC C "C1'" 
623 N N1    . DC C 3  ? 7.53533  6.73440  7.38124  -3.23740 0.73147  0.34502  211 DC C N1    
624 C C2    . DC C 3  ? 7.71726  7.01400  7.60188  -3.23921 0.72799  0.35700  211 DC C C2    
625 O O2    . DC C 3  ? 7.83636  7.19649  7.75865  -3.24868 0.70729  0.37863  211 DC C O2    
626 N N3    . DC C 3  ? 7.73540  7.05040  7.61242  -3.23148 0.74737  0.34542  211 DC C N3    
627 C C4    . DC C 3  ? 7.59939  6.84398  7.43472  -3.22121 0.77066  0.32228  211 DC C C4    
628 N N4    . DC C 3  ? 7.60338  6.86901  7.43266  -3.21511 0.78850  0.31287  211 DC C N4    
629 C C5    . DC C 3  ? 7.43761  6.58299  7.23177  -3.21782 0.77589  0.30800  211 DC C C5    
630 C C6    . DC C 3  ? 7.40401  6.52901  7.20322  -3.22666 0.75480  0.31955  211 DC C C6    
631 P P     . DT C 4  ? 7.76013  6.90437  7.69787  -3.29048 0.65110  0.46168  212 DT C P     
632 O OP1   . DT C 4  ? 7.74707  7.00881  7.72864  -3.29386 0.63397  0.46899  212 DT C OP1   
633 O OP2   . DT C 4  ? 7.67183  6.72896  7.58485  -3.30352 0.63471  0.47465  212 DT C OP2   
634 O "O5'" . DT C 4  ? 8.13868  7.26890  8.09893  -3.28153 0.68770  0.48164  212 DT C "O5'" 
635 C "C5'" . DT C 4  ? 8.46665  7.61869  8.47732  -3.28817 0.69338  0.52550  212 DT C "C5'" 
636 C "C4'" . DT C 4  ? 8.57115  7.84859  8.64275  -3.29003 0.68154  0.54100  212 DT C "C4'" 
637 O "O4'" . DT C 4  ? 8.41405  7.74648  8.47507  -3.28034 0.68382  0.51006  212 DT C "O4'" 
638 C "C3'" . DT C 4  ? 8.75424  8.07696  8.88614  -3.29063 0.69953  0.58346  212 DT C "C3'" 
639 O "O3'" . DT C 4  ? 8.80978  8.18825  8.98323  -3.30242 0.67603  0.61027  212 DT C "O3'" 
640 C "C2'" . DT C 4  ? 8.67007  8.06831  8.82374  -3.28007 0.71393  0.57410  212 DT C "C2'" 
641 C "C1'" . DT C 4  ? 8.50897  7.90386  8.61135  -3.27447 0.70268  0.52630  212 DT C "C1'" 
642 N N1    . DT C 4  ? 8.38095  7.73783  8.44803  -3.26223 0.72772  0.50040  212 DT C N1    
643 C C2    . DT C 4  ? 8.29728  7.71931  8.37406  -3.25655 0.73411  0.49028  212 DT C C2    
644 O O2    . DT C 4  ? 8.29959  7.80660  8.41193  -3.26136 0.72096  0.50314  212 DT C O2    
645 N N3    . DT C 4  ? 8.17468  7.55329  8.21315  -3.24616 0.75614  0.46474  212 DT C N3    
646 C C4    . DT C 4  ? 8.12185  7.39921  8.11287  -3.24000 0.77307  0.44748  212 DT C C4    
647 O O4    . DT C 4  ? 8.00549  7.24924  7.96313  -3.23037 0.79359  0.42463  212 DT C O4    
648 C C5    . DT C 4  ? 8.18962  7.39813  8.16858  -3.24681 0.76457  0.45876  212 DT C C5    
649 C C7    . DT C 4  ? 8.10176  7.18723  8.02026  -3.24234 0.78033  0.44131  212 DT C C7    
650 C C6    . DT C 4  ? 8.31338  7.56496  8.33077  -3.25803 0.74186  0.48470  212 DT C C6    
651 P P     . DG C 5  ? 6.43076  5.85506  6.66908  -3.30734 0.68714  0.66071  213 DG C P     
652 O OP1   . DG C 5  ? 6.34809  5.88521  6.63029  -3.30982 0.66791  0.66594  213 DG C OP1   
653 O OP2   . DG C 5  ? 6.40242  5.74872  6.62809  -3.31911 0.68270  0.68547  213 DG C OP2   
654 O "O5'" . DG C 5  ? 6.28722  5.70979  6.53980  -3.29572 0.72606  0.67087  213 DG C "O5'" 
655 C "C5'" . DG C 5  ? 6.14811  5.63585  6.46509  -3.29632 0.74235  0.71364  213 DG C "C5'" 
656 C "C4'" . DG C 5  ? 6.06270  5.65941  6.41609  -3.29276 0.73388  0.70756  213 DG C "C4'" 
657 O "O4'" . DG C 5  ? 6.01101  5.59842  6.31855  -3.28442 0.73194  0.66202  213 DG C "O4'" 
658 C "C3'" . DG C 5  ? 6.06411  5.71381  6.47086  -3.28921 0.75966  0.74215  213 DG C "C3'" 
659 O "O3'" . DG C 5  ? 6.02550  5.77676  6.46983  -3.29216 0.74232  0.74608  213 DG C "O3'" 
660 C "C2'" . DG C 5  ? 6.04900  5.65246  6.41981  -3.27800 0.78489  0.71866  213 DG C "C2'" 
661 C "C1'" . DG C 5  ? 6.01167  5.59712  6.32448  -3.27550 0.76139  0.66482  213 DG C "C1'" 
662 N N9    . DG C 5  ? 6.04811  5.53796  6.30093  -3.26809 0.77696  0.63576  213 DG C N9    
663 C C8    . DG C 5  ? 6.10920  5.49980  6.32502  -3.27009 0.78316  0.63605  213 DG C C8    
664 N N7    . DG C 5  ? 6.13553  5.44914  6.29477  -3.26205 0.79788  0.60533  213 DG C N7    
665 C C5    . DG C 5  ? 6.08711  5.45568  6.25009  -3.25397 0.80358  0.58546  213 DG C C5    
666 C C6    . DG C 5  ? 6.08863  5.41596  6.20371  -3.24334 0.81997  0.55000  213 DG C C6    
667 O O6    . DG C 5  ? 6.13367  5.36445  6.19217  -3.23778 0.83383  0.52755  213 DG C O6    
668 N N1    . DG C 5  ? 6.03642  5.44158  6.16925  -3.24007 0.81890  0.54108  213 DG C N1    
669 C C2    . DG C 5  ? 5.99223  5.49786  6.17853  -3.24682 0.80283  0.56303  213 DG C C2    
670 N N2    . DG C 5  ? 5.95621  5.51602  6.14318  -3.24508 0.80229  0.55073  213 DG C N2    
671 N N3    . DG C 5  ? 5.98930  5.53453  6.22100  -3.25571 0.78827  0.59517  213 DG C N3    
672 C C4    . DG C 5  ? 6.03567  5.51074  6.25424  -3.25845 0.78999  0.60451  213 DG C C4    
692 P P     . DT D 2  ? 13.29829 9.33128  10.74404 1.18395  1.69221  0.21302  201 DT D P     
693 O OP1   . DT D 2  ? 13.27821 9.31076  10.73807 1.16138  1.66922  0.19657  201 DT D OP1   
694 O OP2   . DT D 2  ? 13.08720 9.14185  10.47195 1.18436  1.73796  0.26115  201 DT D OP2   
695 O "O5'" . DT D 2  ? 13.30521 9.33699  10.83992 1.16050  1.68778  0.21909  201 DT D "O5'" 
696 C "C5'" . DT D 2  ? 13.50630 9.51497  11.08608 1.18407  1.66631  0.18940  201 DT D "C5'" 
697 C "C4'" . DT D 2  ? 13.36588 9.37927  11.01428 1.16259  1.67629  0.21289  201 DT D "C4'" 
698 O "O4'" . DT D 2  ? 13.35584 9.38104  10.97016 1.17896  1.71006  0.24211  201 DT D "O4'" 
699 C "C3'" . DT D 2  ? 13.07538 9.11255  10.76012 1.11865  1.69009  0.24683  201 DT D "C3'" 
700 O "O3'" . DT D 2  ? 13.04756 9.07467  10.81813 1.10656  1.67658  0.24516  201 DT D "O3'" 
701 C "C2'" . DT D 2  ? 12.90204 8.97127  10.53239 1.11538  1.73595  0.29332  201 DT D "C2'" 
702 C "C1'" . DT D 2  ? 13.08142 9.13741  10.70296 1.14828  1.74293  0.28902  201 DT D "C1'" 
703 N N1    . DT D 2  ? 6.09762  2.17085  3.64684  1.16586  1.78120  0.31865  201 DT D N1    
704 C C2    . DT D 2  ? 6.11696  2.19098  3.66951  1.18450  1.79920  0.33212  201 DT D C2    
705 O O2    . DT D 2  ? 6.13277  2.19417  3.74627  1.18589  1.78452  0.32128  201 DT D O2    
706 N N3    . DT D 2  ? 6.11980  2.20860  3.60453  1.20239  1.83532  0.35998  201 DT D N3    
707 C C4    . DT D 2  ? 6.10520  2.20643  3.52516  1.20186  1.85463  0.37684  201 DT D C4    
708 O O4    . DT D 2  ? 6.11225  2.22417  3.48196  1.21888  1.88791  0.40404  201 DT D O4    
709 C C5    . DT D 2  ? 6.08606  2.18447  3.50516  1.18190  1.83220  0.35994  201 DT D C5    
710 C C7    . DT D 2  ? 6.07271  2.18109  3.42643  1.18049  1.84822  0.37521  201 DT D C7    
711 C C6    . DT D 2  ? 6.08325  2.16871  3.56468  1.16574  1.79726  0.33152  201 DT D C6    
712 P P     . DC D 3  ? 16.19939 12.23218 14.04436 1.06891  1.66369  0.25345  202 DC D P     
713 O OP1   . DC D 3  ? 16.22880 12.23569 14.09660 1.07022  1.62481  0.21098  202 DC D OP1   
714 O OP2   . DC D 3  ? 16.13190 12.20584 13.94241 1.04545  1.69811  0.29647  202 DC D OP2   
715 O "O5'" . DC D 3  ? 16.21361 12.23404 14.14287 1.06653  1.65744  0.25985  202 DC D "O5'" 
716 C "C5'" . DC D 3  ? 16.23857 12.25689 14.15172 1.08997  1.67324  0.26759  202 DC D "C5'" 
717 C "C4'" . DC D 3  ? 16.18657 12.23983 14.10834 1.07255  1.70906  0.31681  202 DC D "C4'" 
718 O "O4'" . DC D 3  ? 16.17664 12.25174 14.02037 1.08838  1.74332  0.33736  202 DC D "O4'" 
719 C "C3'" . DC D 3  ? 16.12260 12.20729 14.06004 1.03865  1.72000  0.34415  202 DC D "C3'" 
720 O "O3'" . DC D 3  ? 16.10601 12.19778 14.12219 1.02241  1.72087  0.36645  202 DC D "O3'" 
721 C "C2'" . DC D 3  ? 16.07854 12.20189 13.93746 1.03789  1.75737  0.37314  202 DC D "C2'" 
722 C "C1'" . DC D 3  ? 16.11094 12.22829 13.93858 1.06572  1.77374  0.37641  202 DC D "C1'" 
723 N N1    . DC D 3  ? 6.77486  2.90847  4.51787  1.07861  1.79998  0.38763  202 DC D N1    
724 C C2    . DC D 3  ? 6.79161  2.93038  4.50433  1.10081  1.82476  0.40260  202 DC D C2    
725 O O2    . DC D 3  ? 6.80936  2.94093  4.56514  1.10877  1.82429  0.40604  202 DC D O2    
726 N N3    . DC D 3  ? 6.78951  2.94064  4.42834  1.11353  1.84968  0.41505  202 DC D N3    
727 C C4    . DC D 3  ? 6.77322  2.92985  4.36838  1.10521  1.84896  0.41196  202 DC D C4    
728 N N4    . DC D 3  ? 6.77624  2.94241  4.30346  1.11916  1.87469  0.42725  202 DC D N4    
729 C C5    . DC D 3  ? 6.75566  2.90739  4.37734  1.08325  1.82267  0.39477  202 DC D C5    
730 C C6    . DC D 3  ? 6.75746  2.89789  4.45295  1.07095  1.79932  0.38305  202 DC D C6    
731 P P     . DT D 4  ? 9.93594  6.06828  7.94870  1.01768  1.75770  0.41086  203 DT D P     
732 O OP1   . DT D 4  ? 9.57091  5.74526  7.54908  0.99934  1.77824  0.43424  203 DT D OP1   
733 O OP2   . DT D 4  ? 10.10345 6.22688  8.08169  1.04451  1.76996  0.40811  203 DT D OP2   
734 O "O5'" . DT D 4  ? 9.95725  6.08389  8.06744  1.00625  1.74827  0.42649  203 DT D "O5'" 
735 C "C5'" . DT D 4  ? 9.66349  5.83126  7.79601  0.99273  1.77285  0.46729  203 DT D "C5'" 
736 C "C4'" . DT D 4  ? 9.57635  5.76611  7.68122  1.00833  1.80143  0.48900  203 DT D "C4'" 
737 O "O4'" . DT D 4  ? 9.69177  5.87379  7.72018  1.02733  1.80940  0.47183  203 DT D "O4'" 
738 C "C3'" . DT D 4  ? 9.26519  5.50864  7.35663  0.99909  1.83088  0.52512  203 DT D "C3'" 
739 O "O3'" . DT D 4  ? 9.25874  5.51594  7.39598  1.00464  1.84371  0.55203  203 DT D "O3'" 
740 C "C2'" . DT D 4  ? 9.15474  5.41656  7.16190  1.00938  1.85139  0.52293  203 DT D "C2'" 
741 C "C1'" . DT D 4  ? 9.45800  5.67973  7.43920  1.03047  1.84191  0.49701  203 DT D "C1'" 
742 N N1    . DT D 4  ? 9.44682  5.67081  7.34595  1.03854  1.85110  0.48530  203 DT D N1    
743 C C2    . DT D 4  ? 9.57620  5.80477  7.42816  1.05920  1.87307  0.49207  203 DT D C2    
744 O O2    . DT D 4  ? 9.71092  5.93997  7.58230  1.07212  1.88364  0.50358  203 DT D O2    
745 N N3    . DT D 4  ? 9.54168  5.77371  7.32373  1.06537  1.88333  0.48687  203 DT D N3    
746 C C4    . DT D 4  ? 9.37616  5.60700  7.12919  1.05328  1.87266  0.47435  203 DT D C4    
747 O O4    . DT D 4  ? 9.36721  5.59981  7.05807  1.06130  1.88376  0.47285  203 DT D O4    
748 C C5    . DT D 4  ? 9.24613  5.47337  7.04888  1.03160  1.84895  0.46578  203 DT D C5    
749 C C7    . DT D 4  ? 9.05501  5.28157  6.83139  1.01789  1.83609  0.45233  203 DT D C7    
750 C C6    . DT D 4  ? 9.29445  5.51885  7.16817  1.02525  1.84021  0.47256  203 DT D C6    
751 P P     . DG D 5  ? 10.63308 6.94492  8.77717  0.99882  1.86887  0.58936  204 DG D P     
752 O OP1   . DG D 5  ? 10.68806 6.99971  8.89907  1.00432  1.87211  0.61298  204 DG D OP1   
753 O OP2   . DG D 5  ? 10.41084 6.74136  8.55281  0.98083  1.86362  0.59099  204 DG D OP2   
754 O "O5'" . DG D 5  ? 10.50082 6.83953  8.57338  1.01274  1.89451  0.59357  204 DG D "O5'" 
755 C "C5'" . DG D 5  ? 10.71052 7.03047  8.76343  1.03250  1.90184  0.58755  204 DG D "C5'" 
756 C "C4'" . DG D 5  ? 10.53277 6.88541  8.53112  1.04391  1.92938  0.59969  204 DG D "C4'" 
757 O "O4'" . DG D 5  ? 10.55899 6.89986  8.49268  1.04741  1.93048  0.58016  204 DG D "O4'" 
758 C "C3'" . DG D 5  ? 10.11985 6.52165  8.11416  1.03626  1.94391  0.62062  204 DG D "C3'" 
759 O "O3'" . DG D 5  ? 10.01270 6.43920  7.98273  1.05134  1.96704  0.63454  204 DG D "O3'" 
760 C "C2'" . DG D 5  ? 9.93661  6.33958  7.88537  1.02393  1.93688  0.60348  204 DG D "C2'" 
761 C "C1'" . DG D 5  ? 10.19791 6.57353  8.09868  1.03710  1.94049  0.58673  204 DG D "C1'" 
762 N N9    . DG D 5  ? 10.19625 6.55252  8.05740  1.02978  1.92777  0.56452  204 DG D N9    
763 C C8    . DG D 5  ? 10.25489 6.58208  8.13414  1.01981  1.90270  0.54525  204 DG D C8    
764 N N7    . DG D 5  ? 10.26274 6.57740  8.09521  1.01736  1.89576  0.52743  204 DG D N7    
765 C C5    . DG D 5  ? 10.23165 6.56783  8.01310  1.02557  1.91876  0.53732  204 DG D C5    
766 C C6    . DG D 5  ? 10.25332 6.58777  7.97345  1.02806  1.92458  0.52959  204 DG D C6    
767 O O6    . DG D 5  ? 10.29817 6.61145  7.99064  1.02462  1.90992  0.51114  204 DG D O6    
768 N N1    . DG D 5  ? 10.22590 6.58623  7.91906  1.03650  1.95027  0.54651  204 DG D N1    
769 C C2    . DG D 5  ? 10.18881 6.57361  7.90879  1.04286  1.96678  0.56593  204 DG D C2    
770 N N2    . DG D 5  ? 10.17683 6.58327  7.87035  1.05119  1.98902  0.57844  204 DG D N2    
771 N N3    . DG D 5  ? 10.17118 6.55850  7.94310  1.04207  1.96169  0.57333  204 DG D N3    
772 C C4    . DG D 5  ? 10.19165 6.55367  7.99231  1.03296  1.93809  0.55921  204 DG D C4    
773 P P     . DA D 6  ? 10.30944 6.78547  8.29184  1.05343  1.98199  0.65945  205 DA D P     
774 O OP1   . DA D 6  ? 10.36573 6.84447  8.39677  1.06503  1.98799  0.67987  205 DA D OP1   
775 O OP2   . DA D 6  ? 10.06244 6.55616  8.04671  1.03729  1.97170  0.65802  205 DA D OP2   
776 O "O5'" . DA D 6  ? 10.20344 6.69844  8.13812  1.06531  2.00144  0.66087  205 DA D "O5'" 
777 C "C5'" . DA D 6  ? 10.32986 6.80615  8.21555  1.06535  2.00294  0.64340  205 DA D "C5'" 
778 C "C4'" . DA D 6  ? 10.05872 6.55910  7.91172  1.05579  2.00418  0.63935  205 DA D "C4'" 
779 O "O4'" . DA D 6  ? 10.12864 6.60438  7.95311  1.04358  1.99008  0.61882  205 DA D "O4'" 
780 C "C3'" . DA D 6  ? 9.74651  6.28127  7.62296  1.04750  1.99857  0.64958  205 DA D "C3'" 
781 O "O3'" . DA D 6  ? 9.57455  6.13534  7.42412  1.04760  2.00454  0.64997  205 DA D "O3'" 
782 C "C2'" . DA D 6  ? 9.70201  6.21935  7.58148  1.02982  1.97852  0.63546  205 DA D "C2'" 
783 C "C1'" . DA D 6  ? 9.86145  6.35620  7.69164  1.02784  1.97822  0.61690  205 DA D "C1'" 
784 N N9    . DA D 6  ? 9.93045  6.39759  7.74923  1.01491  1.95984  0.59800  205 DA D N9    
785 C C8    . DA D 6  ? 10.01237 6.45915  7.86624  1.00622  1.94234  0.59224  205 DA D C8    
786 N N7    . DA D 6  ? 10.08978 6.51272  7.92220  0.99649  1.92676  0.57256  205 DA D N7    
787 C C5    . DA D 6  ? 10.04294 6.47237  7.81998  0.99950  1.93635  0.56719  205 DA D C5    
788 C C6    . DA D 6  ? 10.10611 6.51975  7.83584  0.99499  1.92967  0.55057  205 DA D C6    
789 N N6    . DA D 6  ? 10.20261 6.58920  7.93108  0.98650  1.90922  0.53279  205 DA D N6    
790 N N1    . DA D 6  ? 10.08963 6.51528  7.77581  1.00108  1.94500  0.55367  205 DA D N1    
791 C C2    . DA D 6  ? 10.00928 6.46109  7.70324  1.00973  1.96344  0.57001  205 DA D C2    
792 N N3    . DA D 6  ? 9.94488  6.41330  7.67866  1.01529  1.97008  0.58452  205 DA D N3    
793 C C4    . DA D 6  ? 9.96566  6.42200  7.73790  1.00994  1.95644  0.58301  205 DA D C4    
794 P P     . DT D 7  ? 9.33474  5.92834  7.19560  1.06319  2.01936  0.66815  206 DT D P     
795 O OP1   . DT D 7  ? 9.51417  6.10193  7.39873  1.07868  2.03156  0.68150  206 DT D OP1   
796 O OP2   . DT D 7  ? 9.08928  5.71220  6.96040  1.06049  2.01094  0.67431  206 DT D OP2   
797 O "O5'" . DT D 7  ? 9.39586  5.98927  7.22202  1.06573  2.02944  0.66177  206 DT D "O5'" 
798 C "C5'" . DT D 7  ? 9.55920  6.12429  7.35236  1.06108  2.03037  0.64757  206 DT D "C5'" 
799 C "C4'" . DT D 7  ? 9.43984  6.01240  7.20519  1.05190  2.02682  0.63860  206 DT D "C4'" 
800 O "O4'" . DT D 7  ? 9.41241  5.96575  7.15660  1.03704  2.01114  0.62210  206 DT D "O4'" 
801 C "C3'" . DT D 7  ? 9.23746  5.84240  7.01855  1.04822  2.01886  0.64390  206 DT D "C3'" 
802 O "O3'" . DT D 7  ? 9.26790  5.87772  7.03064  1.04573  2.02138  0.63992  206 DT D "O3'" 
803 C "C2'" . DT D 7  ? 9.08950  5.69260  6.87119  1.03362  1.99907  0.63459  206 DT D "C2'" 
804 C "C1'" . DT D 7  ? 9.22606  5.79988  6.97330  1.02513  1.99679  0.61858  206 DT D "C1'" 
805 N N1    . DT D 7  ? 9.15231  5.71065  6.89584  1.01161  1.97962  0.60665  206 DT D N1    
806 C C2    . DT D 7  ? 9.20418  5.74384  6.91164  1.00283  1.97301  0.59148  206 DT D C2    
807 O O2    . DT D 7  ? 9.30785  5.84458  6.98706  1.00623  1.98189  0.58916  206 DT D O2    
808 N N3    . DT D 7  ? 9.15471  5.67910  6.86228  0.99106  1.95634  0.58062  206 DT D N3    
809 C C4    . DT D 7  ? 9.08281  5.60865  6.82766  0.98674  1.94677  0.58469  206 DT D C4    
810 O O4    . DT D 7  ? 9.07274  5.58303  6.82032  0.97583  1.93181  0.57472  206 DT D O4    
811 C C5    . DT D 7  ? 9.03721  5.58339  6.81982  0.99729  1.95637  0.60308  206 DT D C5    
812 C C7    . DT D 7  ? 8.97834  5.52813  6.80666  0.99577  1.94996  0.61329  206 DT D C7    
813 C C6    . DT D 7  ? 9.06614  5.62728  6.84394  1.00953  1.97179  0.61241  206 DT D C6    
814 P P     . DG D 8  ? 8.06305  4.70128  5.84672  1.05152  2.02134  0.65049  207 DG D P     
815 O OP1   . DG D 8  ? 8.20062  4.84601  6.00576  1.06907  2.03908  0.66651  207 DG D OP1   
816 O OP2   . DG D 8  ? 7.88373  4.53734  5.67504  1.04469  2.00169  0.64835  207 DG D OP2   
817 O "O5'" . DG D 8  ? 8.00908  4.64313  5.77534  1.04579  2.02328  0.64430  207 DG D "O5'" 
818 C "C5'" . DG D 8  ? 8.17979  4.79028  5.91328  1.04068  2.02805  0.63374  207 DG D "C5'" 
819 C "C4'" . DG D 8  ? 8.09343  4.69929  5.80645  1.02381  2.00729  0.61830  207 DG D "C4'" 
820 O "O4'" . DG D 8  ? 8.02221  4.62037  5.73281  1.01754  1.99575  0.61168  207 DG D "O4'" 
821 C "C3'" . DG D 8  ? 7.91571  4.54214  5.64244  1.01602  1.98914  0.61722  207 DG D "C3'" 
822 O "O3'" . DG D 8  ? 7.97172  4.59290  5.68525  1.01018  1.98802  0.61224  207 DG D "O3'" 
823 C "C2'" . DG D 8  ? 7.74226  4.36847  5.46049  1.00562  1.96976  0.60750  207 DG D "C2'" 
824 C "C1'" . DG D 8  ? 7.85548  4.45713  5.55473  1.00398  1.97644  0.60084  207 DG D "C1'" 
825 N N9    . DG D 8  ? 7.73732  4.33814  5.44614  0.99887  1.96496  0.59843  207 DG D N9    
826 C C8    . DG D 8  ? 7.64371  4.26037  5.38391  1.00582  1.96488  0.61030  207 DG D C8    
827 N N7    . DG D 8  ? 7.55776  4.17020  5.30624  0.99967  1.95490  0.60788  207 DG D N7    
828 C C5    . DG D 8  ? 7.59242  4.18430  5.31193  0.98700  1.94605  0.59166  207 DG D C5    
829 C C6    . DG D 8  ? 7.54261  4.12053  5.25983  0.97588  1.93273  0.58249  207 DG D C6    
830 O O6    . DG D 8  ? 7.49234  4.07408  5.23759  0.97442  1.92693  0.58837  207 DG D O6    
831 N N1    . DG D 8  ? 7.62841  4.18566  5.30894  0.96716  1.92694  0.56686  207 DG D N1    
832 C C2    . DG D 8  ? 7.75237  4.30385  5.40251  0.97002  1.93518  0.56285  207 DG D C2    
833 N N2    . DG D 8  ? 7.84497  4.37515  5.45905  0.96340  1.92927  0.54952  207 DG D N2    
834 N N3    . DG D 8  ? 7.79704  4.36205  5.45391  0.97996  1.94899  0.57282  207 DG D N3    
835 C C4    . DG D 8  ? 7.70851  4.29302  5.40050  0.98736  1.95263  0.58593  207 DG D C4    
836 P P     . DT D 9  ? 8.22459  4.86303  5.96454  1.00817  1.97703  0.61797  208 DT D P     
837 O OP1   . DT D 9  ? 8.40625  5.04717  6.16885  1.01849  1.99680  0.63181  208 DT D OP1   
838 O OP2   . DT D 9  ? 8.05398  4.70852  5.80868  1.00948  1.96066  0.62016  208 DT D OP2   
839 O "O5'" . DT D 9  ? 8.17249  4.80198  5.89030  0.99404  1.96121  0.60494  208 DT D "O5'" 
840 C "C5'" . DT D 9  ? 7.98629  4.61568  5.68619  0.98418  1.94010  0.59291  208 DT D "C5'" 
841 C "C4'" . DT D 9  ? 8.02915  4.63830  5.69156  0.97844  1.94359  0.58090  208 DT D "C4'" 
842 O "O4'" . DT D 9  ? 7.95165  4.55784  5.61275  0.98087  1.94610  0.58039  208 DT D "O4'" 
843 C "C3'" . DT D 9  ? 7.93764  4.54116  5.57569  0.96574  1.92312  0.56714  208 DT D "C3'" 
844 O "O3'" . DT D 9  ? 8.08240  4.67835  5.71177  0.96279  1.92441  0.56562  208 DT D "O3'" 
845 C "C2'" . DT D 9  ? 7.88817  4.47342  5.49715  0.96275  1.92560  0.55782  208 DT D "C2'" 
846 C "C1'" . DT D 9  ? 7.92775  4.51648  5.55831  0.97170  1.93769  0.56704  208 DT D "C1'" 
847 N N1    . DT D 9  ? 7.76791  4.36502  5.41198  0.96840  1.92525  0.56645  208 DT D N1    
848 C C2    . DT D 9  ? 7.71795  4.30344  5.34417  0.95844  1.91234  0.55519  208 DT D C2    
849 O O2    . DT D 9  ? 7.80110  4.36806  5.39609  0.95199  1.90913  0.54406  208 DT D O2    
850 N N3    . DT D 9  ? 7.58229  4.17869  5.23013  0.95822  1.90436  0.55944  208 DT D N3    
851 C C4    . DT D 9  ? 7.50718  4.12392  5.18720  0.96860  1.90869  0.57403  208 DT D C4    
852 O O4    . DT D 9  ? 7.40710  4.03268  5.10515  0.97072  1.90389  0.58021  208 DT D O4    
853 C C5    . DT D 9  ? 7.57173  4.19855  5.26405  0.97884  1.92061  0.58371  208 DT D C5    
854 C C7    . DT D 9  ? 7.52262  4.17038  5.24607  0.99301  1.92605  0.60045  208 DT D C7    
855 C C6    . DT D 9  ? 7.69196  4.30879  5.36810  0.97725  1.92771  0.57924  208 DT D C6    
# 
loop_
_pdbx_poly_seq_scheme.asym_id 
_pdbx_poly_seq_scheme.entity_id 
_pdbx_poly_seq_scheme.seq_id 
_pdbx_poly_seq_scheme.mon_id 
_pdbx_poly_seq_scheme.ndb_seq_num 
_pdbx_poly_seq_scheme.pdb_seq_num 
_pdbx_poly_seq_scheme.auth_seq_num 
_pdbx_poly_seq_scheme.pdb_mon_id 
_pdbx_poly_seq_scheme.auth_mon_id 
_pdbx_poly_seq_scheme.pdb_strand_id 
_pdbx_poly_seq_scheme.pdb_ins_code 
_pdbx_poly_seq_scheme.hetero 
A 1 1  DA 1  101 101 DA DA A . n 
A 1 2  DG 2  102 102 DG DG A . n 
A 1 3  DC 3  103 103 DC DC A . n 
A 1 4  DC 4  104 104 DC DC A . n 
A 1 5  DA 5  105 105 DA DA A . n 
A 1 6  DG 6  106 106 DG DG A . n 
A 1 7  DC 7  107 107 DC DC A . n 
A 1 8  DC 8  108 108 DC DC A . n 
A 1 9  DT 9  109 109 DT DT A . n 
A 1 10 DG 10 110 110 DG DG A . n 
A 1 11 DT 11 111 111 DT DT A . n 
A 1 12 DA 12 112 112 DA DA A . n 
A 1 13 DC 13 113 113 DC DC A . n 
A 1 14 DG 14 114 114 DG DG A . n 
A 1 15 DG 15 115 115 DG DG A . n 
A 1 16 DA 16 116 116 DA DA A . n 
A 1 17 DC 17 117 117 DC DC A . n 
A 1 18 DA 18 118 118 DA DA A . n 
A 1 19 DT 19 119 119 DT DT A . n 
A 1 20 DC 20 120 120 DC DC A . n 
A 1 21 DA 21 121 121 DA DA A . n 
B 2 1  DC 1  119 119 DC DC B . n 
B 2 2  DC 2  120 120 DC DC B . n 
B 2 3  DG 3  121 121 DG DG B . n 
B 2 4  DT 4  122 122 DT DT B . n 
B 2 5  DA 5  123 123 DA DA B . n 
B 2 6  DC 6  124 124 DC DC B . n 
B 2 7  DA 7  125 125 DA DA B . n 
C 3 1  DG 1  209 209 DG DG C . n 
C 3 2  DG 2  210 210 DG DG C . n 
C 3 3  DC 3  211 211 DC DC C . n 
C 3 4  DT 4  212 212 DT DT C . n 
C 3 5  DG 5  213 213 DG DG C . n 
D 4 1  DG 1  200 200 DG DG D . n 
D 4 2  DT 2  201 201 DT DT D . n 
D 4 3  DC 3  202 202 DC DC D . n 
D 4 4  DT 4  203 203 DT DT D . n 
D 4 5  DG 5  204 204 DG DG D . n 
D 4 6  DA 6  205 205 DA DA D . n 
D 4 7  DT 7  206 206 DT DT D . n 
D 4 8  DG 8  207 207 DG DG D . n 
D 4 9  DT 9  208 208 DT DT D . n 
# 
_pdbx_contact_author.id                 2 
_pdbx_contact_author.email              ruojie.sha@nyu.edu 
_pdbx_contact_author.name_first         Ruojie 
_pdbx_contact_author.name_last          Sha 
_pdbx_contact_author.name_mi            ? 
_pdbx_contact_author.role               'principal investigator/group leader' 
_pdbx_contact_author.identifier_ORCID   0000-0002-0807-734X 
# 
_pdbx_struct_assembly.id                   1 
_pdbx_struct_assembly.details              author_defined_assembly 
_pdbx_struct_assembly.method_details       ? 
_pdbx_struct_assembly.oligomeric_details   dodecameric 
_pdbx_struct_assembly.oligomeric_count     12 
# 
_pdbx_struct_assembly_gen.assembly_id       1 
_pdbx_struct_assembly_gen.oper_expression   1,2,3 
_pdbx_struct_assembly_gen.asym_id_list      A,B,C,D 
# 
loop_
_pdbx_struct_oper_list.id 
_pdbx_struct_oper_list.type 
_pdbx_struct_oper_list.name 
_pdbx_struct_oper_list.symmetry_operation 
_pdbx_struct_oper_list.matrix[1][1] 
_pdbx_struct_oper_list.matrix[1][2] 
_pdbx_struct_oper_list.matrix[1][3] 
_pdbx_struct_oper_list.vector[1] 
_pdbx_struct_oper_list.matrix[2][1] 
_pdbx_struct_oper_list.matrix[2][2] 
_pdbx_struct_oper_list.matrix[2][3] 
_pdbx_struct_oper_list.vector[2] 
_pdbx_struct_oper_list.matrix[3][1] 
_pdbx_struct_oper_list.matrix[3][2] 
_pdbx_struct_oper_list.matrix[3][3] 
_pdbx_struct_oper_list.vector[3] 
1 'identity operation'         1_555 x,y,z       1.0000000000  0.0000000000 0.0000000000  0.0000000000  0.0000000000 1.0000000000 0.0000000000  0.0000000000  0.0000000000  0.0000000000  1.0000000000  0.0000000000  
2 'crystal symmetry operation' 2_565 -y,x-y+1,z  -0.4601193596 0.3121284447 0.8311834990  2.7680102195  0.1687907048 0.9498465058 -0.2632514262 1.8065991469  -0.8716650004 0.0191689710  -0.4897271462 26.9161994314 
3 'crystal symmetry operation' 3_455 -x+y-1,-x,z -0.4601193596 0.1687907048 -0.8716650004 24.4305869330 0.3121284447 0.9498465058 0.0191689710  -3.0959224577 0.8311834990  -0.2632514262 -0.4897271462 11.3564589172 
# 
loop_
_pdbx_audit_revision_history.ordinal 
_pdbx_audit_revision_history.data_content_type 
_pdbx_audit_revision_history.major_revision 
_pdbx_audit_revision_history.minor_revision 
_pdbx_audit_revision_history.revision_date 
1 'Structure model' 1 0 2023-01-11 
2 'Structure model' 1 1 2023-01-18 
3 'Structure model' 1 2 2023-02-08 
4 'Structure model' 1 3 2023-08-16 
5 'Structure model' 1 4 2023-10-25 
# 
_pdbx_audit_revision_details.ordinal             1 
_pdbx_audit_revision_details.revision_ordinal    1 
_pdbx_audit_revision_details.data_content_type   'Structure model' 
_pdbx_audit_revision_details.provider            repository 
_pdbx_audit_revision_details.type                'Initial release' 
_pdbx_audit_revision_details.description         ? 
_pdbx_audit_revision_details.details             ? 
# 
loop_
_pdbx_audit_revision_group.ordinal 
_pdbx_audit_revision_group.revision_ordinal 
_pdbx_audit_revision_group.data_content_type 
_pdbx_audit_revision_group.group 
1 2 'Structure model' 'Database references'    
2 3 'Structure model' 'Database references'    
3 4 'Structure model' 'Data collection'        
4 4 'Structure model' Other                    
5 5 'Structure model' 'Refinement description' 
# 
loop_
_pdbx_audit_revision_category.ordinal 
_pdbx_audit_revision_category.revision_ordinal 
_pdbx_audit_revision_category.data_content_type 
_pdbx_audit_revision_category.category 
1 2 'Structure model' citation                      
2 2 'Structure model' citation_author               
3 3 'Structure model' citation                      
4 4 'Structure model' chem_comp_atom                
5 4 'Structure model' chem_comp_bond                
6 4 'Structure model' pdbx_database_status          
7 5 'Structure model' pdbx_initial_refinement_model 
# 
loop_
_pdbx_audit_revision_item.ordinal 
_pdbx_audit_revision_item.revision_ordinal 
_pdbx_audit_revision_item.data_content_type 
_pdbx_audit_revision_item.item 
1 2 'Structure model' '_citation.page_first'                        
2 2 'Structure model' '_citation.page_last'                         
3 2 'Structure model' '_citation_author.identifier_ORCID'           
4 3 'Structure model' '_citation.journal_volume'                    
5 3 'Structure model' '_citation.year'                              
6 4 'Structure model' '_pdbx_database_status.pdb_format_compatible' 
# 
loop_
_space_group_symop.id 
_space_group_symop.operation_xyz 
1 x,y,z        
2 x-y,x,z+1/2  
3 y,-x+y,z+1/2 
4 -y,x-y,z     
5 -x+y,-x,z    
6 -x,-y,z+1/2  
# 
loop_
_pdbx_refine_tls.pdbx_refine_id 
_pdbx_refine_tls.id 
_pdbx_refine_tls.details 
_pdbx_refine_tls.method 
_pdbx_refine_tls.origin_x 
_pdbx_refine_tls.origin_y 
_pdbx_refine_tls.origin_z 
_pdbx_refine_tls.T[1][1] 
_pdbx_refine_tls.T[2][2] 
_pdbx_refine_tls.T[3][3] 
_pdbx_refine_tls.T[1][2] 
_pdbx_refine_tls.T[1][3] 
_pdbx_refine_tls.T[2][3] 
_pdbx_refine_tls.L[1][1] 
_pdbx_refine_tls.L[2][2] 
_pdbx_refine_tls.L[3][3] 
_pdbx_refine_tls.L[1][2] 
_pdbx_refine_tls.L[1][3] 
_pdbx_refine_tls.L[2][3] 
_pdbx_refine_tls.S[1][1] 
_pdbx_refine_tls.S[2][2] 
_pdbx_refine_tls.S[3][3] 
_pdbx_refine_tls.S[1][2] 
_pdbx_refine_tls.S[1][3] 
_pdbx_refine_tls.S[2][3] 
_pdbx_refine_tls.S[2][1] 
_pdbx_refine_tls.S[3][1] 
_pdbx_refine_tls.S[3][2] 
'X-RAY DIFFRACTION' 1 ? refined -2.6199  2.7502   2.0321   -0.260038614218 -1.47067913491 4.628683847286 2.22153167704   -0.95712582193  -0.43627831799 5.009199003   4.29191263127 7.31535141773 4.39508099646   1.28928962716 -0.86819341036  1.40671713733   1.30851165626   -0.51795454755 -0.00926668222 -3.107760867302 1.852079210628  0.086940652889  -0.729159995739 -0.73824600052  
'X-RAY DIFFRACTION' 2 ? refined 0.1791   0.3170   1.8781   5.99264316539   2.26404682803  4.39691496208  1.22898329944   -3.062196241263 -2.25162860626 5.68938113535 0.5688221418  0.59508706305 4.947092999518  0.09591378781 1.979701621806  2.24940564279   3.315142964416  0.25147153783  0.205547213097 0.127356105917  2.263531103641  0.184534268511  0.777945028793  -0.68353610015  
'X-RAY DIFFRACTION' 3 ? refined -10.9883 16.0540  9.7898   6.16864593691   5.15708055165  5.86156425125  -4.222493567845 0.95262002483   0.42564582288  0.18653523885 2.44761008051 4.59334810144 -0.64375208350  0.69677439609 -2.65749444342  -0.845198816628 -1.379825299790 -0.19882212690 0.95627757279  1.268285301750  0.995868030687  0.689972655935  -0.79180306131  -0.219994465139 
'X-RAY DIFFRACTION' 4 ? refined 12.6549  -15.4908 -10.1460 6.20000524698   1.24093158594  3.54117724125  1.36080180066   2.280115456     0.704703256163 4.92785927202 2.00769856022 1.76059195249 -2.990912497479 0.95997857049 -0.286264029919 0.291940924926  0.744411150391  0.206198436073 0.43501602261  -1.561053074245 -0.012161808107 -0.592071996400 0.702255545085  0.396637571448 
# 
loop_
_pdbx_refine_tls_group.pdbx_refine_id 
_pdbx_refine_tls_group.id 
_pdbx_refine_tls_group.refine_tls_id 
_pdbx_refine_tls_group.beg_auth_asym_id 
_pdbx_refine_tls_group.beg_auth_seq_id 
_pdbx_refine_tls_group.end_auth_asym_id 
_pdbx_refine_tls_group.end_auth_seq_id 
_pdbx_refine_tls_group.selection_details 
_pdbx_refine_tls_group.beg_label_asym_id 
_pdbx_refine_tls_group.beg_label_seq_id 
_pdbx_refine_tls_group.end_label_asym_id 
_pdbx_refine_tls_group.end_label_seq_id 
_pdbx_refine_tls_group.selection 
'X-RAY DIFFRACTION' 1 1 A 101 A 121 '( CHAIN A AND RESID 101:121 )' ? ? ? ? ? 
'X-RAY DIFFRACTION' 2 2 B 119 B 125 '( CHAIN B AND RESID 119:125 )' ? ? ? ? ? 
'X-RAY DIFFRACTION' 3 3 C 209 C 213 '( CHAIN C AND RESID 209:213 )' ? ? ? ? ? 
'X-RAY DIFFRACTION' 4 4 D 201 D 208 '( CHAIN D AND RESID 201:208 )' ? ? ? ? ? 
# 
loop_
_software.citation_id 
_software.classification 
_software.compiler_name 
_software.compiler_version 
_software.contact_author 
_software.contact_author_email 
_software.date 
_software.description 
_software.dependencies 
_software.hardware 
_software.language 
_software.location 
_software.mods 
_software.name 
_software.os 
_software.os_version 
_software.type 
_software.version 
_software.pdbx_ordinal 
? refinement       ? ? ? ? ? ? ? ? ? ? ? PHENIX    ? ? ? 1.19.2_4158 1 
? 'data reduction' ? ? ? ? ? ? ? ? ? ? ? autoPROC  ? ? ? .           2 
? 'data scaling'   ? ? ? ? ? ? ? ? ? ? ? STARANISO ? ? ? .           3 
? phasing          ? ? ? ? ? ? ? ? ? ? ? PHASER    ? ? ? .           4 
# 
loop_
_pdbx_validate_close_contact.id 
_pdbx_validate_close_contact.PDB_model_num 
_pdbx_validate_close_contact.auth_atom_id_1 
_pdbx_validate_close_contact.auth_asym_id_1 
_pdbx_validate_close_contact.auth_comp_id_1 
_pdbx_validate_close_contact.auth_seq_id_1 
_pdbx_validate_close_contact.PDB_ins_code_1 
_pdbx_validate_close_contact.label_alt_id_1 
_pdbx_validate_close_contact.auth_atom_id_2 
_pdbx_validate_close_contact.auth_asym_id_2 
_pdbx_validate_close_contact.auth_comp_id_2 
_pdbx_validate_close_contact.auth_seq_id_2 
_pdbx_validate_close_contact.PDB_ins_code_2 
_pdbx_validate_close_contact.label_alt_id_2 
_pdbx_validate_close_contact.dist 
1 1 O2 A DC 107 ? ? N2 C DG 210 ? ? 2.07 
2 1 N3 A DC 108 ? ? N2 C DG 209 ? ? 2.09 
# 
loop_
_pdbx_validate_rmsd_bond.id 
_pdbx_validate_rmsd_bond.PDB_model_num 
_pdbx_validate_rmsd_bond.auth_atom_id_1 
_pdbx_validate_rmsd_bond.auth_asym_id_1 
_pdbx_validate_rmsd_bond.auth_comp_id_1 
_pdbx_validate_rmsd_bond.auth_seq_id_1 
_pdbx_validate_rmsd_bond.PDB_ins_code_1 
_pdbx_validate_rmsd_bond.label_alt_id_1 
_pdbx_validate_rmsd_bond.auth_atom_id_2 
_pdbx_validate_rmsd_bond.auth_asym_id_2 
_pdbx_validate_rmsd_bond.auth_comp_id_2 
_pdbx_validate_rmsd_bond.auth_seq_id_2 
_pdbx_validate_rmsd_bond.PDB_ins_code_2 
_pdbx_validate_rmsd_bond.label_alt_id_2 
_pdbx_validate_rmsd_bond.bond_value 
_pdbx_validate_rmsd_bond.bond_target_value 
_pdbx_validate_rmsd_bond.bond_deviation 
_pdbx_validate_rmsd_bond.bond_standard_deviation 
_pdbx_validate_rmsd_bond.linker_flag 
1  1 N3    A DC 103 ? ? C4    A DC 103 ? ? 1.385 1.335 0.050  0.007 N 
2  1 "O3'" A DC 104 ? ? "C3'" A DC 104 ? ? 1.561 1.435 0.126  0.013 N 
3  1 "O3'" A DG 110 ? ? "C3'" A DG 110 ? ? 1.330 1.419 -0.089 0.006 N 
4  1 N9    A DG 110 ? ? C4    A DG 110 ? ? 1.322 1.375 -0.053 0.008 N 
5  1 C5    A DA 112 ? ? N7    A DA 112 ? ? 1.348 1.388 -0.040 0.006 N 
6  1 "O3'" A DC 113 ? ? "C3'" A DC 113 ? ? 1.359 1.419 -0.060 0.006 N 
7  1 N7    A DG 114 ? ? C8    A DG 114 ? ? 1.266 1.305 -0.039 0.006 N 
8  1 "O3'" B DC 119 ? ? "C3'" B DC 119 ? ? 1.514 1.435 0.079  0.013 N 
9  1 N3    B DC 119 ? ? C4    B DC 119 ? ? 1.293 1.335 -0.042 0.007 N 
10 1 "O3'" B DA 123 ? ? "C3'" B DA 123 ? ? 1.363 1.419 -0.056 0.006 N 
11 1 "O3'" D DG 200 ? ? "C3'" D DG 200 ? ? 1.559 1.435 0.124  0.013 N 
12 1 N1    D DG 200 ? ? C2    D DG 200 ? ? 1.487 1.373 0.114  0.008 N 
13 1 N3    D DG 200 ? ? C4    D DG 200 ? ? 1.414 1.350 0.064  0.007 N 
14 1 C4    D DG 200 ? ? C5    D DG 200 ? ? 1.450 1.379 0.071  0.007 N 
15 1 C5    D DG 200 ? ? C6    D DG 200 ? ? 1.493 1.419 0.074  0.010 N 
16 1 C6    D DG 200 ? ? N1    D DG 200 ? ? 1.483 1.391 0.092  0.007 N 
17 1 C5    D DG 200 ? ? N7    D DG 200 ? ? 1.433 1.388 0.045  0.006 N 
18 1 C6    D DG 200 ? ? O6    D DG 200 ? ? 1.320 1.237 0.083  0.009 N 
# 
loop_
_pdbx_validate_rmsd_angle.id 
_pdbx_validate_rmsd_angle.PDB_model_num 
_pdbx_validate_rmsd_angle.auth_atom_id_1 
_pdbx_validate_rmsd_angle.auth_asym_id_1 
_pdbx_validate_rmsd_angle.auth_comp_id_1 
_pdbx_validate_rmsd_angle.auth_seq_id_1 
_pdbx_validate_rmsd_angle.PDB_ins_code_1 
_pdbx_validate_rmsd_angle.label_alt_id_1 
_pdbx_validate_rmsd_angle.auth_atom_id_2 
_pdbx_validate_rmsd_angle.auth_asym_id_2 
_pdbx_validate_rmsd_angle.auth_comp_id_2 
_pdbx_validate_rmsd_angle.auth_seq_id_2 
_pdbx_validate_rmsd_angle.PDB_ins_code_2 
_pdbx_validate_rmsd_angle.label_alt_id_2 
_pdbx_validate_rmsd_angle.auth_atom_id_3 
_pdbx_validate_rmsd_angle.auth_asym_id_3 
_pdbx_validate_rmsd_angle.auth_comp_id_3 
_pdbx_validate_rmsd_angle.auth_seq_id_3 
_pdbx_validate_rmsd_angle.PDB_ins_code_3 
_pdbx_validate_rmsd_angle.label_alt_id_3 
_pdbx_validate_rmsd_angle.angle_value 
_pdbx_validate_rmsd_angle.angle_target_value 
_pdbx_validate_rmsd_angle.angle_deviation 
_pdbx_validate_rmsd_angle.angle_standard_deviation 
_pdbx_validate_rmsd_angle.linker_flag 
1  1 "O4'" A DG 110 ? ? "C1'" A DG 110 ? ? N9    A DG 110 ? ? 110.59 108.30 2.29  0.30 N 
2  1 "O4'" A DA 112 ? ? "C1'" A DA 112 ? ? N9    A DA 112 ? ? 110.48 108.30 2.18  0.30 N 
3  1 "O4'" A DG 115 ? ? "C1'" A DG 115 ? ? N9    A DG 115 ? ? 111.93 108.30 3.63  0.30 N 
4  1 "C3'" A DC 117 ? ? "C2'" A DC 117 ? ? "C1'" A DC 117 ? ? 96.15  102.40 -6.25 0.80 N 
5  1 "O4'" A DC 117 ? ? "C1'" A DC 117 ? ? N1    A DC 117 ? ? 110.73 108.30 2.43  0.30 N 
6  1 "O4'" A DC 120 ? ? "C1'" A DC 120 ? ? N1    A DC 120 ? ? 111.23 108.30 2.93  0.30 N 
7  1 "O5'" B DC 119 ? ? P     B DC 119 ? ? OP1   B DC 119 ? ? 119.45 110.70 8.75  1.20 N 
8  1 "O4'" B DC 120 ? ? "C1'" B DC 120 ? ? N1    B DC 120 ? ? 110.83 108.30 2.53  0.30 N 
9  1 "C3'" B DT 122 ? ? "C2'" B DT 122 ? ? "C1'" B DT 122 ? ? 96.14  102.40 -6.26 0.80 N 
10 1 "C3'" B DA 123 ? ? "C2'" B DA 123 ? ? "C1'" B DA 123 ? ? 97.27  102.40 -5.13 0.80 N 
11 1 "O4'" B DA 125 ? ? "C1'" B DA 125 ? ? N9    B DA 125 ? ? 110.51 108.30 2.21  0.30 N 
12 1 "O4'" D DG 200 ? ? "C1'" D DG 200 ? ? N9    D DG 200 ? ? 110.84 108.30 2.54  0.30 N 
13 1 "O4'" D DT 203 ? ? "C1'" D DT 203 ? ? N1    D DT 203 ? ? 111.02 108.30 2.72  0.30 N 
14 1 "C3'" D DA 205 ? ? "C2'" D DA 205 ? ? "C1'" D DA 205 ? ? 97.38  102.40 -5.02 0.80 N 
15 1 "C3'" D DT 206 ? ? "C2'" D DT 206 ? ? "C1'" D DT 206 ? ? 97.50  102.40 -4.90 0.80 N 
# 
loop_
_chem_comp_atom.comp_id 
_chem_comp_atom.atom_id 
_chem_comp_atom.type_symbol 
_chem_comp_atom.pdbx_aromatic_flag 
_chem_comp_atom.pdbx_stereo_config 
_chem_comp_atom.pdbx_ordinal 
DA OP3    O N N 1   
DA P      P N N 2   
DA OP1    O N N 3   
DA OP2    O N N 4   
DA "O5'"  O N N 5   
DA "C5'"  C N N 6   
DA "C4'"  C N R 7   
DA "O4'"  O N N 8   
DA "C3'"  C N S 9   
DA "O3'"  O N N 10  
DA "C2'"  C N N 11  
DA "C1'"  C N R 12  
DA N9     N Y N 13  
DA C8     C Y N 14  
DA N7     N Y N 15  
DA C5     C Y N 16  
DA C6     C Y N 17  
DA N6     N N N 18  
DA N1     N Y N 19  
DA C2     C Y N 20  
DA N3     N Y N 21  
DA C4     C Y N 22  
DA HOP3   H N N 23  
DA HOP2   H N N 24  
DA "H5'"  H N N 25  
DA "H5''" H N N 26  
DA "H4'"  H N N 27  
DA "H3'"  H N N 28  
DA "HO3'" H N N 29  
DA "H2'"  H N N 30  
DA "H2''" H N N 31  
DA "H1'"  H N N 32  
DA H8     H N N 33  
DA H61    H N N 34  
DA H62    H N N 35  
DA H2     H N N 36  
DC OP3    O N N 37  
DC P      P N N 38  
DC OP1    O N N 39  
DC OP2    O N N 40  
DC "O5'"  O N N 41  
DC "C5'"  C N N 42  
DC "C4'"  C N R 43  
DC "O4'"  O N N 44  
DC "C3'"  C N S 45  
DC "O3'"  O N N 46  
DC "C2'"  C N N 47  
DC "C1'"  C N R 48  
DC N1     N N N 49  
DC C2     C N N 50  
DC O2     O N N 51  
DC N3     N N N 52  
DC C4     C N N 53  
DC N4     N N N 54  
DC C5     C N N 55  
DC C6     C N N 56  
DC HOP3   H N N 57  
DC HOP2   H N N 58  
DC "H5'"  H N N 59  
DC "H5''" H N N 60  
DC "H4'"  H N N 61  
DC "H3'"  H N N 62  
DC "HO3'" H N N 63  
DC "H2'"  H N N 64  
DC "H2''" H N N 65  
DC "H1'"  H N N 66  
DC H41    H N N 67  
DC H42    H N N 68  
DC H5     H N N 69  
DC H6     H N N 70  
DG OP3    O N N 71  
DG P      P N N 72  
DG OP1    O N N 73  
DG OP2    O N N 74  
DG "O5'"  O N N 75  
DG "C5'"  C N N 76  
DG "C4'"  C N R 77  
DG "O4'"  O N N 78  
DG "C3'"  C N S 79  
DG "O3'"  O N N 80  
DG "C2'"  C N N 81  
DG "C1'"  C N R 82  
DG N9     N Y N 83  
DG C8     C Y N 84  
DG N7     N Y N 85  
DG C5     C Y N 86  
DG C6     C N N 87  
DG O6     O N N 88  
DG N1     N N N 89  
DG C2     C N N 90  
DG N2     N N N 91  
DG N3     N N N 92  
DG C4     C Y N 93  
DG HOP3   H N N 94  
DG HOP2   H N N 95  
DG "H5'"  H N N 96  
DG "H5''" H N N 97  
DG "H4'"  H N N 98  
DG "H3'"  H N N 99  
DG "HO3'" H N N 100 
DG "H2'"  H N N 101 
DG "H2''" H N N 102 
DG "H1'"  H N N 103 
DG H8     H N N 104 
DG H1     H N N 105 
DG H21    H N N 106 
DG H22    H N N 107 
DT OP3    O N N 108 
DT P      P N N 109 
DT OP1    O N N 110 
DT OP2    O N N 111 
DT "O5'"  O N N 112 
DT "C5'"  C N N 113 
DT "C4'"  C N R 114 
DT "O4'"  O N N 115 
DT "C3'"  C N S 116 
DT "O3'"  O N N 117 
DT "C2'"  C N N 118 
DT "C1'"  C N R 119 
DT N1     N N N 120 
DT C2     C N N 121 
DT O2     O N N 122 
DT N3     N N N 123 
DT C4     C N N 124 
DT O4     O N N 125 
DT C5     C N N 126 
DT C7     C N N 127 
DT C6     C N N 128 
DT HOP3   H N N 129 
DT HOP2   H N N 130 
DT "H5'"  H N N 131 
DT "H5''" H N N 132 
DT "H4'"  H N N 133 
DT "H3'"  H N N 134 
DT "HO3'" H N N 135 
DT "H2'"  H N N 136 
DT "H2''" H N N 137 
DT "H1'"  H N N 138 
DT H3     H N N 139 
DT H71    H N N 140 
DT H72    H N N 141 
DT H73    H N N 142 
DT H6     H N N 143 
# 
loop_
_chem_comp_bond.comp_id 
_chem_comp_bond.atom_id_1 
_chem_comp_bond.atom_id_2 
_chem_comp_bond.value_order 
_chem_comp_bond.pdbx_aromatic_flag 
_chem_comp_bond.pdbx_stereo_config 
_chem_comp_bond.pdbx_ordinal 
DA OP3   P      sing N N 1   
DA OP3   HOP3   sing N N 2   
DA P     OP1    doub N N 3   
DA P     OP2    sing N N 4   
DA P     "O5'"  sing N N 5   
DA OP2   HOP2   sing N N 6   
DA "O5'" "C5'"  sing N N 7   
DA "C5'" "C4'"  sing N N 8   
DA "C5'" "H5'"  sing N N 9   
DA "C5'" "H5''" sing N N 10  
DA "C4'" "O4'"  sing N N 11  
DA "C4'" "C3'"  sing N N 12  
DA "C4'" "H4'"  sing N N 13  
DA "O4'" "C1'"  sing N N 14  
DA "C3'" "O3'"  sing N N 15  
DA "C3'" "C2'"  sing N N 16  
DA "C3'" "H3'"  sing N N 17  
DA "O3'" "HO3'" sing N N 18  
DA "C2'" "C1'"  sing N N 19  
DA "C2'" "H2'"  sing N N 20  
DA "C2'" "H2''" sing N N 21  
DA "C1'" N9     sing N N 22  
DA "C1'" "H1'"  sing N N 23  
DA N9    C8     sing Y N 24  
DA N9    C4     sing Y N 25  
DA C8    N7     doub Y N 26  
DA C8    H8     sing N N 27  
DA N7    C5     sing Y N 28  
DA C5    C6     sing Y N 29  
DA C5    C4     doub Y N 30  
DA C6    N6     sing N N 31  
DA C6    N1     doub Y N 32  
DA N6    H61    sing N N 33  
DA N6    H62    sing N N 34  
DA N1    C2     sing Y N 35  
DA C2    N3     doub Y N 36  
DA C2    H2     sing N N 37  
DA N3    C4     sing Y N 38  
DC OP3   P      sing N N 39  
DC OP3   HOP3   sing N N 40  
DC P     OP1    doub N N 41  
DC P     OP2    sing N N 42  
DC P     "O5'"  sing N N 43  
DC OP2   HOP2   sing N N 44  
DC "O5'" "C5'"  sing N N 45  
DC "C5'" "C4'"  sing N N 46  
DC "C5'" "H5'"  sing N N 47  
DC "C5'" "H5''" sing N N 48  
DC "C4'" "O4'"  sing N N 49  
DC "C4'" "C3'"  sing N N 50  
DC "C4'" "H4'"  sing N N 51  
DC "O4'" "C1'"  sing N N 52  
DC "C3'" "O3'"  sing N N 53  
DC "C3'" "C2'"  sing N N 54  
DC "C3'" "H3'"  sing N N 55  
DC "O3'" "HO3'" sing N N 56  
DC "C2'" "C1'"  sing N N 57  
DC "C2'" "H2'"  sing N N 58  
DC "C2'" "H2''" sing N N 59  
DC "C1'" N1     sing N N 60  
DC "C1'" "H1'"  sing N N 61  
DC N1    C2     sing N N 62  
DC N1    C6     sing N N 63  
DC C2    O2     doub N N 64  
DC C2    N3     sing N N 65  
DC N3    C4     doub N N 66  
DC C4    N4     sing N N 67  
DC C4    C5     sing N N 68  
DC N4    H41    sing N N 69  
DC N4    H42    sing N N 70  
DC C5    C6     doub N N 71  
DC C5    H5     sing N N 72  
DC C6    H6     sing N N 73  
DG OP3   P      sing N N 74  
DG OP3   HOP3   sing N N 75  
DG P     OP1    doub N N 76  
DG P     OP2    sing N N 77  
DG P     "O5'"  sing N N 78  
DG OP2   HOP2   sing N N 79  
DG "O5'" "C5'"  sing N N 80  
DG "C5'" "C4'"  sing N N 81  
DG "C5'" "H5'"  sing N N 82  
DG "C5'" "H5''" sing N N 83  
DG "C4'" "O4'"  sing N N 84  
DG "C4'" "C3'"  sing N N 85  
DG "C4'" "H4'"  sing N N 86  
DG "O4'" "C1'"  sing N N 87  
DG "C3'" "O3'"  sing N N 88  
DG "C3'" "C2'"  sing N N 89  
DG "C3'" "H3'"  sing N N 90  
DG "O3'" "HO3'" sing N N 91  
DG "C2'" "C1'"  sing N N 92  
DG "C2'" "H2'"  sing N N 93  
DG "C2'" "H2''" sing N N 94  
DG "C1'" N9     sing N N 95  
DG "C1'" "H1'"  sing N N 96  
DG N9    C8     sing Y N 97  
DG N9    C4     sing Y N 98  
DG C8    N7     doub Y N 99  
DG C8    H8     sing N N 100 
DG N7    C5     sing Y N 101 
DG C5    C6     sing N N 102 
DG C5    C4     doub Y N 103 
DG C6    O6     doub N N 104 
DG C6    N1     sing N N 105 
DG N1    C2     sing N N 106 
DG N1    H1     sing N N 107 
DG C2    N2     sing N N 108 
DG C2    N3     doub N N 109 
DG N2    H21    sing N N 110 
DG N2    H22    sing N N 111 
DG N3    C4     sing N N 112 
DT OP3   P      sing N N 113 
DT OP3   HOP3   sing N N 114 
DT P     OP1    doub N N 115 
DT P     OP2    sing N N 116 
DT P     "O5'"  sing N N 117 
DT OP2   HOP2   sing N N 118 
DT "O5'" "C5'"  sing N N 119 
DT "C5'" "C4'"  sing N N 120 
DT "C5'" "H5'"  sing N N 121 
DT "C5'" "H5''" sing N N 122 
DT "C4'" "O4'"  sing N N 123 
DT "C4'" "C3'"  sing N N 124 
DT "C4'" "H4'"  sing N N 125 
DT "O4'" "C1'"  sing N N 126 
DT "C3'" "O3'"  sing N N 127 
DT "C3'" "C2'"  sing N N 128 
DT "C3'" "H3'"  sing N N 129 
DT "O3'" "HO3'" sing N N 130 
DT "C2'" "C1'"  sing N N 131 
DT "C2'" "H2'"  sing N N 132 
DT "C2'" "H2''" sing N N 133 
DT "C1'" N1     sing N N 134 
DT "C1'" "H1'"  sing N N 135 
DT N1    C2     sing N N 136 
DT N1    C6     sing N N 137 
DT C2    O2     doub N N 138 
DT C2    N3     sing N N 139 
DT N3    C4     sing N N 140 
DT N3    H3     sing N N 141 
DT C4    O4     doub N N 142 
DT C4    C5     sing N N 143 
DT C5    C7     sing N N 144 
DT C5    C6     doub N N 145 
DT C7    H71    sing N N 146 
DT C7    H72    sing N N 147 
DT C7    H73    sing N N 148 
DT C6    H6     sing N N 149 
# 
loop_
_ndb_struct_conf_na.entry_id 
_ndb_struct_conf_na.feature 
8CS4 'double helix'        
8CS4 'b-form double helix' 
# 
loop_
_ndb_struct_na_base_pair.model_number 
_ndb_struct_na_base_pair.i_label_asym_id 
_ndb_struct_na_base_pair.i_label_comp_id 
_ndb_struct_na_base_pair.i_label_seq_id 
_ndb_struct_na_base_pair.i_symmetry 
_ndb_struct_na_base_pair.j_label_asym_id 
_ndb_struct_na_base_pair.j_label_comp_id 
_ndb_struct_na_base_pair.j_label_seq_id 
_ndb_struct_na_base_pair.j_symmetry 
_ndb_struct_na_base_pair.shear 
_ndb_struct_na_base_pair.stretch 
_ndb_struct_na_base_pair.stagger 
_ndb_struct_na_base_pair.buckle 
_ndb_struct_na_base_pair.propeller 
_ndb_struct_na_base_pair.opening 
_ndb_struct_na_base_pair.pair_number 
_ndb_struct_na_base_pair.pair_name 
_ndb_struct_na_base_pair.i_auth_asym_id 
_ndb_struct_na_base_pair.i_auth_seq_id 
_ndb_struct_na_base_pair.i_PDB_ins_code 
_ndb_struct_na_base_pair.j_auth_asym_id 
_ndb_struct_na_base_pair.j_auth_seq_id 
_ndb_struct_na_base_pair.j_PDB_ins_code 
_ndb_struct_na_base_pair.hbond_type_28 
_ndb_struct_na_base_pair.hbond_type_12 
1 A DC 4  1_555 C DG 5 1_555 0.083  0.334  -0.261 -13.559 -5.438  2.214   1  A_DC104:DG213_C A 104 ? C 213 ? 19 1 
1 A DA 5  1_555 C DT 4 1_555 -0.018 0.030  0.081  -18.645 -12.657 -5.518  2  A_DA105:DT212_C A 105 ? C 212 ? 20 1 
1 A DG 6  1_555 C DC 3 1_555 -0.078 -0.095 0.741  -17.979 -5.819  -1.568  3  A_DG106:DC211_C A 106 ? C 211 ? 19 1 
1 A DC 7  1_555 C DG 2 1_555 1.195  0.675  2.047  -12.817 -9.628  41.518  4  A_DC107:DG210_C A 107 ? C 210 ? 22 1 
1 A DC 8  1_555 C DG 1 1_555 -2.039 -0.039 0.421  -14.133 -23.196 16.362  5  A_DC108:DG209_C A 108 ? C 209 ? ?  1 
1 A DT 9  1_555 B DA 7 1_555 0.121  -0.340 0.965  -0.685  0.314   9.844   6  A_DT109:DA125_B A 109 ? B 125 ? 20 1 
1 A DG 10 1_555 B DC 6 1_555 -0.287 -0.021 -0.653 -23.030 -16.884 10.557  7  A_DG110:DC124_B A 110 ? B 124 ? 19 1 
1 A DT 11 1_555 B DA 5 1_555 -0.050 -0.525 -0.630 -10.239 -9.444  2.540   8  A_DT111:DA123_B A 111 ? B 123 ? 20 1 
1 A DA 12 1_555 B DT 4 1_555 -0.007 -0.279 -0.627 -17.612 2.828   -0.365  9  A_DA112:DT122_B A 112 ? B 122 ? 20 1 
1 A DC 13 1_555 B DG 3 1_555 -0.148 -0.778 0.921  -5.789  0.102   -6.219  10 A_DC113:DG121_B A 113 ? B 121 ? 19 1 
1 A DG 14 1_555 B DC 2 1_555 -0.322 -0.453 -0.015 -4.507  -17.213 -11.100 11 A_DG114:DC120_B A 114 ? B 120 ? 19 1 
1 A DG 15 1_555 B DC 1 1_555 0.132  -0.205 0.605  14.020  -19.875 -4.633  12 A_DG115:DC119_B A 115 ? B 119 ? 19 1 
1 A DA 16 1_555 D DT 9 1_555 0.351  -0.080 0.340  6.630   -18.029 -15.334 13 A_DA116:DT208_D A 116 ? D 208 ? 20 1 
1 A DC 17 1_555 D DG 8 1_555 0.316  -0.006 0.259  -6.167  -6.309  0.903   14 A_DC117:DG207_D A 117 ? D 207 ? 19 1 
1 A DA 18 1_555 D DT 7 1_555 0.040  -0.415 1.110  -11.840 -15.208 -0.407  15 A_DA118:DT206_D A 118 ? D 206 ? 20 1 
1 A DT 19 1_555 D DA 6 1_555 -0.429 -0.597 1.431  -1.635  -0.172  7.920   16 A_DT119:DA205_D A 119 ? D 205 ? 20 1 
1 A DC 20 1_555 D DG 5 1_555 0.417  -0.466 0.862  7.670   0.002   8.111   17 A_DC120:DG204_D A 120 ? D 204 ? 19 1 
1 A DA 21 1_555 D DT 4 1_555 0.064  -0.436 -1.793 -13.545 -11.424 -2.925  18 A_DA121:DT203_D A 121 ? D 203 ? 20 1 
# 
loop_
_ndb_struct_na_base_pair_step.model_number 
_ndb_struct_na_base_pair_step.i_label_asym_id_1 
_ndb_struct_na_base_pair_step.i_label_comp_id_1 
_ndb_struct_na_base_pair_step.i_label_seq_id_1 
_ndb_struct_na_base_pair_step.i_symmetry_1 
_ndb_struct_na_base_pair_step.j_label_asym_id_1 
_ndb_struct_na_base_pair_step.j_label_comp_id_1 
_ndb_struct_na_base_pair_step.j_label_seq_id_1 
_ndb_struct_na_base_pair_step.j_symmetry_1 
_ndb_struct_na_base_pair_step.i_label_asym_id_2 
_ndb_struct_na_base_pair_step.i_label_comp_id_2 
_ndb_struct_na_base_pair_step.i_label_seq_id_2 
_ndb_struct_na_base_pair_step.i_symmetry_2 
_ndb_struct_na_base_pair_step.j_label_asym_id_2 
_ndb_struct_na_base_pair_step.j_label_comp_id_2 
_ndb_struct_na_base_pair_step.j_label_seq_id_2 
_ndb_struct_na_base_pair_step.j_symmetry_2 
_ndb_struct_na_base_pair_step.shift 
_ndb_struct_na_base_pair_step.slide 
_ndb_struct_na_base_pair_step.rise 
_ndb_struct_na_base_pair_step.tilt 
_ndb_struct_na_base_pair_step.roll 
_ndb_struct_na_base_pair_step.twist 
_ndb_struct_na_base_pair_step.x_displacement 
_ndb_struct_na_base_pair_step.y_displacement 
_ndb_struct_na_base_pair_step.helical_rise 
_ndb_struct_na_base_pair_step.inclination 
_ndb_struct_na_base_pair_step.tip 
_ndb_struct_na_base_pair_step.helical_twist 
_ndb_struct_na_base_pair_step.step_number 
_ndb_struct_na_base_pair_step.step_name 
_ndb_struct_na_base_pair_step.i_auth_asym_id_1 
_ndb_struct_na_base_pair_step.i_auth_seq_id_1 
_ndb_struct_na_base_pair_step.i_PDB_ins_code_1 
_ndb_struct_na_base_pair_step.j_auth_asym_id_1 
_ndb_struct_na_base_pair_step.j_auth_seq_id_1 
_ndb_struct_na_base_pair_step.j_PDB_ins_code_1 
_ndb_struct_na_base_pair_step.i_auth_asym_id_2 
_ndb_struct_na_base_pair_step.i_auth_seq_id_2 
_ndb_struct_na_base_pair_step.i_PDB_ins_code_2 
_ndb_struct_na_base_pair_step.j_auth_asym_id_2 
_ndb_struct_na_base_pair_step.j_auth_seq_id_2 
_ndb_struct_na_base_pair_step.j_PDB_ins_code_2 
1 A DC 4  1_555 C DG 5 1_555 A DA 5  1_555 C DT 4 1_555 -1.151 0.892  3.190 -10.582 0.539   39.787 1.211  0.465  3.387 0.776   
15.223  41.119 1  AA_DC104DA105:DT212DG213_CC A 104 ? C 213 ? A 105 ? C 212 ? 
1 A DA 5  1_555 C DT 4 1_555 A DG 6  1_555 C DC 3 1_555 0.684  0.169  2.926 -9.037  2.659   40.565 -0.009 -1.801 2.724 3.774   
12.826  41.600 2  AA_DA105DG106:DC211DT212_CC A 105 ? C 212 ? A 106 ? C 211 ? 
1 A DG 6  1_555 C DC 3 1_555 A DC 7  1_555 C DG 2 1_555 2.203  -0.340 2.957 -9.410  7.963   25.317 -2.149 -6.247 1.847 16.947  
20.026  28.114 3  AA_DG106DC107:DG210DC211_CC A 106 ? C 211 ? A 107 ? C 210 ? 
1 A DC 7  1_555 C DG 2 1_555 A DC 8  1_555 C DG 1 1_555 -2.772 -0.095 2.589 -4.488  -13.707 35.077 1.353  3.784  2.758 -21.647 
7.088   37.841 4  AA_DC107DC108:DG209DG210_CC A 107 ? C 210 ? A 108 ? C 209 ? 
1 A DC 8  1_555 C DG 1 1_555 A DT 9  1_555 B DA 7 1_555 -0.296 -1.560 3.225 -11.611 -9.369  32.407 -1.093 -1.324 3.438 -15.785 
19.563  35.593 5  AA_DC108DT109:DA125DG209_BC A 108 ? C 209 ? A 109 ? B 125 ? 
1 A DT 9  1_555 B DA 7 1_555 A DG 10 1_555 B DC 6 1_555 0.161  0.148  3.931 6.854   34.297  29.004 -3.692 0.566  2.698 50.523  
-10.097 45.145 6  AA_DT109DG110:DC124DA125_BB A 109 ? B 125 ? A 110 ? B 124 ? 
1 A DG 10 1_555 B DC 6 1_555 A DT 11 1_555 B DA 5 1_555 -1.942 -0.778 2.889 -2.267  -4.226  34.397 -0.711 2.936  3.078 -7.104  
3.810   34.720 7  AA_DG110DT111:DA123DC124_BB A 110 ? B 124 ? A 111 ? B 123 ? 
1 A DT 11 1_555 B DA 5 1_555 A DA 12 1_555 B DT 4 1_555 0.187  1.448  3.689 -3.334  0.414   43.807 1.892  -0.606 3.679 0.554   
4.460   43.929 8  AA_DT111DA112:DT122DA123_BB A 111 ? B 123 ? A 112 ? B 122 ? 
1 A DA 12 1_555 B DT 4 1_555 A DC 13 1_555 B DG 3 1_555 -1.221 0.107  2.817 -12.883 2.642   30.055 -0.238 0.075  3.069 4.815   
23.480  32.746 9  AA_DA112DC113:DG121DT122_BB A 112 ? B 122 ? A 113 ? B 121 ? 
1 A DC 13 1_555 B DG 3 1_555 A DG 14 1_555 B DC 2 1_555 -0.541 2.362  3.140 1.587   -8.513  41.586 4.031  0.891  2.607 -11.836 
-2.207  42.439 10 AA_DC113DG114:DC120DG121_BB A 113 ? B 121 ? A 114 ? B 120 ? 
1 A DG 14 1_555 B DC 2 1_555 A DG 15 1_555 B DC 1 1_555 1.260  -0.089 3.227 -7.653  -10.457 34.599 1.211  -2.980 2.805 -16.868 
12.345  36.877 11 AA_DG114DG115:DC119DC120_BB A 114 ? B 120 ? A 115 ? B 119 ? 
1 A DG 15 1_555 B DC 1 1_555 A DA 16 1_555 D DT 9 1_555 -2.444 -1.056 2.846 -11.496 2.338   31.671 -2.196 2.365  3.418 4.112   
20.216  33.722 12 AA_DG115DA116:DT208DC119_DB A 115 ? B 119 ? A 116 ? D 208 ? 
1 A DA 16 1_555 D DT 9 1_555 A DC 17 1_555 D DG 8 1_555 1.193  -1.142 3.451 2.872   -2.302  24.616 -1.896 -1.827 3.653 -5.360  
-6.688  24.886 13 AA_DA116DC117:DG207DT208_DD A 116 ? D 208 ? A 117 ? D 207 ? 
1 A DC 17 1_555 D DG 8 1_555 A DA 18 1_555 D DT 7 1_555 -1.235 0.399  3.495 -3.165  -11.944 41.880 1.766  1.338  3.346 -16.289 
4.316   43.586 14 AA_DC117DA118:DT206DG207_DD A 117 ? D 207 ? A 118 ? D 206 ? 
1 A DA 18 1_555 D DT 7 1_555 A DT 19 1_555 D DA 6 1_555 1.342  -1.076 3.248 2.676   -9.836  30.380 -0.062 -1.921 3.519 -18.140 
-4.935  32.007 15 AA_DA118DT119:DA205DT206_DD A 118 ? D 206 ? A 119 ? D 205 ? 
1 A DT 19 1_555 D DA 6 1_555 A DC 20 1_555 D DG 5 1_555 0.343  -0.368 2.683 3.899   1.046   29.480 -0.898 0.006  2.690 2.044   
-7.616  29.749 16 AA_DT119DC120:DG204DA205_DD A 119 ? D 205 ? A 120 ? D 204 ? 
1 A DC 20 1_555 D DG 5 1_555 A DA 21 1_555 D DT 4 1_555 -1.434 -0.673 2.970 15.766  24.011  42.260 -2.143 2.565  1.770 29.580  
-19.423 50.725 17 AA_DC120DA121:DT203DG204_DD A 120 ? D 204 ? A 121 ? D 203 ? 
# 
loop_
_pdbx_audit_support.funding_organization 
_pdbx_audit_support.country 
_pdbx_audit_support.grant_number 
_pdbx_audit_support.ordinal 
'National Science Foundation (NSF, United States)' 'United States' CTS1120890    1 
'National Science Foundation (NSF, United States)' 'United States' CCF-1117210   2 
'National Science Foundation (NSF, United States)' 'United States' EFRI-1332411  3 
'National Science Foundation (NSF, United States)' 'United States' CHE-1708776   4 
'Office of Naval Research (ONR)'                   'United States' N000141110729 5 
'Office of Naval Research (ONR)'                   'United States' N000140911118 6 
'Department of Energy (DOE, United States)'        'United States' DESC0007991   7 
# 
_pdbx_initial_refinement_model.id               1 
_pdbx_initial_refinement_model.entity_id_list   ? 
_pdbx_initial_refinement_model.type             'experimental model' 
_pdbx_initial_refinement_model.source_name      PDB 
_pdbx_initial_refinement_model.accession_code   7R96 
_pdbx_initial_refinement_model.details          ? 
# 
_pdbx_struct_assembly_auth_evidence.id                     1 
_pdbx_struct_assembly_auth_evidence.assembly_id            1 
_pdbx_struct_assembly_auth_evidence.experimental_support   'native gel electrophoresis' 
_pdbx_struct_assembly_auth_evidence.details                ? 
# 
_space_group.name_H-M_alt     'P 63' 
_space_group.name_Hall        'P 6c' 
_space_group.IT_number        173 
_space_group.crystal_system   hexagonal 
_space_group.id               1 
# 
